data_7FEF
# 
_entry.id   7FEF 
# 
_audit_conform.dict_name       mmcif_pdbx.dic 
_audit_conform.dict_version    5.380 
_audit_conform.dict_location   http://mmcif.pdb.org/dictionaries/ascii/mmcif_pdbx.dic 
# 
loop_
_database_2.database_id 
_database_2.database_code 
_database_2.pdbx_database_accession 
_database_2.pdbx_DOI 
PDB   7FEF         pdb_00007fef 10.2210/pdb7fef/pdb 
WWPDB D_1300023377 ?            ?                   
# 
_pdbx_database_status.status_code                     REL 
_pdbx_database_status.status_code_sf                  REL 
_pdbx_database_status.status_code_mr                  ? 
_pdbx_database_status.entry_id                        7FEF 
_pdbx_database_status.recvd_initial_deposition_date   2021-07-19 
_pdbx_database_status.SG_entry                        N 
_pdbx_database_status.deposit_site                    PDBJ 
_pdbx_database_status.process_site                    PDBJ 
_pdbx_database_status.status_code_cs                  ? 
_pdbx_database_status.status_code_nmr_data            ? 
_pdbx_database_status.methods_development_category    ? 
_pdbx_database_status.pdb_format_compatible           Y 
# 
loop_
_audit_author.name 
_audit_author.pdbx_ordinal 
_audit_author.identifier_ORCID 
'Wu, Z.B.'  1 ? 
'Liu, K.'   2 ? 
'Min, J.R.' 3 ? 
# 
_citation.abstract                  ? 
_citation.abstract_id_CAS           ? 
_citation.book_id_ISBN              ? 
_citation.book_publisher            ? 
_citation.book_publisher_city       ? 
_citation.book_title                ? 
_citation.coordinate_linkage        ? 
_citation.country                   UK 
_citation.database_id_Medline       ? 
_citation.details                   ? 
_citation.id                        primary 
_citation.journal_abbrev            J.Mol.Biol. 
_citation.journal_id_ASTM           JMOBAK 
_citation.journal_id_CSD            0070 
_citation.journal_id_ISSN           1089-8638 
_citation.journal_full              ? 
_citation.journal_issue             ? 
_citation.journal_volume            434 
_citation.language                  ? 
_citation.page_first                167404 
_citation.page_last                 167404 
_citation.title                     'Family-wide Characterization of Methylated DNA Binding Ability of Arabidopsis MBDs.' 
_citation.year                      2022 
_citation.database_id_CSD           ? 
_citation.pdbx_database_id_DOI      10.1016/j.jmb.2021.167404 
_citation.pdbx_database_id_PubMed   34919920 
_citation.pdbx_database_id_patent   ? 
_citation.unpublished_flag          ? 
# 
loop_
_citation_author.citation_id 
_citation_author.name 
_citation_author.ordinal 
_citation_author.identifier_ORCID 
primary 'Wu, Z.'    1 ? 
primary 'Chen, S.'  2 ? 
primary 'Zhou, M.'  3 ? 
primary 'Jia, L.'   4 ? 
primary 'Li, Z.'    5 ? 
primary 'Zhang, X.' 6 ? 
primary 'Min, J.'   7 ? 
primary 'Liu, K.'   8 ? 
# 
_cell.angle_alpha                  90.000 
_cell.angle_alpha_esd              ? 
_cell.angle_beta                   90.000 
_cell.angle_beta_esd               ? 
_cell.angle_gamma                  120.000 
_cell.angle_gamma_esd              ? 
_cell.entry_id                     7FEF 
_cell.details                      ? 
_cell.formula_units_Z              ? 
_cell.length_a                     40.316 
_cell.length_a_esd                 ? 
_cell.length_b                     40.316 
_cell.length_b_esd                 ? 
_cell.length_c                     83.824 
_cell.length_c_esd                 ? 
_cell.volume                       ? 
_cell.volume_esd                   ? 
_cell.Z_PDB                        6 
_cell.reciprocal_angle_alpha       ? 
_cell.reciprocal_angle_beta        ? 
_cell.reciprocal_angle_gamma       ? 
_cell.reciprocal_angle_alpha_esd   ? 
_cell.reciprocal_angle_beta_esd    ? 
_cell.reciprocal_angle_gamma_esd   ? 
_cell.reciprocal_length_a          ? 
_cell.reciprocal_length_b          ? 
_cell.reciprocal_length_c          ? 
_cell.reciprocal_length_a_esd      ? 
_cell.reciprocal_length_b_esd      ? 
_cell.reciprocal_length_c_esd      ? 
_cell.pdbx_unique_axis             ? 
# 
_symmetry.entry_id                         7FEF 
_symmetry.cell_setting                     ? 
_symmetry.Int_Tables_number                145 
_symmetry.space_group_name_Hall            ? 
_symmetry.space_group_name_H-M             'P 32' 
_symmetry.pdbx_full_space_group_name_H-M   ? 
# 
loop_
_entity.id 
_entity.type 
_entity.src_method 
_entity.pdbx_description 
_entity.formula_weight 
_entity.pdbx_number_of_molecules 
_entity.pdbx_ec 
_entity.pdbx_mutation 
_entity.pdbx_fragment 
_entity.details 
1 polymer syn 
;DNA (5'-D(*GP*CP*CP*AP*AP*(5CM)P*GP*TP*TP*GP*GP*C)-3')
;
3677.419 2  ? ? ? ? 
2 polymer man 'Methyl-CpG-binding domain-containing protein 6'         8210.141 1  ? ? ? ? 
3 water   nat water                                                    18.015   20 ? ? ? ? 
# 
_entity_name_com.entity_id   2 
_entity_name_com.name        'AtMBD6,MBD06,Methyl-CpG-binding protein MBD6' 
# 
loop_
_entity_poly.entity_id 
_entity_poly.type 
_entity_poly.nstd_linkage 
_entity_poly.nstd_monomer 
_entity_poly.pdbx_seq_one_letter_code 
_entity_poly.pdbx_seq_one_letter_code_can 
_entity_poly.pdbx_strand_id 
_entity_poly.pdbx_target_identifier 
1 polydeoxyribonucleotide no yes '(DG)(DC)(DC)(DA)(DA)(5CM)(DG)(DT)(DT)(DG)(DG)(DC)'                      GCCAACGTTGGC E,F ? 
2 'polypeptide(L)'        no no  GESKSRKRAAPGDNWLPPGWRVEDKIRTSGATAGSVDKYYYEPNTGRKFRSRTEVLYYLEHGTSKRGTKKAE 
GESKSRKRAAPGDNWLPPGWRVEDKIRTSGATAGSVDKYYYEPNTGRKFRSRTEVLYYLEHGTSKRGTKKAE A   ? 
# 
loop_
_entity_poly_seq.entity_id 
_entity_poly_seq.num 
_entity_poly_seq.mon_id 
_entity_poly_seq.hetero 
1 1  DG  n 
1 2  DC  n 
1 3  DC  n 
1 4  DA  n 
1 5  DA  n 
1 6  5CM n 
1 7  DG  n 
1 8  DT  n 
1 9  DT  n 
1 10 DG  n 
1 11 DG  n 
1 12 DC  n 
2 1  GLY n 
2 2  GLU n 
2 3  SER n 
2 4  LYS n 
2 5  SER n 
2 6  ARG n 
2 7  LYS n 
2 8  ARG n 
2 9  ALA n 
2 10 ALA n 
2 11 PRO n 
2 12 GLY n 
2 13 ASP n 
2 14 ASN n 
2 15 TRP n 
2 16 LEU n 
2 17 PRO n 
2 18 PRO n 
2 19 GLY n 
2 20 TRP n 
2 21 ARG n 
2 22 VAL n 
2 23 GLU n 
2 24 ASP n 
2 25 LYS n 
2 26 ILE n 
2 27 ARG n 
2 28 THR n 
2 29 SER n 
2 30 GLY n 
2 31 ALA n 
2 32 THR n 
2 33 ALA n 
2 34 GLY n 
2 35 SER n 
2 36 VAL n 
2 37 ASP n 
2 38 LYS n 
2 39 TYR n 
2 40 TYR n 
2 41 TYR n 
2 42 GLU n 
2 43 PRO n 
2 44 ASN n 
2 45 THR n 
2 46 GLY n 
2 47 ARG n 
2 48 LYS n 
2 49 PHE n 
2 50 ARG n 
2 51 SER n 
2 52 ARG n 
2 53 THR n 
2 54 GLU n 
2 55 VAL n 
2 56 LEU n 
2 57 TYR n 
2 58 TYR n 
2 59 LEU n 
2 60 GLU n 
2 61 HIS n 
2 62 GLY n 
2 63 THR n 
2 64 SER n 
2 65 LYS n 
2 66 ARG n 
2 67 GLY n 
2 68 THR n 
2 69 LYS n 
2 70 LYS n 
2 71 ALA n 
2 72 GLU n 
# 
_entity_src_gen.entity_id                          2 
_entity_src_gen.pdbx_src_id                        1 
_entity_src_gen.pdbx_alt_source_flag               sample 
_entity_src_gen.pdbx_seq_type                      'Biological sequence' 
_entity_src_gen.pdbx_beg_seq_num                   1 
_entity_src_gen.pdbx_end_seq_num                   72 
_entity_src_gen.gene_src_common_name               'Mouse-ear cress' 
_entity_src_gen.gene_src_genus                     ? 
_entity_src_gen.pdbx_gene_src_gene                 'MBD6, At5g59380, F2O15.4' 
_entity_src_gen.gene_src_species                   ? 
_entity_src_gen.gene_src_strain                    ? 
_entity_src_gen.gene_src_tissue                    ? 
_entity_src_gen.gene_src_tissue_fraction           ? 
_entity_src_gen.gene_src_details                   ? 
_entity_src_gen.pdbx_gene_src_fragment             ? 
_entity_src_gen.pdbx_gene_src_scientific_name      'Arabidopsis thaliana' 
_entity_src_gen.pdbx_gene_src_ncbi_taxonomy_id     3702 
_entity_src_gen.pdbx_gene_src_variant              ? 
_entity_src_gen.pdbx_gene_src_cell_line            ? 
_entity_src_gen.pdbx_gene_src_atcc                 ? 
_entity_src_gen.pdbx_gene_src_organ                ? 
_entity_src_gen.pdbx_gene_src_organelle            ? 
_entity_src_gen.pdbx_gene_src_cell                 ? 
_entity_src_gen.pdbx_gene_src_cellular_location    ? 
_entity_src_gen.host_org_common_name               ? 
_entity_src_gen.pdbx_host_org_scientific_name      'Escherichia coli BL21(DE3)' 
_entity_src_gen.pdbx_host_org_ncbi_taxonomy_id     469008 
_entity_src_gen.host_org_genus                     ? 
_entity_src_gen.pdbx_host_org_gene                 ? 
_entity_src_gen.pdbx_host_org_organ                ? 
_entity_src_gen.host_org_species                   ? 
_entity_src_gen.pdbx_host_org_tissue               ? 
_entity_src_gen.pdbx_host_org_tissue_fraction      ? 
_entity_src_gen.pdbx_host_org_strain               ? 
_entity_src_gen.pdbx_host_org_variant              ? 
_entity_src_gen.pdbx_host_org_cell_line            ? 
_entity_src_gen.pdbx_host_org_atcc                 ? 
_entity_src_gen.pdbx_host_org_culture_collection   ? 
_entity_src_gen.pdbx_host_org_cell                 ? 
_entity_src_gen.pdbx_host_org_organelle            ? 
_entity_src_gen.pdbx_host_org_cellular_location    ? 
_entity_src_gen.pdbx_host_org_vector_type          ? 
_entity_src_gen.pdbx_host_org_vector               ? 
_entity_src_gen.host_org_details                   ? 
_entity_src_gen.expression_system_id               ? 
_entity_src_gen.plasmid_name                       ? 
_entity_src_gen.plasmid_details                    ? 
_entity_src_gen.pdbx_description                   ? 
# 
_pdbx_entity_src_syn.entity_id              1 
_pdbx_entity_src_syn.pdbx_src_id            1 
_pdbx_entity_src_syn.pdbx_alt_source_flag   sample 
_pdbx_entity_src_syn.pdbx_beg_seq_num       1 
_pdbx_entity_src_syn.pdbx_end_seq_num       12 
_pdbx_entity_src_syn.organism_scientific    'synthetic construct' 
_pdbx_entity_src_syn.organism_common_name   ? 
_pdbx_entity_src_syn.ncbi_taxonomy_id       32630 
_pdbx_entity_src_syn.details                ? 
# 
loop_
_struct_ref.id 
_struct_ref.db_name 
_struct_ref.db_code 
_struct_ref.pdbx_db_accession 
_struct_ref.pdbx_db_isoform 
_struct_ref.entity_id 
_struct_ref.pdbx_seq_one_letter_code 
_struct_ref.pdbx_align_begin 
1 PDB 7FEF       7FEF   ? 1 ?                                                                       1  
2 UNP MBD6_ARATH Q9LTJ1 ? 2 ESKSRKRAAPGDNWLPPGWRVEDKIRTSGATAGSVDKYYYEPNTGRKFRSRTEVLYYLEHGTSKRGTKKAE 67 
# 
loop_
_struct_ref_seq.align_id 
_struct_ref_seq.ref_id 
_struct_ref_seq.pdbx_PDB_id_code 
_struct_ref_seq.pdbx_strand_id 
_struct_ref_seq.seq_align_beg 
_struct_ref_seq.pdbx_seq_align_beg_ins_code 
_struct_ref_seq.seq_align_end 
_struct_ref_seq.pdbx_seq_align_end_ins_code 
_struct_ref_seq.pdbx_db_accession 
_struct_ref_seq.db_align_beg 
_struct_ref_seq.pdbx_db_align_beg_ins_code 
_struct_ref_seq.db_align_end 
_struct_ref_seq.pdbx_db_align_end_ins_code 
_struct_ref_seq.pdbx_auth_seq_align_beg 
_struct_ref_seq.pdbx_auth_seq_align_end 
1 1 7FEF E 1 ? 12 ? 7FEF   1  ? 12  ? 1  12  
2 1 7FEF F 1 ? 12 ? 7FEF   1  ? 12  ? 1  12  
3 2 7FEF A 2 ? 72 ? Q9LTJ1 67 ? 137 ? 67 137 
# 
_struct_ref_seq_dif.align_id                     3 
_struct_ref_seq_dif.pdbx_pdb_id_code             7FEF 
_struct_ref_seq_dif.mon_id                       GLY 
_struct_ref_seq_dif.pdbx_pdb_strand_id           A 
_struct_ref_seq_dif.seq_num                      1 
_struct_ref_seq_dif.pdbx_pdb_ins_code            ? 
_struct_ref_seq_dif.pdbx_seq_db_name             UNP 
_struct_ref_seq_dif.pdbx_seq_db_accession_code   Q9LTJ1 
_struct_ref_seq_dif.db_mon_id                    ? 
_struct_ref_seq_dif.pdbx_seq_db_seq_num          ? 
_struct_ref_seq_dif.details                      'expression tag' 
_struct_ref_seq_dif.pdbx_auth_seq_num            66 
_struct_ref_seq_dif.pdbx_ordinal                 1 
# 
loop_
_chem_comp.id 
_chem_comp.type 
_chem_comp.mon_nstd_flag 
_chem_comp.name 
_chem_comp.pdbx_synonyms 
_chem_comp.formula 
_chem_comp.formula_weight 
5CM 'DNA linking'       n "5-METHYL-2'-DEOXY-CYTIDINE-5'-MONOPHOSPHATE" ? 'C10 H16 N3 O7 P' 321.224 
ALA 'L-peptide linking' y ALANINE                                       ? 'C3 H7 N O2'      89.093  
ARG 'L-peptide linking' y ARGININE                                      ? 'C6 H15 N4 O2 1'  175.209 
ASN 'L-peptide linking' y ASPARAGINE                                    ? 'C4 H8 N2 O3'     132.118 
ASP 'L-peptide linking' y 'ASPARTIC ACID'                               ? 'C4 H7 N O4'      133.103 
DA  'DNA linking'       y "2'-DEOXYADENOSINE-5'-MONOPHOSPHATE"          ? 'C10 H14 N5 O6 P' 331.222 
DC  'DNA linking'       y "2'-DEOXYCYTIDINE-5'-MONOPHOSPHATE"           ? 'C9 H14 N3 O7 P'  307.197 
DG  'DNA linking'       y "2'-DEOXYGUANOSINE-5'-MONOPHOSPHATE"          ? 'C10 H14 N5 O7 P' 347.221 
DT  'DNA linking'       y "THYMIDINE-5'-MONOPHOSPHATE"                  ? 'C10 H15 N2 O8 P' 322.208 
GLU 'L-peptide linking' y 'GLUTAMIC ACID'                               ? 'C5 H9 N O4'      147.129 
GLY 'peptide linking'   y GLYCINE                                       ? 'C2 H5 N O2'      75.067  
HIS 'L-peptide linking' y HISTIDINE                                     ? 'C6 H10 N3 O2 1'  156.162 
HOH non-polymer         . WATER                                         ? 'H2 O'            18.015  
ILE 'L-peptide linking' y ISOLEUCINE                                    ? 'C6 H13 N O2'     131.173 
LEU 'L-peptide linking' y LEUCINE                                       ? 'C6 H13 N O2'     131.173 
LYS 'L-peptide linking' y LYSINE                                        ? 'C6 H15 N2 O2 1'  147.195 
PHE 'L-peptide linking' y PHENYLALANINE                                 ? 'C9 H11 N O2'     165.189 
PRO 'L-peptide linking' y PROLINE                                       ? 'C5 H9 N O2'      115.130 
SER 'L-peptide linking' y SERINE                                        ? 'C3 H7 N O3'      105.093 
THR 'L-peptide linking' y THREONINE                                     ? 'C4 H9 N O3'      119.119 
TRP 'L-peptide linking' y TRYPTOPHAN                                    ? 'C11 H12 N2 O2'   204.225 
TYR 'L-peptide linking' y TYROSINE                                      ? 'C9 H11 N O3'     181.189 
VAL 'L-peptide linking' y VALINE                                        ? 'C5 H11 N O2'     117.146 
# 
_exptl.absorpt_coefficient_mu     ? 
_exptl.absorpt_correction_T_max   ? 
_exptl.absorpt_correction_T_min   ? 
_exptl.absorpt_correction_type    ? 
_exptl.absorpt_process_details    ? 
_exptl.entry_id                   7FEF 
_exptl.crystals_number            1 
_exptl.details                    ? 
_exptl.method                     'X-RAY DIFFRACTION' 
_exptl.method_details             ? 
# 
_exptl_crystal.colour                      ? 
_exptl_crystal.density_diffrn              ? 
_exptl_crystal.density_Matthews            2.53 
_exptl_crystal.density_method              ? 
_exptl_crystal.density_percent_sol         51.40 
_exptl_crystal.description                 ? 
_exptl_crystal.F_000                       ? 
_exptl_crystal.id                          1 
_exptl_crystal.preparation                 ? 
_exptl_crystal.size_max                    ? 
_exptl_crystal.size_mid                    ? 
_exptl_crystal.size_min                    ? 
_exptl_crystal.size_rad                    ? 
_exptl_crystal.colour_lustre               ? 
_exptl_crystal.colour_modifier             ? 
_exptl_crystal.colour_primary              ? 
_exptl_crystal.density_meas                ? 
_exptl_crystal.density_meas_esd            ? 
_exptl_crystal.density_meas_gt             ? 
_exptl_crystal.density_meas_lt             ? 
_exptl_crystal.density_meas_temp           ? 
_exptl_crystal.density_meas_temp_esd       ? 
_exptl_crystal.density_meas_temp_gt        ? 
_exptl_crystal.density_meas_temp_lt        ? 
_exptl_crystal.pdbx_crystal_image_url      ? 
_exptl_crystal.pdbx_crystal_image_format   ? 
_exptl_crystal.pdbx_mosaicity              ? 
_exptl_crystal.pdbx_mosaicity_esd          ? 
# 
_exptl_crystal_grow.apparatus       ? 
_exptl_crystal_grow.atmosphere      ? 
_exptl_crystal_grow.crystal_id      1 
_exptl_crystal_grow.details         ? 
_exptl_crystal_grow.method          'VAPOR DIFFUSION, SITTING DROP' 
_exptl_crystal_grow.method_ref      ? 
_exptl_crystal_grow.pH              6.5 
_exptl_crystal_grow.pressure        ? 
_exptl_crystal_grow.pressure_esd    ? 
_exptl_crystal_grow.seeding         ? 
_exptl_crystal_grow.seeding_ref     ? 
_exptl_crystal_grow.temp            291 
_exptl_crystal_grow.temp_details    ? 
_exptl_crystal_grow.temp_esd        ? 
_exptl_crystal_grow.time            ? 
_exptl_crystal_grow.pdbx_details    '0.1M Bis-tris pH 6.5, 25% PEG 3350' 
_exptl_crystal_grow.pdbx_pH_range   ? 
# 
_diffrn.ambient_environment              ? 
_diffrn.ambient_temp                     100 
_diffrn.ambient_temp_details             ? 
_diffrn.ambient_temp_esd                 ? 
_diffrn.crystal_id                       1 
_diffrn.crystal_support                  ? 
_diffrn.crystal_treatment                ? 
_diffrn.details                          ? 
_diffrn.id                               1 
_diffrn.ambient_pressure                 ? 
_diffrn.ambient_pressure_esd             ? 
_diffrn.ambient_pressure_gt              ? 
_diffrn.ambient_pressure_lt              ? 
_diffrn.ambient_temp_gt                  ? 
_diffrn.ambient_temp_lt                  ? 
_diffrn.pdbx_serial_crystal_experiment   N 
# 
_diffrn_detector.details                      ? 
_diffrn_detector.detector                     PIXEL 
_diffrn_detector.diffrn_id                    1 
_diffrn_detector.type                         'DECTRIS EIGER X 16M' 
_diffrn_detector.area_resol_mean              ? 
_diffrn_detector.dtime                        ? 
_diffrn_detector.pdbx_frames_total            ? 
_diffrn_detector.pdbx_collection_time_total   ? 
_diffrn_detector.pdbx_collection_date         2021-07-06 
_diffrn_detector.pdbx_frequency               ? 
# 
_diffrn_radiation.collimation                      ? 
_diffrn_radiation.diffrn_id                        1 
_diffrn_radiation.filter_edge                      ? 
_diffrn_radiation.inhomogeneity                    ? 
_diffrn_radiation.monochromator                    ? 
_diffrn_radiation.polarisn_norm                    ? 
_diffrn_radiation.polarisn_ratio                   ? 
_diffrn_radiation.probe                            ? 
_diffrn_radiation.type                             ? 
_diffrn_radiation.xray_symbol                      ? 
_diffrn_radiation.wavelength_id                    1 
_diffrn_radiation.pdbx_monochromatic_or_laue_m_l   M 
_diffrn_radiation.pdbx_wavelength_list             ? 
_diffrn_radiation.pdbx_wavelength                  ? 
_diffrn_radiation.pdbx_diffrn_protocol             'SINGLE WAVELENGTH' 
_diffrn_radiation.pdbx_analyzer                    ? 
_diffrn_radiation.pdbx_scattering_type             x-ray 
# 
_diffrn_radiation_wavelength.id           1 
_diffrn_radiation_wavelength.wavelength   0.9785 
_diffrn_radiation_wavelength.wt           1.0 
# 
_diffrn_source.current                     ? 
_diffrn_source.details                     ? 
_diffrn_source.diffrn_id                   1 
_diffrn_source.power                       ? 
_diffrn_source.size                        ? 
_diffrn_source.source                      SYNCHROTRON 
_diffrn_source.target                      ? 
_diffrn_source.type                        'SSRF BEAMLINE BL19U1' 
_diffrn_source.voltage                     ? 
_diffrn_source.take-off_angle              ? 
_diffrn_source.pdbx_wavelength_list        0.9785 
_diffrn_source.pdbx_wavelength             ? 
_diffrn_source.pdbx_synchrotron_beamline   BL19U1 
_diffrn_source.pdbx_synchrotron_site       SSRF 
# 
_reflns.B_iso_Wilson_estimate                          75.32 
_reflns.entry_id                                       7FEF 
_reflns.data_reduction_details                         ? 
_reflns.data_reduction_method                          ? 
_reflns.d_resolution_high                              2.29 
_reflns.d_resolution_low                               34.91 
_reflns.details                                        ? 
_reflns.limit_h_max                                    ? 
_reflns.limit_h_min                                    ? 
_reflns.limit_k_max                                    ? 
_reflns.limit_k_min                                    ? 
_reflns.limit_l_max                                    ? 
_reflns.limit_l_min                                    ? 
_reflns.number_all                                     ? 
_reflns.number_obs                                     6926 
_reflns.observed_criterion                             ? 
_reflns.observed_criterion_F_max                       ? 
_reflns.observed_criterion_F_min                       ? 
_reflns.observed_criterion_I_max                       ? 
_reflns.observed_criterion_I_min                       ? 
_reflns.observed_criterion_sigma_F                     ? 
_reflns.observed_criterion_sigma_I                     ? 
_reflns.percent_possible_obs                           99.9 
_reflns.R_free_details                                 ? 
_reflns.Rmerge_F_all                                   ? 
_reflns.Rmerge_F_obs                                   ? 
_reflns.Friedel_coverage                               ? 
_reflns.number_gt                                      ? 
_reflns.threshold_expression                           ? 
_reflns.pdbx_redundancy                                10.3 
_reflns.pdbx_Rmerge_I_obs                              ? 
_reflns.pdbx_Rmerge_I_all                              ? 
_reflns.pdbx_Rsym_value                                ? 
_reflns.pdbx_netI_over_av_sigmaI                       ? 
_reflns.pdbx_netI_over_sigmaI                          12.4 
_reflns.pdbx_res_netI_over_av_sigmaI_2                 ? 
_reflns.pdbx_res_netI_over_sigmaI_2                    ? 
_reflns.pdbx_chi_squared                               ? 
_reflns.pdbx_scaling_rejects                           ? 
_reflns.pdbx_d_res_high_opt                            ? 
_reflns.pdbx_d_res_low_opt                             ? 
_reflns.pdbx_d_res_opt_method                          ? 
_reflns.phase_calculation_details                      ? 
_reflns.pdbx_Rrim_I_all                                ? 
_reflns.pdbx_Rpim_I_all                                ? 
_reflns.pdbx_d_opt                                     ? 
_reflns.pdbx_number_measured_all                       ? 
_reflns.pdbx_diffrn_id                                 1 
_reflns.pdbx_ordinal                                   1 
_reflns.pdbx_CC_half                                   0.989 
_reflns.pdbx_CC_star                                   ? 
_reflns.pdbx_R_split                                   ? 
_reflns.pdbx_aniso_diffraction_limit_axis_1_ortho[1]   ? 
_reflns.pdbx_aniso_diffraction_limit_axis_1_ortho[2]   ? 
_reflns.pdbx_aniso_diffraction_limit_axis_1_ortho[3]   ? 
_reflns.pdbx_aniso_diffraction_limit_axis_2_ortho[1]   ? 
_reflns.pdbx_aniso_diffraction_limit_axis_2_ortho[2]   ? 
_reflns.pdbx_aniso_diffraction_limit_axis_2_ortho[3]   ? 
_reflns.pdbx_aniso_diffraction_limit_axis_3_ortho[1]   ? 
_reflns.pdbx_aniso_diffraction_limit_axis_3_ortho[2]   ? 
_reflns.pdbx_aniso_diffraction_limit_axis_3_ortho[3]   ? 
_reflns.pdbx_aniso_diffraction_limit_1                 ? 
_reflns.pdbx_aniso_diffraction_limit_2                 ? 
_reflns.pdbx_aniso_diffraction_limit_3                 ? 
_reflns.pdbx_aniso_B_tensor_eigenvector_1_ortho[1]     ? 
_reflns.pdbx_aniso_B_tensor_eigenvector_1_ortho[2]     ? 
_reflns.pdbx_aniso_B_tensor_eigenvector_1_ortho[3]     ? 
_reflns.pdbx_aniso_B_tensor_eigenvector_2_ortho[1]     ? 
_reflns.pdbx_aniso_B_tensor_eigenvector_2_ortho[2]     ? 
_reflns.pdbx_aniso_B_tensor_eigenvector_2_ortho[3]     ? 
_reflns.pdbx_aniso_B_tensor_eigenvector_3_ortho[1]     ? 
_reflns.pdbx_aniso_B_tensor_eigenvector_3_ortho[2]     ? 
_reflns.pdbx_aniso_B_tensor_eigenvector_3_ortho[3]     ? 
_reflns.pdbx_aniso_B_tensor_eigenvalue_1               ? 
_reflns.pdbx_aniso_B_tensor_eigenvalue_2               ? 
_reflns.pdbx_aniso_B_tensor_eigenvalue_3               ? 
_reflns.pdbx_orthogonalization_convention              ? 
_reflns.pdbx_percent_possible_ellipsoidal              ? 
_reflns.pdbx_percent_possible_spherical                ? 
_reflns.pdbx_percent_possible_ellipsoidal_anomalous    ? 
_reflns.pdbx_percent_possible_spherical_anomalous      ? 
_reflns.pdbx_redundancy_anomalous                      ? 
_reflns.pdbx_CC_half_anomalous                         ? 
_reflns.pdbx_absDiff_over_sigma_anomalous              ? 
_reflns.pdbx_percent_possible_anomalous                ? 
_reflns.pdbx_observed_signal_threshold                 ? 
_reflns.pdbx_signal_type                               ? 
_reflns.pdbx_signal_details                            ? 
_reflns.pdbx_signal_software_id                        ? 
# 
_reflns_shell.d_res_high                                    2.29 
_reflns_shell.d_res_low                                     2.37 
_reflns_shell.meanI_over_sigI_all                           ? 
_reflns_shell.meanI_over_sigI_obs                           ? 
_reflns_shell.number_measured_all                           ? 
_reflns_shell.number_measured_obs                           ? 
_reflns_shell.number_possible                               ? 
_reflns_shell.number_unique_all                             ? 
_reflns_shell.number_unique_obs                             692 
_reflns_shell.percent_possible_all                          98.9 
_reflns_shell.percent_possible_obs                          ? 
_reflns_shell.Rmerge_F_all                                  ? 
_reflns_shell.Rmerge_F_obs                                  ? 
_reflns_shell.Rmerge_I_all                                  ? 
_reflns_shell.Rmerge_I_obs                                  ? 
_reflns_shell.meanI_over_sigI_gt                            ? 
_reflns_shell.meanI_over_uI_all                             ? 
_reflns_shell.meanI_over_uI_gt                              ? 
_reflns_shell.number_measured_gt                            ? 
_reflns_shell.number_unique_gt                              ? 
_reflns_shell.percent_possible_gt                           ? 
_reflns_shell.Rmerge_F_gt                                   ? 
_reflns_shell.Rmerge_I_gt                                   ? 
_reflns_shell.pdbx_redundancy                               ? 
_reflns_shell.pdbx_Rsym_value                               ? 
_reflns_shell.pdbx_chi_squared                              ? 
_reflns_shell.pdbx_netI_over_sigmaI_all                     ? 
_reflns_shell.pdbx_netI_over_sigmaI_obs                     ? 
_reflns_shell.pdbx_Rrim_I_all                               ? 
_reflns_shell.pdbx_Rpim_I_all                               ? 
_reflns_shell.pdbx_rejects                                  ? 
_reflns_shell.pdbx_ordinal                                  1 
_reflns_shell.pdbx_diffrn_id                                1 
_reflns_shell.pdbx_CC_half                                  0.644 
_reflns_shell.pdbx_CC_star                                  ? 
_reflns_shell.pdbx_R_split                                  ? 
_reflns_shell.pdbx_percent_possible_ellipsoidal             ? 
_reflns_shell.pdbx_percent_possible_spherical               ? 
_reflns_shell.pdbx_percent_possible_ellipsoidal_anomalous   ? 
_reflns_shell.pdbx_percent_possible_spherical_anomalous     ? 
_reflns_shell.pdbx_redundancy_anomalous                     ? 
_reflns_shell.pdbx_CC_half_anomalous                        ? 
_reflns_shell.pdbx_absDiff_over_sigma_anomalous             ? 
_reflns_shell.pdbx_percent_possible_anomalous               ? 
# 
_refine.aniso_B[1][1]                            ? 
_refine.aniso_B[1][2]                            ? 
_refine.aniso_B[1][3]                            ? 
_refine.aniso_B[2][2]                            ? 
_refine.aniso_B[2][3]                            ? 
_refine.aniso_B[3][3]                            ? 
_refine.B_iso_max                                139.460 
_refine.B_iso_mean                               69.3496 
_refine.B_iso_min                                42.860 
_refine.correlation_coeff_Fo_to_Fc               0.9570 
_refine.correlation_coeff_Fo_to_Fc_free          0.9510 
_refine.details                                  
'HYDROGENS HAVE BEEN DADED IN THE RIDING POSITIONS U VALUES      : REFINED INDIVIDUALLY' 
_refine.diff_density_max                         ? 
_refine.diff_density_max_esd                     ? 
_refine.diff_density_min                         ? 
_refine.diff_density_min_esd                     ? 
_refine.diff_density_rms                         ? 
_refine.diff_density_rms_esd                     ? 
_refine.entry_id                                 7FEF 
_refine.pdbx_refine_id                           'X-RAY DIFFRACTION' 
_refine.ls_abs_structure_details                 ? 
_refine.ls_abs_structure_Flack                   ? 
_refine.ls_abs_structure_Flack_esd               ? 
_refine.ls_abs_structure_Rogers                  ? 
_refine.ls_abs_structure_Rogers_esd              ? 
_refine.ls_d_res_high                            2.3900 
_refine.ls_d_res_low                             34.9100 
_refine.ls_extinction_coef                       ? 
_refine.ls_extinction_coef_esd                   ? 
_refine.ls_extinction_expression                 ? 
_refine.ls_extinction_method                     ? 
_refine.ls_goodness_of_fit_all                   ? 
_refine.ls_goodness_of_fit_all_esd               ? 
_refine.ls_goodness_of_fit_obs                   ? 
_refine.ls_goodness_of_fit_obs_esd               ? 
_refine.ls_hydrogen_treatment                    ? 
_refine.ls_matrix_type                           ? 
_refine.ls_number_constraints                    ? 
_refine.ls_number_parameters                     ? 
_refine.ls_number_reflns_all                     ? 
_refine.ls_number_reflns_obs                     5757 
_refine.ls_number_reflns_R_free                  303 
_refine.ls_number_reflns_R_work                  ? 
_refine.ls_number_restraints                     ? 
_refine.ls_percent_reflns_obs                    99.9300 
_refine.ls_percent_reflns_R_free                 5.0000 
_refine.ls_R_factor_all                          ? 
_refine.ls_R_factor_obs                          0.2248 
_refine.ls_R_factor_R_free                       0.2535 
_refine.ls_R_factor_R_free_error                 ? 
_refine.ls_R_factor_R_free_error_details         ? 
_refine.ls_R_factor_R_work                       0.2233 
_refine.ls_R_Fsqd_factor_obs                     ? 
_refine.ls_R_I_factor_obs                        ? 
_refine.ls_redundancy_reflns_all                 ? 
_refine.ls_redundancy_reflns_obs                 ? 
_refine.ls_restrained_S_all                      ? 
_refine.ls_restrained_S_obs                      ? 
_refine.ls_shift_over_esd_max                    ? 
_refine.ls_shift_over_esd_mean                   ? 
_refine.ls_structure_factor_coef                 ? 
_refine.ls_weighting_details                     ? 
_refine.ls_weighting_scheme                      ? 
_refine.ls_wR_factor_all                         ? 
_refine.ls_wR_factor_obs                         ? 
_refine.ls_wR_factor_R_free                      ? 
_refine.ls_wR_factor_R_work                      ? 
_refine.occupancy_max                            ? 
_refine.occupancy_min                            ? 
_refine.solvent_model_details                    MASK 
_refine.solvent_model_param_bsol                 ? 
_refine.solvent_model_param_ksol                 ? 
_refine.pdbx_R_complete                          ? 
_refine.ls_R_factor_gt                           ? 
_refine.ls_goodness_of_fit_gt                    ? 
_refine.ls_goodness_of_fit_ref                   ? 
_refine.ls_shift_over_su_max                     ? 
_refine.ls_shift_over_su_max_lt                  ? 
_refine.ls_shift_over_su_mean                    ? 
_refine.ls_shift_over_su_mean_lt                 ? 
_refine.pdbx_ls_sigma_I                          ? 
_refine.pdbx_ls_sigma_F                          0.000 
_refine.pdbx_ls_sigma_Fsqd                       ? 
_refine.pdbx_data_cutoff_high_absF               ? 
_refine.pdbx_data_cutoff_high_rms_absF           ? 
_refine.pdbx_data_cutoff_low_absF                ? 
_refine.pdbx_isotropic_thermal_model             ? 
_refine.pdbx_ls_cross_valid_method               THROUGHOUT 
_refine.pdbx_method_to_determine_struct          'MOLECULAR REPLACEMENT' 
_refine.pdbx_starting_model                      '6c1a, 2yk8' 
_refine.pdbx_stereochemistry_target_values       'MAXIMUM LIKELIHOOD' 
_refine.pdbx_R_Free_selection_details            RANDOM 
_refine.pdbx_stereochem_target_val_spec_case     ? 
_refine.pdbx_overall_ESU_R                       0.3530 
_refine.pdbx_overall_ESU_R_Free                  0.2440 
_refine.pdbx_solvent_vdw_probe_radii             ? 
_refine.pdbx_solvent_ion_probe_radii             ? 
_refine.pdbx_solvent_shrinkage_radii             ? 
_refine.pdbx_real_space_R                        ? 
_refine.pdbx_density_correlation                 ? 
_refine.pdbx_pd_number_of_powder_patterns        ? 
_refine.pdbx_pd_number_of_points                 ? 
_refine.pdbx_pd_meas_number_of_points            ? 
_refine.pdbx_pd_proc_ls_prof_R_factor            ? 
_refine.pdbx_pd_proc_ls_prof_wR_factor           ? 
_refine.pdbx_pd_Marquardt_correlation_coeff      ? 
_refine.pdbx_pd_Fsqrd_R_factor                   ? 
_refine.pdbx_pd_ls_matrix_band_width             ? 
_refine.pdbx_overall_phase_error                 ? 
_refine.pdbx_overall_SU_R_free_Cruickshank_DPI   ? 
_refine.pdbx_overall_SU_R_free_Blow_DPI          ? 
_refine.pdbx_overall_SU_R_Blow_DPI               ? 
_refine.pdbx_TLS_residual_ADP_flag               ? 
_refine.pdbx_diffrn_id                           1 
_refine.overall_SU_B                             ? 
_refine.overall_SU_ML                            0.2100 
_refine.overall_SU_R_Cruickshank_DPI             ? 
_refine.overall_SU_R_free                        ? 
_refine.overall_FOM_free_R_set                   ? 
_refine.overall_FOM_work_R_set                   ? 
_refine.pdbx_average_fsc_overall                 ? 
_refine.pdbx_average_fsc_work                    ? 
_refine.pdbx_average_fsc_free                    ? 
# 
_refine_hist.pdbx_refine_id                   'X-RAY DIFFRACTION' 
_refine_hist.cycle_id                         final 
_refine_hist.details                          ? 
_refine_hist.d_res_high                       2.3900 
_refine_hist.d_res_low                        34.9100 
_refine_hist.number_atoms_solvent             20 
_refine_hist.number_atoms_total               903 
_refine_hist.number_reflns_all                ? 
_refine_hist.number_reflns_obs                ? 
_refine_hist.number_reflns_R_free             ? 
_refine_hist.number_reflns_R_work             ? 
_refine_hist.R_factor_all                     ? 
_refine_hist.R_factor_obs                     ? 
_refine_hist.R_factor_R_free                  ? 
_refine_hist.R_factor_R_work                  ? 
_refine_hist.pdbx_number_residues_total       72 
_refine_hist.pdbx_B_iso_mean_ligand           ? 
_refine_hist.pdbx_B_iso_mean_solvent          65.73 
_refine_hist.pdbx_number_atoms_protein        395 
_refine_hist.pdbx_number_atoms_nucleic_acid   488 
_refine_hist.pdbx_number_atoms_ligand         0 
_refine_hist.pdbx_number_atoms_lipid          ? 
_refine_hist.pdbx_number_atoms_carb           ? 
_refine_hist.pdbx_pseudo_atom_details         ? 
# 
loop_
_refine_ls_restr.pdbx_refine_id 
_refine_ls_restr.criterion 
_refine_ls_restr.dev_ideal 
_refine_ls_restr.dev_ideal_target 
_refine_ls_restr.number 
_refine_ls_restr.rejects 
_refine_ls_restr.type 
_refine_ls_restr.weight 
_refine_ls_restr.pdbx_restraint_function 
'X-RAY DIFFRACTION' ? 0.008  0.012  954  ? r_bond_refined_d                        ? ? 
'X-RAY DIFFRACTION' ? 0.001  0.019  629  ? r_bond_other_d                          ? ? 
'X-RAY DIFFRACTION' ? 1.693  1.441  1396 ? r_angle_refined_deg                     ? ? 
'X-RAY DIFFRACTION' ? 1.468  2.208  1464 ? r_angle_other_deg                       ? ? 
'X-RAY DIFFRACTION' ? 9.163  5.000  47   ? r_dihedral_angle_1_deg                  ? ? 
'X-RAY DIFFRACTION' ? 24.682 20.000 25   ? r_dihedral_angle_2_deg                  ? ? 
'X-RAY DIFFRACTION' ? 17.140 15.000 59   ? r_dihedral_angle_3_deg                  ? ? 
'X-RAY DIFFRACTION' ? 21.567 15.000 4    ? r_dihedral_angle_4_deg                  ? ? 
'X-RAY DIFFRACTION' ? 0.084  0.200  121  ? 
;CHIRAL-CENTER RESTRAINTS       (A''3)
;
? ? 
'X-RAY DIFFRACTION' ? 0.011  0.020  755  ? r_gen_planes_refined                    ? ? 
'X-RAY DIFFRACTION' ? 0.001  0.020  229  ? r_gen_planes_other                      ? ? 
# 
_refine_ls_shell.pdbx_refine_id                   'X-RAY DIFFRACTION' 
_refine_ls_shell.d_res_high                       2.39 
_refine_ls_shell.d_res_low                        2.4480 
_refine_ls_shell.number_reflns_all                ? 
_refine_ls_shell.number_reflns_obs                ? 
_refine_ls_shell.number_reflns_R_free             21 
_refine_ls_shell.number_reflns_R_work             402 
_refine_ls_shell.percent_reflns_obs               99.0600 
_refine_ls_shell.percent_reflns_R_free            ? 
_refine_ls_shell.R_factor_all                     ? 
_refine_ls_shell.R_factor_obs                     ? 
_refine_ls_shell.R_factor_R_free                  0.4090 
_refine_ls_shell.R_factor_R_free_error            0.0000 
_refine_ls_shell.R_factor_R_work                  0.4020 
_refine_ls_shell.redundancy_reflns_all            ? 
_refine_ls_shell.redundancy_reflns_obs            ? 
_refine_ls_shell.wR_factor_all                    ? 
_refine_ls_shell.wR_factor_obs                    ? 
_refine_ls_shell.wR_factor_R_free                 ? 
_refine_ls_shell.wR_factor_R_work                 ? 
_refine_ls_shell.pdbx_R_complete                  ? 
_refine_ls_shell.pdbx_total_number_of_bins_used   ? 
_refine_ls_shell.pdbx_phase_error                 ? 
_refine_ls_shell.pdbx_fsc_work                    ? 
_refine_ls_shell.pdbx_fsc_free                    ? 
# 
_struct.entry_id                     7FEF 
_struct.title                        'Crystal structure of AtMBD6 with DNA' 
_struct.pdbx_model_details           ? 
_struct.pdbx_formula_weight          ? 
_struct.pdbx_formula_weight_method   ? 
_struct.pdbx_model_type_details      ? 
_struct.pdbx_CASP_flag               N 
# 
_struct_keywords.entry_id        7FEF 
_struct_keywords.text            'MBD, DNA-protein complex structure, DNA BINDING PROTEIN, DNA BINDING PROTEIN-DNA complex' 
_struct_keywords.pdbx_keywords   'DNA BINDING PROTEIN/DNA' 
# 
loop_
_struct_asym.id 
_struct_asym.pdbx_blank_PDB_chainid_flag 
_struct_asym.pdbx_modified 
_struct_asym.entity_id 
_struct_asym.details 
A N N 1 ? 
B N N 1 ? 
C N N 2 ? 
D N N 3 ? 
E N N 3 ? 
F N N 3 ? 
# 
_struct_conf.conf_type_id            HELX_P 
_struct_conf.id                      HELX_P1 
_struct_conf.pdbx_PDB_helix_id       AA1 
_struct_conf.beg_label_comp_id       SER 
_struct_conf.beg_label_asym_id       C 
_struct_conf.beg_label_seq_id        51 
_struct_conf.pdbx_beg_PDB_ins_code   ? 
_struct_conf.end_label_comp_id       HIS 
_struct_conf.end_label_asym_id       C 
_struct_conf.end_label_seq_id        61 
_struct_conf.pdbx_end_PDB_ins_code   ? 
_struct_conf.beg_auth_comp_id        SER 
_struct_conf.beg_auth_asym_id        A 
_struct_conf.beg_auth_seq_id         116 
_struct_conf.end_auth_comp_id        HIS 
_struct_conf.end_auth_asym_id        A 
_struct_conf.end_auth_seq_id         126 
_struct_conf.pdbx_PDB_helix_class    1 
_struct_conf.details                 ? 
_struct_conf.pdbx_PDB_helix_length   11 
# 
_struct_conf_type.id          HELX_P 
_struct_conf_type.criteria    ? 
_struct_conf_type.reference   ? 
# 
loop_
_struct_conn.id 
_struct_conn.conn_type_id 
_struct_conn.pdbx_leaving_atom_flag 
_struct_conn.pdbx_PDB_id 
_struct_conn.ptnr1_label_asym_id 
_struct_conn.ptnr1_label_comp_id 
_struct_conn.ptnr1_label_seq_id 
_struct_conn.ptnr1_label_atom_id 
_struct_conn.pdbx_ptnr1_label_alt_id 
_struct_conn.pdbx_ptnr1_PDB_ins_code 
_struct_conn.pdbx_ptnr1_standard_comp_id 
_struct_conn.ptnr1_symmetry 
_struct_conn.ptnr2_label_asym_id 
_struct_conn.ptnr2_label_comp_id 
_struct_conn.ptnr2_label_seq_id 
_struct_conn.ptnr2_label_atom_id 
_struct_conn.pdbx_ptnr2_label_alt_id 
_struct_conn.pdbx_ptnr2_PDB_ins_code 
_struct_conn.ptnr1_auth_asym_id 
_struct_conn.ptnr1_auth_comp_id 
_struct_conn.ptnr1_auth_seq_id 
_struct_conn.ptnr2_auth_asym_id 
_struct_conn.ptnr2_auth_comp_id 
_struct_conn.ptnr2_auth_seq_id 
_struct_conn.ptnr2_symmetry 
_struct_conn.pdbx_ptnr3_label_atom_id 
_struct_conn.pdbx_ptnr3_label_seq_id 
_struct_conn.pdbx_ptnr3_label_comp_id 
_struct_conn.pdbx_ptnr3_label_asym_id 
_struct_conn.pdbx_ptnr3_label_alt_id 
_struct_conn.pdbx_ptnr3_PDB_ins_code 
_struct_conn.details 
_struct_conn.pdbx_dist_value 
_struct_conn.pdbx_value_order 
_struct_conn.pdbx_role 
covale1  covale both ? A DA  5  "O3'" ? ? ? 1_555 A 5CM 6  P  ? ? E DA  5  E 5CM 6  1_555 ? ? ? ? ? ? ?            1.667 ? ? 
covale2  covale both ? A 5CM 6  "O3'" ? ? ? 1_555 A DG  7  P  ? ? E 5CM 6  E DG  7  1_555 ? ? ? ? ? ? ?            1.622 ? ? 
covale3  covale both ? B DA  5  "O3'" ? ? ? 1_555 B 5CM 6  P  ? ? F DA  5  F 5CM 6  1_555 ? ? ? ? ? ? ?            1.627 ? ? 
covale4  covale both ? B 5CM 6  "O3'" ? ? ? 1_555 B DG  7  P  ? ? F 5CM 6  F DG  7  1_555 ? ? ? ? ? ? ?            1.629 ? ? 
hydrog1  hydrog ?    ? A DG  1  N1    ? ? ? 1_555 B DC  12 N3 ? ? E DG  1  F DC  12 1_555 ? ? ? ? ? ? WATSON-CRICK ?     ? ? 
hydrog2  hydrog ?    ? A DG  1  N2    ? ? ? 1_555 B DC  12 O2 ? ? E DG  1  F DC  12 1_555 ? ? ? ? ? ? WATSON-CRICK ?     ? ? 
hydrog3  hydrog ?    ? A DG  1  O6    ? ? ? 1_555 B DC  12 N4 ? ? E DG  1  F DC  12 1_555 ? ? ? ? ? ? WATSON-CRICK ?     ? ? 
hydrog4  hydrog ?    ? A DC  2  N3    ? ? ? 1_555 B DG  11 N1 ? ? E DC  2  F DG  11 1_555 ? ? ? ? ? ? WATSON-CRICK ?     ? ? 
hydrog5  hydrog ?    ? A DC  2  N4    ? ? ? 1_555 B DG  11 O6 ? ? E DC  2  F DG  11 1_555 ? ? ? ? ? ? WATSON-CRICK ?     ? ? 
hydrog6  hydrog ?    ? A DC  2  O2    ? ? ? 1_555 B DG  11 N2 ? ? E DC  2  F DG  11 1_555 ? ? ? ? ? ? WATSON-CRICK ?     ? ? 
hydrog7  hydrog ?    ? A DC  3  N3    ? ? ? 1_555 B DG  10 N1 ? ? E DC  3  F DG  10 1_555 ? ? ? ? ? ? WATSON-CRICK ?     ? ? 
hydrog8  hydrog ?    ? A DC  3  N4    ? ? ? 1_555 B DG  10 O6 ? ? E DC  3  F DG  10 1_555 ? ? ? ? ? ? WATSON-CRICK ?     ? ? 
hydrog9  hydrog ?    ? A DC  3  O2    ? ? ? 1_555 B DG  10 N2 ? ? E DC  3  F DG  10 1_555 ? ? ? ? ? ? WATSON-CRICK ?     ? ? 
hydrog10 hydrog ?    ? A DA  4  N1    ? ? ? 1_555 B DT  9  N3 ? ? E DA  4  F DT  9  1_555 ? ? ? ? ? ? WATSON-CRICK ?     ? ? 
hydrog11 hydrog ?    ? A DA  4  N6    ? ? ? 1_555 B DT  9  O4 ? ? E DA  4  F DT  9  1_555 ? ? ? ? ? ? WATSON-CRICK ?     ? ? 
hydrog12 hydrog ?    ? A DA  5  N1    ? ? ? 1_555 B DT  8  N3 ? ? E DA  5  F DT  8  1_555 ? ? ? ? ? ? WATSON-CRICK ?     ? ? 
hydrog13 hydrog ?    ? A DA  5  N6    ? ? ? 1_555 B DT  8  O4 ? ? E DA  5  F DT  8  1_555 ? ? ? ? ? ? WATSON-CRICK ?     ? ? 
hydrog14 hydrog ?    ? A 5CM 6  N3    ? ? ? 1_555 B DG  7  N1 ? ? E 5CM 6  F DG  7  1_555 ? ? ? ? ? ? WATSON-CRICK ?     ? ? 
hydrog15 hydrog ?    ? A 5CM 6  N4    ? ? ? 1_555 B DG  7  O6 ? ? E 5CM 6  F DG  7  1_555 ? ? ? ? ? ? WATSON-CRICK ?     ? ? 
hydrog16 hydrog ?    ? A 5CM 6  O2    ? ? ? 1_555 B DG  7  N2 ? ? E 5CM 6  F DG  7  1_555 ? ? ? ? ? ? WATSON-CRICK ?     ? ? 
hydrog17 hydrog ?    ? A DG  7  N1    ? ? ? 1_555 B 5CM 6  N3 ? ? E DG  7  F 5CM 6  1_555 ? ? ? ? ? ? WATSON-CRICK ?     ? ? 
hydrog18 hydrog ?    ? A DG  7  N2    ? ? ? 1_555 B 5CM 6  O2 ? ? E DG  7  F 5CM 6  1_555 ? ? ? ? ? ? WATSON-CRICK ?     ? ? 
hydrog19 hydrog ?    ? A DG  7  O6    ? ? ? 1_555 B 5CM 6  N4 ? ? E DG  7  F 5CM 6  1_555 ? ? ? ? ? ? WATSON-CRICK ?     ? ? 
hydrog20 hydrog ?    ? A DT  8  N3    ? ? ? 1_555 B DA  5  N1 ? ? E DT  8  F DA  5  1_555 ? ? ? ? ? ? WATSON-CRICK ?     ? ? 
hydrog21 hydrog ?    ? A DT  8  O4    ? ? ? 1_555 B DA  5  N6 ? ? E DT  8  F DA  5  1_555 ? ? ? ? ? ? WATSON-CRICK ?     ? ? 
hydrog22 hydrog ?    ? A DT  9  N3    ? ? ? 1_555 B DA  4  N1 ? ? E DT  9  F DA  4  1_555 ? ? ? ? ? ? WATSON-CRICK ?     ? ? 
hydrog23 hydrog ?    ? A DT  9  O4    ? ? ? 1_555 B DA  4  N6 ? ? E DT  9  F DA  4  1_555 ? ? ? ? ? ? WATSON-CRICK ?     ? ? 
hydrog24 hydrog ?    ? A DG  10 N1    ? ? ? 1_555 B DC  3  N3 ? ? E DG  10 F DC  3  1_555 ? ? ? ? ? ? WATSON-CRICK ?     ? ? 
hydrog25 hydrog ?    ? A DG  10 N2    ? ? ? 1_555 B DC  3  O2 ? ? E DG  10 F DC  3  1_555 ? ? ? ? ? ? WATSON-CRICK ?     ? ? 
hydrog26 hydrog ?    ? A DG  10 O6    ? ? ? 1_555 B DC  3  N4 ? ? E DG  10 F DC  3  1_555 ? ? ? ? ? ? WATSON-CRICK ?     ? ? 
hydrog27 hydrog ?    ? A DG  11 N1    ? ? ? 1_555 B DC  2  N3 ? ? E DG  11 F DC  2  1_555 ? ? ? ? ? ? WATSON-CRICK ?     ? ? 
hydrog28 hydrog ?    ? A DG  11 N2    ? ? ? 1_555 B DC  2  O2 ? ? E DG  11 F DC  2  1_555 ? ? ? ? ? ? WATSON-CRICK ?     ? ? 
hydrog29 hydrog ?    ? A DG  11 O6    ? ? ? 1_555 B DC  2  N4 ? ? E DG  11 F DC  2  1_555 ? ? ? ? ? ? WATSON-CRICK ?     ? ? 
hydrog30 hydrog ?    ? A DC  12 N3    ? ? ? 1_555 B DG  1  N1 ? ? E DC  12 F DG  1  1_555 ? ? ? ? ? ? WATSON-CRICK ?     ? ? 
hydrog31 hydrog ?    ? A DC  12 N4    ? ? ? 1_555 B DG  1  O6 ? ? E DC  12 F DG  1  1_555 ? ? ? ? ? ? WATSON-CRICK ?     ? ? 
hydrog32 hydrog ?    ? A DC  12 O2    ? ? ? 1_555 B DG  1  N2 ? ? E DC  12 F DG  1  1_555 ? ? ? ? ? ? WATSON-CRICK ?     ? ? 
# 
loop_
_struct_conn_type.id 
_struct_conn_type.criteria 
_struct_conn_type.reference 
covale ? ? 
hydrog ? ? 
# 
_struct_sheet.id               AA1 
_struct_sheet.type             ? 
_struct_sheet.number_strands   3 
_struct_sheet.details          ? 
# 
loop_
_struct_sheet_order.sheet_id 
_struct_sheet_order.range_id_1 
_struct_sheet_order.range_id_2 
_struct_sheet_order.offset 
_struct_sheet_order.sense 
AA1 1 2 ? anti-parallel 
AA1 2 3 ? anti-parallel 
# 
loop_
_struct_sheet_range.sheet_id 
_struct_sheet_range.id 
_struct_sheet_range.beg_label_comp_id 
_struct_sheet_range.beg_label_asym_id 
_struct_sheet_range.beg_label_seq_id 
_struct_sheet_range.pdbx_beg_PDB_ins_code 
_struct_sheet_range.end_label_comp_id 
_struct_sheet_range.end_label_asym_id 
_struct_sheet_range.end_label_seq_id 
_struct_sheet_range.pdbx_end_PDB_ins_code 
_struct_sheet_range.beg_auth_comp_id 
_struct_sheet_range.beg_auth_asym_id 
_struct_sheet_range.beg_auth_seq_id 
_struct_sheet_range.end_auth_comp_id 
_struct_sheet_range.end_auth_asym_id 
_struct_sheet_range.end_auth_seq_id 
AA1 1 ARG C 21 ? ILE C 26 ? ARG A 86  ILE A 91  
AA1 2 VAL C 36 ? TYR C 41 ? VAL A 101 TYR A 106 
AA1 3 LYS C 48 ? PHE C 49 ? LYS A 113 PHE A 114 
# 
loop_
_pdbx_struct_sheet_hbond.sheet_id 
_pdbx_struct_sheet_hbond.range_id_1 
_pdbx_struct_sheet_hbond.range_id_2 
_pdbx_struct_sheet_hbond.range_1_label_atom_id 
_pdbx_struct_sheet_hbond.range_1_label_comp_id 
_pdbx_struct_sheet_hbond.range_1_label_asym_id 
_pdbx_struct_sheet_hbond.range_1_label_seq_id 
_pdbx_struct_sheet_hbond.range_1_PDB_ins_code 
_pdbx_struct_sheet_hbond.range_1_auth_atom_id 
_pdbx_struct_sheet_hbond.range_1_auth_comp_id 
_pdbx_struct_sheet_hbond.range_1_auth_asym_id 
_pdbx_struct_sheet_hbond.range_1_auth_seq_id 
_pdbx_struct_sheet_hbond.range_2_label_atom_id 
_pdbx_struct_sheet_hbond.range_2_label_comp_id 
_pdbx_struct_sheet_hbond.range_2_label_asym_id 
_pdbx_struct_sheet_hbond.range_2_label_seq_id 
_pdbx_struct_sheet_hbond.range_2_PDB_ins_code 
_pdbx_struct_sheet_hbond.range_2_auth_atom_id 
_pdbx_struct_sheet_hbond.range_2_auth_comp_id 
_pdbx_struct_sheet_hbond.range_2_auth_asym_id 
_pdbx_struct_sheet_hbond.range_2_auth_seq_id 
AA1 1 2 N ARG C 21 ? N ARG A 86  O TYR C 41 ? O TYR A 106 
AA1 2 3 N TYR C 40 ? N TYR A 105 O PHE C 49 ? O PHE A 114 
# 
_atom_sites.entry_id                    7FEF 
_atom_sites.Cartn_transf_matrix[1][1]   ? 
_atom_sites.Cartn_transf_matrix[1][2]   ? 
_atom_sites.Cartn_transf_matrix[1][3]   ? 
_atom_sites.Cartn_transf_matrix[2][1]   ? 
_atom_sites.Cartn_transf_matrix[2][2]   ? 
_atom_sites.Cartn_transf_matrix[2][3]   ? 
_atom_sites.Cartn_transf_matrix[3][1]   ? 
_atom_sites.Cartn_transf_matrix[3][2]   ? 
_atom_sites.Cartn_transf_matrix[3][3]   ? 
_atom_sites.Cartn_transf_vector[1]      ? 
_atom_sites.Cartn_transf_vector[2]      ? 
_atom_sites.Cartn_transf_vector[3]      ? 
_atom_sites.fract_transf_matrix[1][1]   0.00805964 
_atom_sites.fract_transf_matrix[1][2]   0.01843745 
_atom_sites.fract_transf_matrix[1][3]   -0.02038215 
_atom_sites.fract_transf_matrix[2][1]   0.02595416 
_atom_sites.fract_transf_matrix[2][2]   0.01206559 
_atom_sites.fract_transf_matrix[2][3]   0.00105349 
_atom_sites.fract_transf_matrix[3][1]   0.00445598 
_atom_sites.fract_transf_matrix[3][2]   -0.00902615 
_atom_sites.fract_transf_matrix[3][3]   -0.00640294 
_atom_sites.fract_transf_vector[1]      0.231115 
_atom_sites.fract_transf_vector[2]      0.627086 
_atom_sites.fract_transf_vector[3]      0.069796 
_atom_sites.solution_primary            ? 
_atom_sites.solution_secondary          ? 
_atom_sites.solution_hydrogens          ? 
_atom_sites.special_details             ? 
# 
loop_
_atom_type.symbol 
_atom_type.scat_dispersion_real 
_atom_type.scat_dispersion_imag 
_atom_type.scat_Cromer_Mann_a1 
_atom_type.scat_Cromer_Mann_a2 
_atom_type.scat_Cromer_Mann_a3 
_atom_type.scat_Cromer_Mann_a4 
_atom_type.scat_Cromer_Mann_b1 
_atom_type.scat_Cromer_Mann_b2 
_atom_type.scat_Cromer_Mann_b3 
_atom_type.scat_Cromer_Mann_b4 
_atom_type.scat_Cromer_Mann_c 
_atom_type.scat_source 
_atom_type.scat_dispersion_source 
C ? ? 3.54356 2.42580 ? ? 25.62398 1.50364  ? ? 0.0 
;2-Gaussian fit: Grosse-Kunstleve RW, Sauter NK, Adams PD: Newsletter of the IUCr Commission on Crystallographic Computing 2004, 3, 22-31.
;
? 
H ? ? 0.51345 0.48472 ? ? 24.73122 6.32584  ? ? 0.0 
;2-Gaussian fit: Grosse-Kunstleve RW, Sauter NK, Adams PD: Newsletter of the IUCr Commission on Crystallographic Computing 2004, 3, 22-31.
;
? 
N ? ? 4.01032 2.96436 ? ? 19.97189 1.75589  ? ? 0.0 
;2-Gaussian fit: Grosse-Kunstleve RW, Sauter NK, Adams PD: Newsletter of the IUCr Commission on Crystallographic Computing 2004, 3, 22-31.
;
? 
O ? ? 4.49882 3.47563 ? ? 15.80542 1.70748  ? ? 0.0 
;2-Gaussian fit: Grosse-Kunstleve RW, Sauter NK, Adams PD: Newsletter of the IUCr Commission on Crystallographic Computing 2004, 3, 22-31.
;
? 
P ? ? 9.51135 5.44231 ? ? 1.42069  35.72801 ? ? 0.0 
;2-Gaussian fit: Grosse-Kunstleve RW, Sauter NK, Adams PD: Newsletter of the IUCr Commission on Crystallographic Computing 2004, 3, 22-31.
;
? 
# 
loop_
_atom_site.group_PDB 
_atom_site.id 
_atom_site.type_symbol 
_atom_site.label_atom_id 
_atom_site.label_alt_id 
_atom_site.label_comp_id 
_atom_site.label_asym_id 
_atom_site.label_entity_id 
_atom_site.label_seq_id 
_atom_site.pdbx_PDB_ins_code 
_atom_site.Cartn_x 
_atom_site.Cartn_y 
_atom_site.Cartn_z 
_atom_site.occupancy 
_atom_site.B_iso_or_equiv 
_atom_site.pdbx_formal_charge 
_atom_site.auth_seq_id 
_atom_site.auth_comp_id 
_atom_site.auth_asym_id 
_atom_site.auth_atom_id 
_atom_site.pdbx_PDB_model_num 
ATOM   1   O "O5'" . DG  A 1 1  ? -11.968 -13.609 18.012  1.00 91.42  ? 1   DG  E "O5'" 1 
ATOM   2   C "C5'" . DG  A 1 1  ? -11.907 -12.607 16.973  1.00 94.09  ? 1   DG  E "C5'" 1 
ATOM   3   C "C4'" . DG  A 1 1  ? -10.470 -12.227 16.693  1.00 91.45  ? 1   DG  E "C4'" 1 
ATOM   4   O "O4'" . DG  A 1 1  ? -9.762  -13.425 16.306  1.00 90.10  ? 1   DG  E "O4'" 1 
ATOM   5   C "C3'" . DG  A 1 1  ? -10.267 -11.269 15.523  1.00 91.25  ? 1   DG  E "C3'" 1 
ATOM   6   O "O3'" . DG  A 1 1  ? -8.968  -10.658 15.585  1.00 93.96  ? 1   DG  E "O3'" 1 
ATOM   7   C "C2'" . DG  A 1 1  ? -10.309 -12.221 14.345  1.00 90.07  ? 1   DG  E "C2'" 1 
ATOM   8   C "C1'" . DG  A 1 1  ? -9.507  -13.393 14.904  1.00 83.72  ? 1   DG  E "C1'" 1 
ATOM   9   N N9    . DG  A 1 1  ? -9.837  -14.703 14.351  1.00 71.01  ? 1   DG  E N9    1 
ATOM   10  C C8    . DG  A 1 1  ? -11.083 -15.278 14.229  1.00 72.97  ? 1   DG  E C8    1 
ATOM   11  N N7    . DG  A 1 1  ? -11.050 -16.459 13.676  1.00 67.06  ? 1   DG  E N7    1 
ATOM   12  C C5    . DG  A 1 1  ? -9.701  -16.685 13.430  1.00 63.49  ? 1   DG  E C5    1 
ATOM   13  C C6    . DG  A 1 1  ? -9.047  -17.802 12.843  1.00 64.14  ? 1   DG  E C6    1 
ATOM   14  O O6    . DG  A 1 1  ? -9.554  -18.853 12.414  1.00 57.44  ? 1   DG  E O6    1 
ATOM   15  N N1    . DG  A 1 1  ? -7.667  -17.605 12.762  1.00 47.15  ? 1   DG  E N1    1 
ATOM   16  C C2    . DG  A 1 1  ? -7.003  -16.481 13.207  1.00 55.38  ? 1   DG  E C2    1 
ATOM   17  N N2    . DG  A 1 1  ? -5.670  -16.465 13.046  1.00 52.27  ? 1   DG  E N2    1 
ATOM   18  N N3    . DG  A 1 1  ? -7.602  -15.440 13.760  1.00 59.62  ? 1   DG  E N3    1 
ATOM   19  C C4    . DG  A 1 1  ? -8.941  -15.605 13.832  1.00 63.69  ? 1   DG  E C4    1 
ATOM   20  P P     . DC  A 1 2  ? -8.557  -9.529  14.512  1.00 104.72 ? 2   DC  E P     1 
ATOM   21  O OP1   . DC  A 1 2  ? -7.960  -8.385  15.248  1.00 106.53 ? 2   DC  E OP1   1 
ATOM   22  O OP2   . DC  A 1 2  ? -9.728  -9.316  13.622  1.00 89.41  ? 2   DC  E OP2   1 
ATOM   23  O "O5'" . DC  A 1 2  ? -7.320  -10.170 13.733  1.00 96.83  ? 2   DC  E "O5'" 1 
ATOM   24  C "C5'" . DC  A 1 2  ? -6.214  -10.712 14.477  1.00 91.14  ? 2   DC  E "C5'" 1 
ATOM   25  C "C4'" . DC  A 1 2  ? -5.006  -10.923 13.596  1.00 91.41  ? 2   DC  E "C4'" 1 
ATOM   26  O "O4'" . DC  A 1 2  ? -5.090  -12.203 12.925  1.00 93.80  ? 2   DC  E "O4'" 1 
ATOM   27  C "C3'" . DC  A 1 2  ? -4.817  -9.896  12.484  1.00 91.80  ? 2   DC  E "C3'" 1 
ATOM   28  O "O3'" . DC  A 1 2  ? -3.403  -9.751  12.310  1.00 88.18  ? 2   DC  E "O3'" 1 
ATOM   29  C "C2'" . DC  A 1 2  ? -5.548  -10.528 11.311  1.00 85.97  ? 2   DC  E "C2'" 1 
ATOM   30  C "C1'" . DC  A 1 2  ? -5.295  -12.019 11.523  1.00 80.57  ? 2   DC  E "C1'" 1 
ATOM   31  N N1    . DC  A 1 2  ? -6.384  -12.926 11.118  1.00 65.38  ? 2   DC  E N1    1 
ATOM   32  C C2    . DC  A 1 2  ? -6.066  -14.115 10.447  1.00 62.23  ? 2   DC  E C2    1 
ATOM   33  O O2    . DC  A 1 2  ? -4.879  -14.345 10.157  1.00 62.61  ? 2   DC  E O2    1 
ATOM   34  N N3    . DC  A 1 2  ? -7.059  -14.975 10.121  1.00 55.44  ? 2   DC  E N3    1 
ATOM   35  C C4    . DC  A 1 2  ? -8.318  -14.705 10.473  1.00 61.90  ? 2   DC  E C4    1 
ATOM   36  N N4    . DC  A 1 2  ? -9.271  -15.585 10.134  1.00 67.60  ? 2   DC  E N4    1 
ATOM   37  C C5    . DC  A 1 2  ? -8.664  -13.516 11.176  1.00 62.38  ? 2   DC  E C5    1 
ATOM   38  C C6    . DC  A 1 2  ? -7.676  -12.661 11.471  1.00 61.60  ? 2   DC  E C6    1 
ATOM   39  P P     . DC  A 1 3  ? -2.827  -8.838  11.150  1.00 97.03  ? 3   DC  E P     1 
ATOM   40  O OP1   . DC  A 1 3  ? -1.361  -8.637  11.387  1.00 88.25  ? 3   DC  E OP1   1 
ATOM   41  O OP2   . DC  A 1 3  ? -3.745  -7.686  10.992  1.00 91.10  ? 3   DC  E OP2   1 
ATOM   42  O "O5'" . DC  A 1 3  ? -2.952  -9.757  9.855   1.00 93.73  ? 3   DC  E "O5'" 1 
ATOM   43  C "C5'" . DC  A 1 3  ? -1.956  -10.760 9.534   1.00 83.10  ? 3   DC  E "C5'" 1 
ATOM   44  C "C4'" . DC  A 1 3  ? -2.305  -11.387 8.207   1.00 74.32  ? 3   DC  E "C4'" 1 
ATOM   45  O "O4'" . DC  A 1 3  ? -3.576  -12.070 8.316   1.00 67.18  ? 3   DC  E "O4'" 1 
ATOM   46  C "C3'" . DC  A 1 3  ? -2.485  -10.368 7.076   1.00 73.53  ? 3   DC  E "C3'" 1 
ATOM   47  O "O3'" . DC  A 1 3  ? -1.888  -10.861 5.900   1.00 75.42  ? 3   DC  E "O3'" 1 
ATOM   48  C "C2'" . DC  A 1 3  ? -3.978  -10.379 6.813   1.00 69.36  ? 3   DC  E "C2'" 1 
ATOM   49  C "C1'" . DC  A 1 3  ? -4.275  -11.826 7.123   1.00 61.63  ? 3   DC  E "C1'" 1 
ATOM   50  N N1    . DC  A 1 3  ? -5.686  -12.161 7.328   1.00 53.58  ? 3   DC  E N1    1 
ATOM   51  C C2    . DC  A 1 3  ? -6.156  -13.384 6.837   1.00 61.36  ? 3   DC  E C2    1 
ATOM   52  O O2    . DC  A 1 3  ? -5.346  -14.183 6.330   1.00 62.38  ? 3   DC  E O2    1 
ATOM   53  N N3    . DC  A 1 3  ? -7.480  -13.661 6.912   1.00 54.07  ? 3   DC  E N3    1 
ATOM   54  C C4    . DC  A 1 3  ? -8.309  -12.796 7.498   1.00 58.50  ? 3   DC  E C4    1 
ATOM   55  N N4    . DC  A 1 3  ? -9.598  -13.135 7.600   1.00 70.22  ? 3   DC  E N4    1 
ATOM   56  C C5    . DC  A 1 3  ? -7.862  -11.534 7.979   1.00 58.30  ? 3   DC  E C5    1 
ATOM   57  C C6    . DC  A 1 3  ? -6.558  -11.249 7.852   1.00 59.99  ? 3   DC  E C6    1 
ATOM   58  P P     . DA  A 1 4  ? -0.534  -10.281 5.451   1.00 79.28  ? 4   DA  E P     1 
ATOM   59  O OP1   . DA  A 1 4  ? 0.372   -10.290 6.636   1.00 83.60  ? 4   DA  E OP1   1 
ATOM   60  O OP2   . DA  A 1 4  ? -0.810  -9.027  4.733   1.00 76.25  ? 4   DA  E OP2   1 
ATOM   61  O "O5'" . DA  A 1 4  ? -0.063  -11.332 4.355   1.00 79.63  ? 4   DA  E "O5'" 1 
ATOM   62  C "C5'" . DA  A 1 4  ? 0.215   -12.692 4.694   1.00 75.24  ? 4   DA  E "C5'" 1 
ATOM   63  C "C4'" . DA  A 1 4  ? -0.293  -13.616 3.612   1.00 75.42  ? 4   DA  E "C4'" 1 
ATOM   64  O "O4'" . DA  A 1 4  ? -1.736  -13.732 3.681   1.00 76.92  ? 4   DA  E "O4'" 1 
ATOM   65  C "C3'" . DA  A 1 4  ? 0.013   -13.205 2.175   1.00 74.35  ? 4   DA  E "C3'" 1 
ATOM   66  O "O3'" . DA  A 1 4  ? 0.198   -14.436 1.484   1.00 76.41  ? 4   DA  E "O3'" 1 
ATOM   67  C "C2'" . DA  A 1 4  ? -1.258  -12.501 1.734   1.00 72.37  ? 4   DA  E "C2'" 1 
ATOM   68  C "C1'" . DA  A 1 4  ? -2.338  -13.283 2.470   1.00 67.36  ? 4   DA  E "C1'" 1 
ATOM   69  N N9    . DA  A 1 4  ? -3.546  -12.549 2.842   1.00 58.07  ? 4   DA  E N9    1 
ATOM   70  C C8    . DA  A 1 4  ? -3.645  -11.260 3.302   1.00 50.38  ? 4   DA  E C8    1 
ATOM   71  N N7    . DA  A 1 4  ? -4.868  -10.903 3.612   1.00 59.94  ? 4   DA  E N7    1 
ATOM   72  C C5    . DA  A 1 4  ? -5.617  -12.053 3.396   1.00 50.22  ? 4   DA  E C5    1 
ATOM   73  C C6    . DA  A 1 4  ? -6.975  -12.350 3.600   1.00 46.73  ? 4   DA  E C6    1 
ATOM   74  N N6    . DA  A 1 4  ? -7.866  -11.463 4.030   1.00 50.07  ? 4   DA  E N6    1 
ATOM   75  N N1    . DA  A 1 4  ? -7.402  -13.596 3.295   1.00 49.43  ? 4   DA  E N1    1 
ATOM   76  C C2    . DA  A 1 4  ? -6.504  -14.485 2.848   1.00 49.65  ? 4   DA  E C2    1 
ATOM   77  N N3    . DA  A 1 4  ? -5.198  -14.325 2.620   1.00 47.14  ? 4   DA  E N3    1 
ATOM   78  C C4    . DA  A 1 4  ? -4.813  -13.076 2.929   1.00 51.08  ? 4   DA  E C4    1 
ATOM   79  P P     . DA  A 1 5  ? 0.790   -14.471 0.017   1.00 89.65  ? 5   DA  E P     1 
ATOM   80  O OP1   . DA  A 1 5  ? 1.655   -15.684 -0.100  1.00 95.94  ? 5   DA  E OP1   1 
ATOM   81  O OP2   . DA  A 1 5  ? 1.358   -13.131 -0.273  1.00 75.56  ? 5   DA  E OP2   1 
ATOM   82  O "O5'" . DA  A 1 5  ? -0.492  -14.817 -0.865  1.00 81.21  ? 5   DA  E "O5'" 1 
ATOM   83  C "C5'" . DA  A 1 5  ? -0.970  -16.163 -0.974  1.00 73.88  ? 5   DA  E "C5'" 1 
ATOM   84  C "C4'" . DA  A 1 5  ? -2.314  -16.146 -1.661  1.00 87.91  ? 5   DA  E "C4'" 1 
ATOM   85  O "O4'" . DA  A 1 5  ? -3.196  -15.382 -0.819  1.00 83.02  ? 5   DA  E "O4'" 1 
ATOM   86  C "C3'" . DA  A 1 5  ? -2.345  -15.457 -3.034  1.00 83.20  ? 5   DA  E "C3'" 1 
ATOM   87  O "O3'" . DA  A 1 5  ? -2.499  -16.377 -4.132  1.00 111.73 ? 5   DA  E "O3'" 1 
ATOM   88  C "C2'" . DA  A 1 5  ? -3.572  -14.568 -2.971  1.00 82.44  ? 5   DA  E "C2'" 1 
ATOM   89  C "C1'" . DA  A 1 5  ? -4.212  -14.830 -1.619  1.00 73.09  ? 5   DA  E "C1'" 1 
ATOM   90  N N9    . DA  A 1 5  ? -4.667  -13.594 -0.983  1.00 62.28  ? 5   DA  E N9    1 
ATOM   91  C C8    . DA  A 1 5  ? -3.912  -12.481 -0.709  1.00 53.80  ? 5   DA  E C8    1 
ATOM   92  N N7    . DA  A 1 5  ? -4.600  -11.492 -0.194  1.00 56.65  ? 5   DA  E N7    1 
ATOM   93  C C5    . DA  A 1 5  ? -5.895  -11.984 -0.132  1.00 49.63  ? 5   DA  E C5    1 
ATOM   94  C C6    . DA  A 1 5  ? -7.095  -11.427 0.336   1.00 52.60  ? 5   DA  E C6    1 
ATOM   95  N N6    . DA  A 1 5  ? -7.184  -10.209 0.874   1.00 60.28  ? 5   DA  E N6    1 
ATOM   96  N N1    . DA  A 1 5  ? -8.205  -12.197 0.285   1.00 51.42  ? 5   DA  E N1    1 
ATOM   97  C C2    . DA  A 1 5  ? -8.105  -13.429 -0.230  1.00 49.79  ? 5   DA  E C2    1 
ATOM   98  N N3    . DA  A 1 5  ? -7.045  -14.044 -0.735  1.00 45.57  ? 5   DA  E N3    1 
ATOM   99  C C4    . DA  A 1 5  ? -5.952  -13.274 -0.622  1.00 47.33  ? 5   DA  E C4    1 
HETATM 100 N N1    . 5CM A 1 6  ? -7.026  -12.948 -4.389  1.00 56.86  ? 6   5CM E N1    1 
HETATM 101 C C2    . 5CM A 1 6  ? -8.080  -12.353 -3.685  1.00 51.61  ? 6   5CM E C2    1 
HETATM 102 N N3    . 5CM A 1 6  ? -7.948  -11.158 -3.040  1.00 51.29  ? 6   5CM E N3    1 
HETATM 103 C C4    . 5CM A 1 6  ? -6.775  -10.527 -3.069  1.00 56.65  ? 6   5CM E C4    1 
HETATM 104 C C5    . 5CM A 1 6  ? -5.651  -11.142 -3.805  1.00 53.56  ? 6   5CM E C5    1 
HETATM 105 C C5A   . 5CM A 1 6  ? -4.298  -10.504 -3.871  1.00 57.84  ? 6   5CM E C5A   1 
HETATM 106 C C6    . 5CM A 1 6  ? -5.836  -12.344 -4.431  1.00 56.75  ? 6   5CM E C6    1 
HETATM 107 O O2    . 5CM A 1 6  ? -9.210  -12.911 -3.678  1.00 50.81  ? 6   5CM E O2    1 
HETATM 108 N N4    . 5CM A 1 6  ? -6.641  -9.352  -2.419  1.00 57.81  ? 6   5CM E N4    1 
HETATM 109 C "C1'" . 5CM A 1 6  ? -7.236  -14.237 -5.080  1.00 63.38  ? 6   5CM E "C1'" 1 
HETATM 110 C "C2'" . 5CM A 1 6  ? -6.723  -14.320 -6.522  1.00 70.82  ? 6   5CM E "C2'" 1 
HETATM 111 C "C3'" . 5CM A 1 6  ? -6.780  -15.818 -6.821  1.00 73.85  ? 6   5CM E "C3'" 1 
HETATM 112 C "C4'" . 5CM A 1 6  ? -6.474  -16.445 -5.430  1.00 83.20  ? 6   5CM E "C4'" 1 
HETATM 113 O "O4'" . 5CM A 1 6  ? -6.635  -15.377 -4.444  1.00 72.49  ? 6   5CM E "O4'" 1 
HETATM 114 O "O3'" . 5CM A 1 6  ? -8.067  -16.297 -7.288  1.00 75.76  ? 6   5CM E "O3'" 1 
HETATM 115 C "C5'" . 5CM A 1 6  ? -5.094  -17.114 -5.277  1.00 87.65  ? 6   5CM E "C5'" 1 
HETATM 116 O "O5'" . 5CM A 1 6  ? -4.136  -16.447 -6.121  1.00 117.07 ? 6   5CM E "O5'" 1 
HETATM 117 P P     . 5CM A 1 6  ? -2.658  -15.870 -5.712  1.00 139.46 ? 6   5CM E P     1 
HETATM 118 O OP1   . 5CM A 1 6  ? -1.620  -16.610 -6.538  1.00 135.35 ? 6   5CM E OP1   1 
HETATM 119 O OP2   . 5CM A 1 6  ? -2.637  -14.312 -5.833  1.00 74.07  ? 6   5CM E OP2   1 
ATOM   120 P P     . DG  A 1 7  ? -8.724  -15.794 -8.683  1.00 78.29  ? 7   DG  E P     1 
ATOM   121 O OP1   . DG  A 1 7  ? -8.858  -16.956 -9.579  1.00 89.88  ? 7   DG  E OP1   1 
ATOM   122 O OP2   . DG  A 1 7  ? -7.965  -14.617 -9.179  1.00 87.26  ? 7   DG  E OP2   1 
ATOM   123 O "O5'" . DG  A 1 7  ? -10.188 -15.343 -8.244  1.00 76.34  ? 7   DG  E "O5'" 1 
ATOM   124 C "C5'" . DG  A 1 7  ? -10.837 -15.917 -7.088  1.00 69.18  ? 7   DG  E "C5'" 1 
ATOM   125 C "C4'" . DG  A 1 7  ? -12.079 -15.132 -6.728  1.00 62.80  ? 7   DG  E "C4'" 1 
ATOM   126 O "O4'" . DG  A 1 7  ? -11.732 -13.962 -5.944  1.00 57.05  ? 7   DG  E "O4'" 1 
ATOM   127 C "C3'" . DG  A 1 7  ? -12.917 -14.617 -7.898  1.00 59.43  ? 7   DG  E "C3'" 1 
ATOM   128 O "O3'" . DG  A 1 7  ? -14.305 -14.707 -7.578  1.00 69.80  ? 7   DG  E "O3'" 1 
ATOM   129 C "C2'" . DG  A 1 7  ? -12.531 -13.152 -7.994  1.00 59.94  ? 7   DG  E "C2'" 1 
ATOM   130 C "C1'" . DG  A 1 7  ? -12.246 -12.779 -6.548  1.00 50.92  ? 7   DG  E "C1'" 1 
ATOM   131 N N9    . DG  A 1 7  ? -11.232 -11.749 -6.379  1.00 54.05  ? 7   DG  E N9    1 
ATOM   132 C C8    . DG  A 1 7  ? -9.905  -11.869 -6.706  1.00 49.67  ? 7   DG  E C8    1 
ATOM   133 N N7    . DG  A 1 7  ? -9.195  -10.833 -6.353  1.00 54.88  ? 7   DG  E N7    1 
ATOM   134 C C5    . DG  A 1 7  ? -10.111 -9.966  -5.779  1.00 50.10  ? 7   DG  E C5    1 
ATOM   135 C C6    . DG  A 1 7  ? -9.928  -8.679  -5.224  1.00 48.43  ? 7   DG  E C6    1 
ATOM   136 O O6    . DG  A 1 7  ? -8.883  -8.028  -5.121  1.00 43.12  ? 7   DG  E O6    1 
ATOM   137 N N1    . DG  A 1 7  ? -11.110 -8.176  -4.699  1.00 48.14  ? 7   DG  E N1    1 
ATOM   138 C C2    . DG  A 1 7  ? -12.321 -8.828  -4.715  1.00 55.41  ? 7   DG  E C2    1 
ATOM   139 N N2    . DG  A 1 7  ? -13.368 -8.159  -4.192  1.00 52.92  ? 7   DG  E N2    1 
ATOM   140 N N3    . DG  A 1 7  ? -12.503 -10.033 -5.223  1.00 52.49  ? 7   DG  E N3    1 
ATOM   141 C C4    . DG  A 1 7  ? -11.368 -10.533 -5.749  1.00 53.76  ? 7   DG  E C4    1 
ATOM   142 P P     . DT  A 1 8  ? -15.398 -14.317 -8.677  1.00 83.08  ? 8   DT  E P     1 
ATOM   143 O OP1   . DT  A 1 8  ? -16.637 -15.089 -8.391  1.00 80.14  ? 8   DT  E OP1   1 
ATOM   144 O OP2   . DT  A 1 8  ? -14.752 -14.415 -10.014 1.00 65.90  ? 8   DT  E OP2   1 
ATOM   145 O "O5'" . DT  A 1 8  ? -15.757 -12.810 -8.288  1.00 82.95  ? 8   DT  E "O5'" 1 
ATOM   146 C "C5'" . DT  A 1 8  ? -16.104 -12.506 -6.927  1.00 70.54  ? 8   DT  E "C5'" 1 
ATOM   147 C "C4'" . DT  A 1 8  ? -16.713 -11.132 -6.794  1.00 73.85  ? 8   DT  E "C4'" 1 
ATOM   148 O "O4'" . DT  A 1 8  ? -15.696 -10.123 -6.598  1.00 71.42  ? 8   DT  E "O4'" 1 
ATOM   149 C "C3'" . DT  A 1 8  ? -17.566 -10.630 -7.955  1.00 68.94  ? 8   DT  E "C3'" 1 
ATOM   150 O "O3'" . DT  A 1 8  ? -18.506 -9.824  -7.248  1.00 74.92  ? 8   DT  E "O3'" 1 
ATOM   151 C "C2'" . DT  A 1 8  ? -16.596 -9.762  -8.741  1.00 68.08  ? 8   DT  E "C2'" 1 
ATOM   152 C "C1'" . DT  A 1 8  ? -15.781 -9.126  -7.615  1.00 65.36  ? 8   DT  E "C1'" 1 
ATOM   153 N N1    . DT  A 1 8  ? -14.393 -8.726  -7.930  1.00 59.55  ? 8   DT  E N1    1 
ATOM   154 C C2    . DT  A 1 8  ? -13.915 -7.542  -7.411  1.00 50.34  ? 8   DT  E C2    1 
ATOM   155 O O2    . DT  A 1 8  ? -14.611 -6.756  -6.787  1.00 52.63  ? 8   DT  E O2    1 
ATOM   156 N N3    . DT  A 1 8  ? -12.575 -7.327  -7.624  1.00 42.86  ? 8   DT  E N3    1 
ATOM   157 C C4    . DT  A 1 8  ? -11.711 -8.114  -8.360  1.00 49.62  ? 8   DT  E C4    1 
ATOM   158 O O4    . DT  A 1 8  ? -10.550 -7.749  -8.533  1.00 51.55  ? 8   DT  E O4    1 
ATOM   159 C C5    . DT  A 1 8  ? -12.274 -9.351  -8.856  1.00 49.93  ? 8   DT  E C5    1 
ATOM   160 C C7    . DT  A 1 8  ? -11.402 -10.288 -9.629  1.00 53.14  ? 8   DT  E C7    1 
ATOM   161 C C6    . DT  A 1 8  ? -13.565 -9.599  -8.605  1.00 48.59  ? 8   DT  E C6    1 
ATOM   162 P P     . DT  A 1 9  ? -19.903 -9.425  -7.873  1.00 89.78  ? 9   DT  E P     1 
ATOM   163 O OP1   . DT  A 1 9  ? -20.948 -9.780  -6.876  1.00 93.91  ? 9   DT  E OP1   1 
ATOM   164 O OP2   . DT  A 1 9  ? -19.970 -9.894  -9.278  1.00 70.77  ? 9   DT  E OP2   1 
ATOM   165 O "O5'" . DT  A 1 9  ? -19.810 -7.846  -7.970  1.00 83.79  ? 9   DT  E "O5'" 1 
ATOM   166 C "C5'" . DT  A 1 9  ? -19.436 -7.063  -6.832  1.00 77.71  ? 9   DT  E "C5'" 1 
ATOM   167 C "C4'" . DT  A 1 9  ? -19.057 -5.692  -7.327  1.00 75.92  ? 9   DT  E "C4'" 1 
ATOM   168 O "O4'" . DT  A 1 9  ? -17.664 -5.690  -7.687  1.00 73.76  ? 9   DT  E "O4'" 1 
ATOM   169 C "C3'" . DT  A 1 9  ? -19.821 -5.262  -8.582  1.00 75.31  ? 9   DT  E "C3'" 1 
ATOM   170 O "O3'" . DT  A 1 9  ? -20.654 -4.156  -8.241  1.00 80.60  ? 9   DT  E "O3'" 1 
ATOM   171 C "C2'" . DT  A 1 9  ? -18.745 -4.913  -9.598  1.00 70.26  ? 9   DT  E "C2'" 1 
ATOM   172 C "C1'" . DT  A 1 9  ? -17.486 -4.793  -8.758  1.00 67.70  ? 9   DT  E "C1'" 1 
ATOM   173 N N1    . DT  A 1 9  ? -16.239 -5.163  -9.424  1.00 54.94  ? 9   DT  E N1    1 
ATOM   174 C C2    . DT  A 1 9  ? -15.133 -4.369  -9.212  1.00 63.82  ? 9   DT  E C2    1 
ATOM   175 O O2    . DT  A 1 9  ? -15.157 -3.353  -8.531  1.00 56.75  ? 9   DT  E O2    1 
ATOM   176 N N3    . DT  A 1 9  ? -13.995 -4.797  -9.848  1.00 60.36  ? 9   DT  E N3    1 
ATOM   177 C C4    . DT  A 1 9  ? -13.852 -5.928  -10.635 1.00 56.32  ? 9   DT  E C4    1 
ATOM   178 O O4    . DT  A 1 9  ? -12.758 -6.190  -11.138 1.00 63.44  ? 9   DT  E O4    1 
ATOM   179 C C5    . DT  A 1 9  ? -15.052 -6.702  -10.826 1.00 57.53  ? 9   DT  E C5    1 
ATOM   180 C C7    . DT  A 1 9  ? -14.997 -7.927  -11.683 1.00 57.52  ? 9   DT  E C7    1 
ATOM   181 C C6    . DT  A 1 9  ? -16.172 -6.292  -10.214 1.00 57.95  ? 9   DT  E C6    1 
ATOM   182 P P     . DG  A 1 10 ? -21.764 -3.638  -9.267  1.00 73.99  ? 10  DG  E P     1 
ATOM   183 O OP1   . DG  A 1 10 ? -23.070 -3.665  -8.556  1.00 82.20  ? 10  DG  E OP1   1 
ATOM   184 O OP2   . DG  A 1 10 ? -21.593 -4.378  -10.549 1.00 75.68  ? 10  DG  E OP2   1 
ATOM   185 O "O5'" . DG  A 1 10 ? -21.326 -2.119  -9.477  1.00 70.74  ? 10  DG  E "O5'" 1 
ATOM   186 C "C5'" . DG  A 1 10 ? -20.426 -1.482  -8.548  1.00 71.47  ? 10  DG  E "C5'" 1 
ATOM   187 C "C4'" . DG  A 1 10 ? -19.783 -0.270  -9.176  1.00 79.65  ? 10  DG  E "C4'" 1 
ATOM   188 O "O4'" . DG  A 1 10 ? -18.498 -0.616  -9.755  1.00 81.04  ? 10  DG  E "O4'" 1 
ATOM   189 C "C3'" . DG  A 1 10 ? -20.582 0.366   -10.313 1.00 89.49  ? 10  DG  E "C3'" 1 
ATOM   190 O "O3'" . DG  A 1 10 ? -20.264 1.754   -10.226 1.00 99.38  ? 10  DG  E "O3'" 1 
ATOM   191 C "C2'" . DG  A 1 10 ? -20.024 -0.325  -11.547 1.00 86.06  ? 10  DG  E "C2'" 1 
ATOM   192 C "C1'" . DG  A 1 10 ? -18.549 -0.466  -11.178 1.00 81.49  ? 10  DG  E "C1'" 1 
ATOM   193 N N9    . DG  A 1 10 ? -17.818 -1.580  -11.781 1.00 65.00  ? 10  DG  E N9    1 
ATOM   194 C C8    . DG  A 1 10 ? -18.317 -2.729  -12.354 1.00 58.86  ? 10  DG  E C8    1 
ATOM   195 N N7    . DG  A 1 10 ? -17.380 -3.537  -12.779 1.00 63.30  ? 10  DG  E N7    1 
ATOM   196 C C5    . DG  A 1 10 ? -16.196 -2.861  -12.510 1.00 57.87  ? 10  DG  E C5    1 
ATOM   197 C C6    . DG  A 1 10 ? -14.841 -3.225  -12.767 1.00 59.83  ? 10  DG  E C6    1 
ATOM   198 O O6    . DG  A 1 10 ? -14.402 -4.254  -13.308 1.00 54.12  ? 10  DG  E O6    1 
ATOM   199 N N1    . DG  A 1 10 ? -13.958 -2.231  -12.351 1.00 49.81  ? 10  DG  E N1    1 
ATOM   200 C C2    . DG  A 1 10 ? -14.320 -1.062  -11.721 1.00 51.99  ? 10  DG  E C2    1 
ATOM   201 N N2    . DG  A 1 10 ? -13.319 -0.241  -11.370 1.00 53.06  ? 10  DG  E N2    1 
ATOM   202 N N3    . DG  A 1 10 ? -15.572 -0.713  -11.475 1.00 63.91  ? 10  DG  E N3    1 
ATOM   203 C C4    . DG  A 1 10 ? -16.451 -1.654  -11.889 1.00 64.65  ? 10  DG  E C4    1 
ATOM   204 P P     . DG  A 1 11 ? -21.031 2.850   -11.091 1.00 101.52 ? 11  DG  E P     1 
ATOM   205 O OP1   . DG  A 1 11 ? -21.931 3.586   -10.167 1.00 103.67 ? 11  DG  E OP1   1 
ATOM   206 O OP2   . DG  A 1 11 ? -21.577 2.206   -12.330 1.00 79.39  ? 11  DG  E OP2   1 
ATOM   207 O "O5'" . DG  A 1 11 ? -19.860 3.880   -11.400 1.00 85.82  ? 11  DG  E "O5'" 1 
ATOM   208 C "C5'" . DG  A 1 11 ? -19.085 4.403   -10.304 1.00 85.75  ? 11  DG  E "C5'" 1 
ATOM   209 C "C4'" . DG  A 1 11 ? -17.795 4.967   -10.839 1.00 84.07  ? 11  DG  E "C4'" 1 
ATOM   210 O "O4'" . DG  A 1 11 ? -16.991 3.885   -11.374 1.00 78.20  ? 11  DG  E "O4'" 1 
ATOM   211 C "C3'" . DG  A 1 11 ? -18.005 5.936   -12.001 1.00 78.82  ? 11  DG  E "C3'" 1 
ATOM   212 O "O3'" . DG  A 1 11 ? -16.944 6.889   -12.051 1.00 86.82  ? 11  DG  E "O3'" 1 
ATOM   213 C "C2'" . DG  A 1 11 ? -17.895 5.039   -13.216 1.00 80.64  ? 11  DG  E "C2'" 1 
ATOM   214 C "C1'" . DG  A 1 11 ? -16.794 4.087   -12.771 1.00 76.94  ? 11  DG  E "C1'" 1 
ATOM   215 N N9    . DG  A 1 11 ? -16.819 2.781   -13.417 1.00 61.42  ? 11  DG  E N9    1 
ATOM   216 C C8    . DG  A 1 11 ? -17.914 1.981   -13.646 1.00 68.16  ? 11  DG  E C8    1 
ATOM   217 N N7    . DG  A 1 11 ? -17.611 0.852   -14.228 1.00 61.52  ? 11  DG  E N7    1 
ATOM   218 C C5    . DG  A 1 11 ? -16.230 0.900   -14.368 1.00 60.28  ? 11  DG  E C5    1 
ATOM   219 C C6    . DG  A 1 11 ? -15.334 -0.034  -14.950 1.00 55.24  ? 11  DG  E C6    1 
ATOM   220 O O6    . DG  A 1 11 ? -15.586 -1.147  -15.433 1.00 66.55  ? 11  DG  E O6    1 
ATOM   221 N N1    . DG  A 1 11 ? -14.023 0.424   -14.914 1.00 49.17  ? 11  DG  E N1    1 
ATOM   222 C C2    . DG  A 1 11 ? -13.619 1.627   -14.375 1.00 57.89  ? 11  DG  E C2    1 
ATOM   223 N N2    . DG  A 1 11 ? -12.305 1.892   -14.429 1.00 52.53  ? 11  DG  E N2    1 
ATOM   224 N N3    . DG  A 1 11 ? -14.447 2.512   -13.841 1.00 60.74  ? 11  DG  E N3    1 
ATOM   225 C C4    . DG  A 1 11 ? -15.729 2.089   -13.880 1.00 58.17  ? 11  DG  E C4    1 
ATOM   226 P P     . DC  A 1 12 ? -17.095 8.174   -12.977 1.00 81.51  ? 12  DC  E P     1 
ATOM   227 O OP1   . DC  A 1 12 ? -16.557 9.334   -12.220 1.00 85.18  ? 12  DC  E OP1   1 
ATOM   228 O OP2   . DC  A 1 12 ? -18.503 8.187   -13.457 1.00 66.35  ? 12  DC  E OP2   1 
ATOM   229 O "O5'" . DC  A 1 12 ? -16.095 7.859   -14.185 1.00 83.96  ? 12  DC  E "O5'" 1 
ATOM   230 C "C5'" . DC  A 1 12 ? -14.660 7.861   -13.985 1.00 80.32  ? 12  DC  E "C5'" 1 
ATOM   231 C "C4'" . DC  A 1 12 ? -13.947 7.068   -15.062 1.00 82.23  ? 12  DC  E "C4'" 1 
ATOM   232 O "O4'" . DC  A 1 12 ? -14.434 5.714   -15.135 1.00 74.77  ? 12  DC  E "O4'" 1 
ATOM   233 C "C3'" . DC  A 1 12 ? -14.089 7.596   -16.488 1.00 84.44  ? 12  DC  E "C3'" 1 
ATOM   234 O "O3'" . DC  A 1 12 ? -13.053 8.538   -16.772 1.00 97.51  ? 12  DC  E "O3'" 1 
ATOM   235 C "C2'" . DC  A 1 12 ? -13.913 6.354   -17.353 1.00 79.56  ? 12  DC  E "C2'" 1 
ATOM   236 C "C1'" . DC  A 1 12 ? -14.013 5.179   -16.383 1.00 74.73  ? 12  DC  E "C1'" 1 
ATOM   237 N N1    . DC  A 1 12 ? -14.981 4.144   -16.785 1.00 61.71  ? 12  DC  E N1    1 
ATOM   238 C C2    . DC  A 1 12 ? -14.509 2.974   -17.396 1.00 56.37  ? 12  DC  E C2    1 
ATOM   239 O O2    . DC  A 1 12 ? -13.291 2.838   -17.566 1.00 56.72  ? 12  DC  E O2    1 
ATOM   240 N N3    . DC  A 1 12 ? -15.389 2.018   -17.765 1.00 51.12  ? 12  DC  E N3    1 
ATOM   241 C C4    . DC  A 1 12 ? -16.695 2.198   -17.549 1.00 61.99  ? 12  DC  E C4    1 
ATOM   242 N N4    . DC  A 1 12 ? -17.536 1.228   -17.928 1.00 64.19  ? 12  DC  E N4    1 
ATOM   243 C C5    . DC  A 1 12 ? -17.202 3.381   -16.932 1.00 62.83  ? 12  DC  E C5    1 
ATOM   244 C C6    . DC  A 1 12 ? -16.317 4.320   -16.572 1.00 55.25  ? 12  DC  E C6    1 
ATOM   245 O "O5'" . DG  B 1 1  ? -12.268 -5.598  -24.153 1.00 97.98  ? 1   DG  F "O5'" 1 
ATOM   246 C "C5'" . DG  B 1 1  ? -11.419 -6.281  -23.205 1.00 93.22  ? 1   DG  F "C5'" 1 
ATOM   247 C "C4'" . DG  B 1 1  ? -10.385 -5.332  -22.644 1.00 90.11  ? 1   DG  F "C4'" 1 
ATOM   248 O "O4'" . DG  B 1 1  ? -11.022 -4.104  -22.210 1.00 83.67  ? 1   DG  F "O4'" 1 
ATOM   249 C "C3'" . DG  B 1 1  ? -9.648  -5.842  -21.412 1.00 82.46  ? 1   DG  F "C3'" 1 
ATOM   250 O "O3'" . DG  B 1 1  ? -8.371  -5.193  -21.400 1.00 71.80  ? 1   DG  F "O3'" 1 
ATOM   251 C "C2'" . DG  B 1 1  ? -10.578 -5.412  -20.289 1.00 81.10  ? 1   DG  F "C2'" 1 
ATOM   252 C "C1'" . DG  B 1 1  ? -11.091 -4.058  -20.784 1.00 73.79  ? 1   DG  F "C1'" 1 
ATOM   253 N N9    . DG  B 1 1  ? -12.469 -3.736  -20.421 1.00 65.44  ? 1   DG  F N9    1 
ATOM   254 C C8    . DG  B 1 1  ? -13.570 -4.538  -20.602 1.00 73.33  ? 1   DG  F C8    1 
ATOM   255 N N7    . DG  B 1 1  ? -14.683 -3.980  -20.207 1.00 75.00  ? 1   DG  F N7    1 
ATOM   256 C C5    . DG  B 1 1  ? -14.299 -2.719  -19.769 1.00 67.14  ? 1   DG  F C5    1 
ATOM   257 C C6    . DG  B 1 1  ? -15.077 -1.654  -19.239 1.00 63.21  ? 1   DG  F C6    1 
ATOM   258 O O6    . DG  B 1 1  ? -16.301 -1.614  -19.035 1.00 64.70  ? 1   DG  F O6    1 
ATOM   259 N N1    . DG  B 1 1  ? -14.282 -0.561  -18.904 1.00 55.53  ? 1   DG  F N1    1 
ATOM   260 C C2    . DG  B 1 1  ? -12.924 -0.486  -19.085 1.00 56.43  ? 1   DG  F C2    1 
ATOM   261 N N2    . DG  B 1 1  ? -12.348 0.661   -18.719 1.00 52.30  ? 1   DG  F N2    1 
ATOM   262 N N3    . DG  B 1 1  ? -12.187 -1.469  -19.586 1.00 63.70  ? 1   DG  F N3    1 
ATOM   263 C C4    . DG  B 1 1  ? -12.934 -2.553  -19.892 1.00 66.15  ? 1   DG  F C4    1 
ATOM   264 P P     . DC  B 1 2  ? -7.361  -5.405  -20.182 1.00 86.99  ? 2   DC  F P     1 
ATOM   265 O OP1   . DC  B 1 2  ? -5.962  -5.380  -20.714 1.00 75.64  ? 2   DC  F OP1   1 
ATOM   266 O OP2   . DC  B 1 2  ? -7.869  -6.538  -19.359 1.00 83.03  ? 2   DC  F OP2   1 
ATOM   267 O "O5'" . DC  B 1 2  ? -7.427  -4.033  -19.380 1.00 83.36  ? 2   DC  F "O5'" 1 
ATOM   268 C "C5'" . DC  B 1 2  ? -6.843  -2.847  -19.962 1.00 83.82  ? 2   DC  F "C5'" 1 
ATOM   269 C "C4'" . DC  B 1 2  ? -6.936  -1.684  -19.003 1.00 79.38  ? 2   DC  F "C4'" 1 
ATOM   270 O "O4'" . DC  B 1 2  ? -8.312  -1.446  -18.612 1.00 80.21  ? 2   DC  F "O4'" 1 
ATOM   271 C "C3'" . DC  B 1 2  ? -6.158  -1.898  -17.711 1.00 74.51  ? 2   DC  F "C3'" 1 
ATOM   272 O "O3'" . DC  B 1 2  ? -5.375  -0.725  -17.496 1.00 78.77  ? 2   DC  F "O3'" 1 
ATOM   273 C "C2'" . DC  B 1 2  ? -7.241  -2.225  -16.688 1.00 74.06  ? 2   DC  F "C2'" 1 
ATOM   274 C "C1'" . DC  B 1 2  ? -8.449  -1.461  -17.198 1.00 71.56  ? 2   DC  F "C1'" 1 
ATOM   275 N N1    . DC  B 1 2  ? -9.802  -1.987  -16.892 1.00 66.70  ? 2   DC  F N1    1 
ATOM   276 C C2    . DC  B 1 2  ? -10.755 -1.124  -16.331 1.00 66.64  ? 2   DC  F C2    1 
ATOM   277 O O2    . DC  B 1 2  ? -10.414 0.025   -16.006 1.00 73.56  ? 2   DC  F O2    1 
ATOM   278 N N3    . DC  B 1 2  ? -12.020 -1.566  -16.149 1.00 60.60  ? 2   DC  F N3    1 
ATOM   279 C C4    . DC  B 1 2  ? -12.351 -2.810  -16.502 1.00 67.76  ? 2   DC  F C4    1 
ATOM   280 N N4    . DC  B 1 2  ? -13.604 -3.213  -16.270 1.00 64.43  ? 2   DC  F N4    1 
ATOM   281 C C5    . DC  B 1 2  ? -11.409 -3.701  -17.096 1.00 63.90  ? 2   DC  F C5    1 
ATOM   282 C C6    . DC  B 1 2  ? -10.162 -3.245  -17.286 1.00 72.29  ? 2   DC  F C6    1 
ATOM   283 P P     . DC  B 1 3  ? -4.236  -0.743  -16.396 1.00 86.43  ? 3   DC  F P     1 
ATOM   284 O OP1   . DC  B 1 3  ? -3.255  0.323   -16.694 1.00 88.68  ? 3   DC  F OP1   1 
ATOM   285 O OP2   . DC  B 1 3  ? -3.792  -2.146  -16.259 1.00 85.10  ? 3   DC  F OP2   1 
ATOM   286 O "O5'" . DC  B 1 3  ? -4.997  -0.219  -15.101 1.00 83.40  ? 3   DC  F "O5'" 1 
ATOM   287 C "C5'" . DC  B 1 3  ? -5.999  0.815   -15.201 1.00 82.75  ? 3   DC  F "C5'" 1 
ATOM   288 C "C4'" . DC  B 1 3  ? -6.495  1.216   -13.829 1.00 80.73  ? 3   DC  F "C4'" 1 
ATOM   289 O "O4'" . DC  B 1 3  ? -7.823  0.700   -13.583 1.00 78.57  ? 3   DC  F "O4'" 1 
ATOM   290 C "C3'" . DC  B 1 3  ? -5.647  0.743   -12.649 1.00 76.98  ? 3   DC  F "C3'" 1 
ATOM   291 O "O3'" . DC  B 1 3  ? -5.735  1.790   -11.689 1.00 74.84  ? 3   DC  F "O3'" 1 
ATOM   292 C "C2'" . DC  B 1 3  ? -6.356  -0.518  -12.196 1.00 71.73  ? 3   DC  F "C2'" 1 
ATOM   293 C "C1'" . DC  B 1 3  ? -7.814  -0.189  -12.469 1.00 66.69  ? 3   DC  F "C1'" 1 
ATOM   294 N N1    . DC  B 1 3  ? -8.690  -1.318  -12.810 1.00 66.20  ? 3   DC  F N1    1 
ATOM   295 C C2    . DC  B 1 3  ? -10.049 -1.213  -12.508 1.00 59.93  ? 3   DC  F C2    1 
ATOM   296 O O2    . DC  B 1 3  ? -10.454 -0.200  -11.915 1.00 63.16  ? 3   DC  F O2    1 
ATOM   297 N N3    . DC  B 1 3  ? -10.881 -2.230  -12.837 1.00 60.44  ? 3   DC  F N3    1 
ATOM   298 C C4    . DC  B 1 3  ? -10.403 -3.306  -13.467 1.00 58.98  ? 3   DC  F C4    1 
ATOM   299 N N4    . DC  B 1 3  ? -11.262 -4.279  -13.783 1.00 61.14  ? 3   DC  F N4    1 
ATOM   300 C C5    . DC  B 1 3  ? -9.025  -3.435  -13.796 1.00 63.73  ? 3   DC  F C5    1 
ATOM   301 C C6    . DC  B 1 3  ? -8.211  -2.420  -13.464 1.00 69.35  ? 3   DC  F C6    1 
ATOM   302 P P     . DA  B 1 4  ? -4.656  1.946   -10.544 1.00 87.43  ? 4   DA  F P     1 
ATOM   303 O OP1   . DA  B 1 4  ? -4.285  3.378   -10.482 1.00 66.08  ? 4   DA  F OP1   1 
ATOM   304 O OP2   . DA  B 1 4  ? -3.643  0.848   -10.665 1.00 66.89  ? 4   DA  F OP2   1 
ATOM   305 O "O5'" . DA  B 1 4  ? -5.504  1.725   -9.216  1.00 70.23  ? 4   DA  F "O5'" 1 
ATOM   306 C "C5'" . DA  B 1 4  ? -6.679  2.501   -8.961  1.00 62.18  ? 4   DA  F "C5'" 1 
ATOM   307 C "C4'" . DA  B 1 4  ? -7.447  1.819   -7.857  1.00 59.41  ? 4   DA  F "C4'" 1 
ATOM   308 O "O4'" . DA  B 1 4  ? -8.232  0.732   -8.416  1.00 52.31  ? 4   DA  F "O4'" 1 
ATOM   309 C "C3'" . DA  B 1 4  ? -6.521  1.175   -6.826  1.00 57.84  ? 4   DA  F "C3'" 1 
ATOM   310 O "O3'" . DA  B 1 4  ? -7.183  1.250   -5.580  1.00 60.82  ? 4   DA  F "O3'" 1 
ATOM   311 C "C2'" . DA  B 1 4  ? -6.450  -0.266  -7.286  1.00 58.90  ? 4   DA  F "C2'" 1 
ATOM   312 C "C1'" . DA  B 1 4  ? -7.880  -0.453  -7.742  1.00 57.84  ? 4   DA  F "C1'" 1 
ATOM   313 N N9    . DA  B 1 4  ? -8.140  -1.592  -8.612  1.00 54.71  ? 4   DA  F N9    1 
ATOM   314 C C8    . DA  B 1 4  ? -7.275  -2.465  -9.228  1.00 54.84  ? 4   DA  F C8    1 
ATOM   315 N N7    . DA  B 1 4  ? -7.877  -3.437  -9.873  1.00 64.69  ? 4   DA  F N7    1 
ATOM   316 C C5    . DA  B 1 4  ? -9.228  -3.194  -9.656  1.00 49.98  ? 4   DA  F C5    1 
ATOM   317 C C6    . DA  B 1 4  ? -10.392 -3.878  -10.046 1.00 50.08  ? 4   DA  F C6    1 
ATOM   318 N N6    . DA  B 1 4  ? -10.396 -4.974  -10.811 1.00 52.10  ? 4   DA  F N6    1 
ATOM   319 N N1    . DA  B 1 4  ? -11.580 -3.358  -9.668  1.00 49.41  ? 4   DA  F N1    1 
ATOM   320 C C2    . DA  B 1 4  ? -11.586 -2.249  -8.920  1.00 46.33  ? 4   DA  F C2    1 
ATOM   321 N N3    . DA  B 1 4  ? -10.564 -1.530  -8.475  1.00 53.51  ? 4   DA  F N3    1 
ATOM   322 C C4    . DA  B 1 4  ? -9.400  -2.062  -8.882  1.00 53.97  ? 4   DA  F C4    1 
ATOM   323 P P     . DA  B 1 5  ? -6.804  2.379   -4.573  1.00 60.07  ? 5   DA  F P     1 
ATOM   324 O OP1   . DA  B 1 5  ? -6.642  3.639   -5.341  1.00 64.37  ? 5   DA  F OP1   1 
ATOM   325 O OP2   . DA  B 1 5  ? -5.687  1.888   -3.725  1.00 51.63  ? 5   DA  F OP2   1 
ATOM   326 O "O5'" . DA  B 1 5  ? -8.138  2.513   -3.712  1.00 54.31  ? 5   DA  F "O5'" 1 
ATOM   327 C "C5'" . DA  B 1 5  ? -9.375  2.871   -4.364  1.00 51.58  ? 5   DA  F "C5'" 1 
ATOM   328 C "C4'" . DA  B 1 5  ? -10.476 1.928   -3.939  1.00 54.17  ? 5   DA  F "C4'" 1 
ATOM   329 O "O4'" . DA  B 1 5  ? -10.355 0.745   -4.753  1.00 59.80  ? 5   DA  F "O4'" 1 
ATOM   330 C "C3'" . DA  B 1 5  ? -10.387 1.443   -2.482  1.00 58.89  ? 5   DA  F "C3'" 1 
ATOM   331 O "O3'" . DA  B 1 5  ? -11.649 1.542   -1.829  1.00 65.64  ? 5   DA  F "O3'" 1 
ATOM   332 C "C2'" . DA  B 1 5  ? -10.004 -0.023  -2.599  1.00 54.82  ? 5   DA  F "C2'" 1 
ATOM   333 C "C1'" . DA  B 1 5  ? -10.589 -0.388  -3.947  1.00 55.87  ? 5   DA  F "C1'" 1 
ATOM   334 N N9    . DA  B 1 5  ? -9.995  -1.540  -4.625  1.00 53.26  ? 5   DA  F N9    1 
ATOM   335 C C8    . DA  B 1 5  ? -8.672  -1.847  -4.834  1.00 47.63  ? 5   DA  F C8    1 
ATOM   336 N N7    . DA  B 1 5  ? -8.487  -2.947  -5.524  1.00 50.44  ? 5   DA  F N7    1 
ATOM   337 C C5    . DA  B 1 5  ? -9.771  -3.415  -5.754  1.00 45.75  ? 5   DA  F C5    1 
ATOM   338 C C6    . DA  B 1 5  ? -10.257 -4.550  -6.411  1.00 48.11  ? 5   DA  F C6    1 
ATOM   339 N N6    . DA  B 1 5  ? -9.476  -5.467  -6.986  1.00 48.49  ? 5   DA  F N6    1 
ATOM   340 N N1    . DA  B 1 5  ? -11.598 -4.718  -6.466  1.00 52.26  ? 5   DA  F N1    1 
ATOM   341 C C2    . DA  B 1 5  ? -12.383 -3.814  -5.867  1.00 52.45  ? 5   DA  F C2    1 
ATOM   342 N N3    . DA  B 1 5  ? -12.041 -2.706  -5.219  1.00 47.40  ? 5   DA  F N3    1 
ATOM   343 C C4    . DA  B 1 5  ? -10.710 -2.553  -5.214  1.00 47.65  ? 5   DA  F C4    1 
HETATM 344 N N1    . 5CM B 1 6  ? -11.466 -4.215  -1.960  1.00 46.58  ? 6   5CM F N1    1 
HETATM 345 C C2    . 5CM B 1 6  ? -11.569 -5.312  -2.815  1.00 50.08  ? 6   5CM F C2    1 
HETATM 346 N N3    . 5CM B 1 6  ? -10.440 -5.853  -3.346  1.00 47.00  ? 6   5CM F N3    1 
HETATM 347 C C4    . 5CM B 1 6  ? -9.192  -5.381  -3.070  1.00 50.35  ? 6   5CM F C4    1 
HETATM 348 C C5    . 5CM B 1 6  ? -9.073  -4.207  -2.190  1.00 51.57  ? 6   5CM F C5    1 
HETATM 349 C C5A   . 5CM B 1 6  ? -7.717  -3.582  -1.857  1.00 49.48  ? 6   5CM F C5A   1 
HETATM 350 C C6    . 5CM B 1 6  ? -10.252 -3.708  -1.677  1.00 44.36  ? 6   5CM F C6    1 
HETATM 351 O O2    . 5CM B 1 6  ? -12.710 -5.811  -3.066  1.00 43.66  ? 6   5CM F O2    1 
HETATM 352 N N4    . 5CM B 1 6  ? -8.052  -5.941  -3.609  1.00 47.28  ? 6   5CM F N4    1 
HETATM 353 C "C1'" . 5CM B 1 6  ? -12.719 -3.627  -1.382  1.00 56.53  ? 6   5CM F "C1'" 1 
HETATM 354 C "C2'" . 5CM B 1 6  ? -12.729 -3.212  0.110   1.00 55.89  ? 6   5CM F "C2'" 1 
HETATM 355 C "C3'" . 5CM B 1 6  ? -14.041 -2.419  0.167   1.00 59.00  ? 6   5CM F "C3'" 1 
HETATM 356 C "C4'" . 5CM B 1 6  ? -14.034 -1.682  -1.155  1.00 65.40  ? 6   5CM F "C4'" 1 
HETATM 357 O "O4'" . 5CM B 1 6  ? -13.147 -2.405  -2.041  1.00 62.25  ? 6   5CM F "O4'" 1 
HETATM 358 O "O3'" . 5CM B 1 6  ? -15.223 -3.240  0.009   1.00 69.52  ? 6   5CM F "O3'" 1 
HETATM 359 C "C5'" . 5CM B 1 6  ? -13.617 -0.229  -0.996  1.00 60.12  ? 6   5CM F "C5'" 1 
HETATM 360 O "O5'" . 5CM B 1 6  ? -12.440 -0.205  -0.238  1.00 57.86  ? 6   5CM F "O5'" 1 
HETATM 361 P P     . 5CM B 1 6  ? -11.783 1.247   -0.235  1.00 58.40  ? 6   5CM F P     1 
HETATM 362 O OP1   . 5CM B 1 6  ? -12.840 2.181   0.300   1.00 75.43  ? 6   5CM F OP1   1 
HETATM 363 O OP2   . 5CM B 1 6  ? -10.413 1.106   0.344   1.00 53.81  ? 6   5CM F OP2   1 
ATOM   364 P P     . DG  B 1 7  ? -15.977 -3.909  1.289   1.00 71.15  ? 7   DG  F P     1 
ATOM   365 O OP1   . DG  B 1 7  ? -17.337 -3.346  1.342   1.00 78.57  ? 7   DG  F OP1   1 
ATOM   366 O OP2   . DG  B 1 7  ? -15.085 -3.762  2.460   1.00 61.52  ? 7   DG  F OP2   1 
ATOM   367 O "O5'" . DG  B 1 7  ? -16.166 -5.434  0.847   1.00 70.71  ? 7   DG  F "O5'" 1 
ATOM   368 C "C5'" . DG  B 1 7  ? -16.894 -5.741  -0.361  1.00 71.38  ? 7   DG  F "C5'" 1 
ATOM   369 C "C4'" . DG  B 1 7  ? -16.944 -7.227  -0.653  1.00 72.15  ? 7   DG  F "C4'" 1 
ATOM   370 O "O4'" . DG  B 1 7  ? -15.737 -7.703  -1.306  1.00 69.30  ? 7   DG  F "O4'" 1 
ATOM   371 C "C3'" . DG  B 1 7  ? -17.151 -8.132  0.557   1.00 65.57  ? 7   DG  F "C3'" 1 
ATOM   372 O "O3'" . DG  B 1 7  ? -18.000 -9.201  0.158   1.00 72.17  ? 7   DG  F "O3'" 1 
ATOM   373 C "C2'" . DG  B 1 7  ? -15.759 -8.641  0.859   1.00 67.55  ? 7   DG  F "C2'" 1 
ATOM   374 C "C1'" . DG  B 1 7  ? -15.113 -8.720  -0.519  1.00 66.04  ? 7   DG  F "C1'" 1 
ATOM   375 N N9    . DG  B 1 7  ? -13.689 -8.416  -0.474  1.00 59.41  ? 7   DG  F N9    1 
ATOM   376 C C8    . DG  B 1 7  ? -13.139 -7.285  0.080   1.00 52.83  ? 7   DG  F C8    1 
ATOM   377 N N7    . DG  B 1 7  ? -11.842 -7.232  -0.048  1.00 48.05  ? 7   DG  F N7    1 
ATOM   378 C C5    . DG  B 1 7  ? -11.514 -8.409  -0.708  1.00 56.31  ? 7   DG  F C5    1 
ATOM   379 C C6    . DG  B 1 7  ? -10.255 -8.906  -1.105  1.00 51.32  ? 7   DG  F C6    1 
ATOM   380 O O6    . DG  B 1 7  ? -9.140  -8.391  -0.930  1.00 50.85  ? 7   DG  F O6    1 
ATOM   381 N N1    . DG  B 1 7  ? -10.372 -10.105 -1.805  1.00 47.35  ? 7   DG  F N1    1 
ATOM   382 C C2    . DG  B 1 7  ? -11.552 -10.779 -2.021  1.00 59.14  ? 7   DG  F C2    1 
ATOM   383 N N2    . DG  B 1 7  ? -11.458 -11.948 -2.680  1.00 55.44  ? 7   DG  F N2    1 
ATOM   384 N N3    . DG  B 1 7  ? -12.740 -10.327 -1.635  1.00 47.89  ? 7   DG  F N3    1 
ATOM   385 C C4    . DG  B 1 7  ? -12.644 -9.148  -0.987  1.00 50.41  ? 7   DG  F C4    1 
ATOM   386 P P     . DT  B 1 8  ? -18.465 -10.298 1.222   1.00 82.05  ? 8   DT  F P     1 
ATOM   387 O OP1   . DT  B 1 8  ? -19.809 -10.780 0.804   1.00 79.67  ? 8   DT  F OP1   1 
ATOM   388 O OP2   . DT  B 1 8  ? -18.198 -9.779  2.596   1.00 67.23  ? 8   DT  F OP2   1 
ATOM   389 O "O5'" . DT  B 1 8  ? -17.410 -11.469 1.026   1.00 70.36  ? 8   DT  F "O5'" 1 
ATOM   390 C "C5'" . DT  B 1 8  ? -17.340 -12.145 -0.216  1.00 74.19  ? 8   DT  F "C5'" 1 
ATOM   391 C "C4'" . DT  B 1 8  ? -16.279 -13.207 -0.115  1.00 82.15  ? 8   DT  F "C4'" 1 
ATOM   392 O "O4'" . DT  B 1 8  ? -14.969 -12.596 -0.089  1.00 76.97  ? 8   DT  F "O4'" 1 
ATOM   393 C "C3'" . DT  B 1 8  ? -16.368 -14.068 1.146   1.00 80.14  ? 8   DT  F "C3'" 1 
ATOM   394 O "O3'" . DT  B 1 8  ? -16.284 -15.415 0.693   1.00 89.03  ? 8   DT  F "O3'" 1 
ATOM   395 C "C2'" . DT  B 1 8  ? -15.124 -13.696 1.937   1.00 75.73  ? 8   DT  F "C2'" 1 
ATOM   396 C "C1'" . DT  B 1 8  ? -14.164 -13.312 0.827   1.00 73.47  ? 8   DT  F "C1'" 1 
ATOM   397 N N1    . DT  B 1 8  ? -13.055 -12.434 1.205   1.00 56.81  ? 8   DT  F N1    1 
ATOM   398 C C2    . DT  B 1 8  ? -11.783 -12.711 0.760   1.00 61.38  ? 8   DT  F C2    1 
ATOM   399 O O2    . DT  B 1 8  ? -11.503 -13.719 0.130   1.00 61.83  ? 8   DT  F O2    1 
ATOM   400 N N3    . DT  B 1 8  ? -10.840 -11.771 1.108   1.00 51.59  ? 8   DT  F N3    1 
ATOM   401 C C4    . DT  B 1 8  ? -11.044 -10.622 1.845   1.00 53.09  ? 8   DT  F C4    1 
ATOM   402 O O4    . DT  B 1 8  ? -10.093 -9.881  2.105   1.00 60.84  ? 8   DT  F O4    1 
ATOM   403 C C5    . DT  B 1 8  ? -12.411 -10.376 2.231   1.00 54.82  ? 8   DT  F C5    1 
ATOM   404 C C7    . DT  B 1 8  ? -12.733 -9.158  3.034   1.00 55.65  ? 8   DT  F C7    1 
ATOM   405 C C6    . DT  B 1 8  ? -13.332 -11.286 1.901   1.00 56.26  ? 8   DT  F C6    1 
ATOM   406 P P     . DT  B 1 9  ? -16.747 -16.604 1.626   1.00 87.14  ? 9   DT  F P     1 
ATOM   407 O OP1   . DT  B 1 9  ? -18.048 -17.062 1.107   1.00 91.22  ? 9   DT  F OP1   1 
ATOM   408 O OP2   . DT  B 1 9  ? -16.650 -16.184 3.067   1.00 79.60  ? 9   DT  F OP2   1 
ATOM   409 O "O5'" . DT  B 1 9  ? -15.644 -17.729 1.349   1.00 82.22  ? 9   DT  F "O5'" 1 
ATOM   410 C "C5'" . DT  B 1 9  ? -14.453 -17.534 0.533   1.00 84.11  ? 9   DT  F "C5'" 1 
ATOM   411 C "C4'" . DT  B 1 9  ? -13.237 -18.090 1.245   1.00 85.92  ? 9   DT  F "C4'" 1 
ATOM   412 O "O4'" . DT  B 1 9  ? -12.316 -17.013 1.582   1.00 79.97  ? 9   DT  F "O4'" 1 
ATOM   413 C "C3'" . DT  B 1 9  ? -13.553 -18.785 2.578   1.00 92.12  ? 9   DT  F "C3'" 1 
ATOM   414 O "O3'" . DT  B 1 9  ? -12.644 -19.866 2.850   1.00 93.23  ? 9   DT  F "O3'" 1 
ATOM   415 C "C2'" . DT  B 1 9  ? -13.349 -17.665 3.580   1.00 86.01  ? 9   DT  F "C2'" 1 
ATOM   416 C "C1'" . DT  B 1 9  ? -12.091 -17.052 2.984   1.00 81.00  ? 9   DT  F "C1'" 1 
ATOM   417 N N1    . DT  B 1 9  ? -11.708 -15.709 3.434   1.00 71.27  ? 9   DT  F N1    1 
ATOM   418 C C2    . DT  B 1 9  ? -10.397 -15.362 3.225   1.00 65.38  ? 9   DT  F C2    1 
ATOM   419 O O2    . DT  B 1 9  ? -9.613  -16.077 2.630   1.00 64.95  ? 9   DT  F O2    1 
ATOM   420 N N3    . DT  B 1 9  ? -10.050 -14.121 3.692   1.00 64.23  ? 9   DT  F N3    1 
ATOM   421 C C4    . DT  B 1 9  ? -10.859 -13.228 4.365   1.00 74.19  ? 9   DT  F C4    1 
ATOM   422 O O4    . DT  B 1 9  ? -10.402 -12.150 4.733   1.00 73.81  ? 9   DT  F O4    1 
ATOM   423 C C5    . DT  B 1 9  ? -12.217 -13.679 4.594   1.00 74.21  ? 9   DT  F C5    1 
ATOM   424 C C7    . DT  B 1 9  ? -13.174 -12.777 5.310   1.00 76.51  ? 9   DT  F C7    1 
ATOM   425 C C6    . DT  B 1 9  ? -12.564 -14.888 4.136   1.00 68.49  ? 9   DT  F C6    1 
ATOM   426 P P     . DG  B 1 10 ? -13.172 -21.405 2.948   1.00 91.53  ? 10  DG  F P     1 
ATOM   427 O OP1   . DG  B 1 10 ? -13.734 -21.789 1.629   1.00 81.50  ? 10  DG  F OP1   1 
ATOM   428 O OP2   . DG  B 1 10 ? -13.997 -21.544 4.162   1.00 74.93  ? 10  DG  F OP2   1 
ATOM   429 O "O5'" . DG  B 1 10 ? -11.803 -22.200 3.061   1.00 88.93  ? 10  DG  F "O5'" 1 
ATOM   430 C "C5'" . DG  B 1 10 ? -10.802 -22.004 2.042   1.00 88.07  ? 10  DG  F "C5'" 1 
ATOM   431 C "C4'" . DG  B 1 10 ? -9.417  -22.050 2.641   1.00 87.88  ? 10  DG  F "C4'" 1 
ATOM   432 O "O4'" . DG  B 1 10 ? -9.100  -20.795 3.287   1.00 85.25  ? 10  DG  F "O4'" 1 
ATOM   433 C "C3'" . DG  B 1 10 ? -9.245  -23.105 3.723   1.00 88.24  ? 10  DG  F "C3'" 1 
ATOM   434 O "O3'" . DG  B 1 10 ? -7.861  -23.411 3.783   1.00 85.15  ? 10  DG  F "O3'" 1 
ATOM   435 C "C2'" . DG  B 1 10 ? -9.634  -22.353 4.977   1.00 91.34  ? 10  DG  F "C2'" 1 
ATOM   436 C "C1'" . DG  B 1 10 ? -9.035  -20.979 4.698   1.00 83.55  ? 10  DG  F "C1'" 1 
ATOM   437 N N9    . DG  B 1 10 ? -9.727  -19.860 5.326   1.00 76.88  ? 10  DG  F N9    1 
ATOM   438 C C8    . DG  B 1 10 ? -11.027 -19.814 5.774   1.00 71.94  ? 10  DG  F C8    1 
ATOM   439 N N7    . DG  B 1 10 ? -11.346 -18.658 6.292   1.00 77.59  ? 10  DG  F N7    1 
ATOM   440 C C5    . DG  B 1 10 ? -10.188 -17.900 6.185   1.00 73.62  ? 10  DG  F C5    1 
ATOM   441 C C6    . DG  B 1 10 ? -9.924  -16.563 6.580   1.00 64.85  ? 10  DG  F C6    1 
ATOM   442 O O6    . DG  B 1 10 ? -10.690 -15.750 7.102   1.00 80.86  ? 10  DG  F O6    1 
ATOM   443 N N1    . DG  B 1 10 ? -8.611  -16.199 6.306   1.00 57.53  ? 10  DG  F N1    1 
ATOM   444 C C2    . DG  B 1 10 ? -7.683  -16.996 5.684   1.00 54.98  ? 10  DG  F C2    1 
ATOM   445 N N2    . DG  B 1 10 ? -6.462  -16.456 5.509   1.00 51.01  ? 10  DG  F N2    1 
ATOM   446 N N3    . DG  B 1 10 ? -7.916  -18.242 5.306   1.00 60.65  ? 10  DG  F N3    1 
ATOM   447 C C4    . DG  B 1 10 ? -9.181  -18.626 5.586   1.00 72.98  ? 10  DG  F C4    1 
ATOM   448 P P     . DG  B 1 11 ? -7.385  -24.862 4.186   1.00 85.42  ? 11  DG  F P     1 
ATOM   449 O OP1   . DG  B 1 11 ? -7.226  -25.644 2.938   1.00 94.17  ? 11  DG  F OP1   1 
ATOM   450 O OP2   . DG  B 1 11 ? -8.268  -25.369 5.266   1.00 77.75  ? 11  DG  F OP2   1 
ATOM   451 O "O5'" . DG  B 1 11 ? -5.907  -24.571 4.685   1.00 78.39  ? 11  DG  F "O5'" 1 
ATOM   452 C "C5'" . DG  B 1 11 ? -5.048  -23.755 3.879   1.00 77.34  ? 11  DG  F "C5'" 1 
ATOM   453 C "C4'" . DG  B 1 11 ? -4.159  -22.954 4.792   1.00 77.89  ? 11  DG  F "C4'" 1 
ATOM   454 O "O4'" . DG  B 1 11 ? -4.909  -21.854 5.356   1.00 75.08  ? 11  DG  F "O4'" 1 
ATOM   455 C "C3'" . DG  B 1 11 ? -3.656  -23.776 5.975   1.00 78.74  ? 11  DG  F "C3'" 1 
ATOM   456 O "O3'" . DG  B 1 11 ? -2.269  -23.543 6.154   1.00 73.98  ? 11  DG  F "O3'" 1 
ATOM   457 C "C2'" . DG  B 1 11 ? -4.501  -23.298 7.144   1.00 77.86  ? 11  DG  F "C2'" 1 
ATOM   458 C "C1'" . DG  B 1 11 ? -4.774  -21.852 6.765   1.00 70.12  ? 11  DG  F "C1'" 1 
ATOM   459 N N9    . DG  B 1 11 ? -5.994  -21.284 7.324   1.00 65.41  ? 11  DG  F N9    1 
ATOM   460 C C8    . DG  B 1 11 ? -7.225  -21.886 7.438   1.00 67.04  ? 11  DG  F C8    1 
ATOM   461 N N7    . DG  B 1 11 ? -8.126  -21.114 7.980   1.00 64.80  ? 11  DG  F N7    1 
ATOM   462 C C5    . DG  B 1 11 ? -7.452  -19.926 8.227   1.00 60.82  ? 11  DG  F C5    1 
ATOM   463 C C6    . DG  B 1 11 ? -7.909  -18.719 8.809   1.00 62.30  ? 11  DG  F C6    1 
ATOM   464 O O6    . DG  B 1 11 ? -9.042  -18.449 9.231   1.00 65.33  ? 11  DG  F O6    1 
ATOM   465 N N1    . DG  B 1 11 ? -6.888  -17.772 8.891   1.00 50.71  ? 11  DG  F N1    1 
ATOM   466 C C2    . DG  B 1 11 ? -5.593  -17.969 8.481   1.00 57.06  ? 11  DG  F C2    1 
ATOM   467 N N2    . DG  B 1 11 ? -4.745  -16.946 8.670   1.00 55.64  ? 11  DG  F N2    1 
ATOM   468 N N3    . DG  B 1 11 ? -5.154  -19.096 7.944   1.00 58.77  ? 11  DG  F N3    1 
ATOM   469 C C4    . DG  B 1 11 ? -6.130  -20.023 7.848   1.00 62.54  ? 11  DG  F C4    1 
ATOM   470 P P     . DC  B 1 12 ? -1.559  -24.305 7.302   1.00 86.40  ? 12  DC  F P     1 
ATOM   471 O OP1   . DC  B 1 12 ? -0.149  -24.545 6.914   1.00 70.24  ? 12  DC  F OP1   1 
ATOM   472 O OP2   . DC  B 1 12 ? -2.456  -25.416 7.686   1.00 66.14  ? 12  DC  F OP2   1 
ATOM   473 O "O5'" . DC  B 1 12 ? -1.490  -23.212 8.454   1.00 81.41  ? 12  DC  F "O5'" 1 
ATOM   474 C "C5'" . DC  B 1 12 ? -0.429  -22.246 8.457   1.00 75.69  ? 12  DC  F "C5'" 1 
ATOM   475 C "C4'" . DC  B 1 12 ? -0.733  -21.191 9.493   1.00 76.91  ? 12  DC  F "C4'" 1 
ATOM   476 O "O4'" . DC  B 1 12 ? -2.144  -20.907 9.456   1.00 77.76  ? 12  DC  F "O4'" 1 
ATOM   477 C "C3'" . DC  B 1 12 ? -0.451  -21.622 10.930  1.00 70.90  ? 12  DC  F "C3'" 1 
ATOM   478 O "O3'" . DC  B 1 12 ? 0.832   -21.124 11.318  1.00 82.14  ? 12  DC  F "O3'" 1 
ATOM   479 C "C2'" . DC  B 1 12 ? -1.588  -21.006 11.734  1.00 70.31  ? 12  DC  F "C2'" 1 
ATOM   480 C "C1'" . DC  B 1 12 ? -2.497  -20.356 10.698  1.00 65.26  ? 12  DC  F "C1'" 1 
ATOM   481 N N1    . DC  B 1 12 ? -3.924  -20.595 10.894  1.00 60.00  ? 12  DC  F N1    1 
ATOM   482 C C2    . DC  B 1 12 ? -4.715  -19.545 11.369  1.00 56.21  ? 12  DC  F C2    1 
ATOM   483 O O2    . DC  B 1 12 ? -4.173  -18.464 11.639  1.00 53.87  ? 12  DC  F O2    1 
ATOM   484 N N3    . DC  B 1 12 ? -6.036  -19.745 11.557  1.00 51.62  ? 12  DC  F N3    1 
ATOM   485 C C4    . DC  B 1 12 ? -6.573  -20.936 11.288  1.00 53.97  ? 12  DC  F C4    1 
ATOM   486 N N4    . DC  B 1 12 ? -7.877  -21.086 11.492  1.00 60.04  ? 12  DC  F N4    1 
ATOM   487 C C5    . DC  B 1 12 ? -5.799  -22.014 10.762  1.00 52.21  ? 12  DC  F C5    1 
ATOM   488 C C6    . DC  B 1 12 ? -4.487  -21.803 10.592  1.00 56.22  ? 12  DC  F C6    1 
ATOM   489 N N     . ASN C 2 14 ? 4.719   11.122  -4.107  1.00 112.64 ? 79  ASN A N     1 
ATOM   490 C CA    . ASN C 2 14 ? 3.256   11.307  -4.286  1.00 113.55 ? 79  ASN A CA    1 
ATOM   491 C C     . ASN C 2 14 ? 2.791   12.439  -3.364  1.00 111.51 ? 79  ASN A C     1 
ATOM   492 O O     . ASN C 2 14 ? 3.403   13.521  -3.378  1.00 102.55 ? 79  ASN A O     1 
ATOM   493 C CB    . ASN C 2 14 ? 2.493   10.010  -3.996  1.00 107.80 ? 79  ASN A CB    1 
ATOM   494 C CG    . ASN C 2 14 ? 1.702   9.489   -5.179  1.00 110.04 ? 79  ASN A CG    1 
ATOM   495 O OD1   . ASN C 2 14 ? 1.021   10.246  -5.864  1.00 88.52  ? 79  ASN A OD1   1 
ATOM   496 N ND2   . ASN C 2 14 ? 1.772   8.195   -5.426  1.00 111.23 ? 79  ASN A ND2   1 
ATOM   497 N N     . TRP C 2 15 ? 1.735   12.164  -2.602  1.00 97.34  ? 80  TRP A N     1 
ATOM   498 C CA    . TRP C 2 15 ? 1.129   13.085  -1.609  1.00 89.90  ? 80  TRP A CA    1 
ATOM   499 C C     . TRP C 2 15 ? 1.295   12.474  -0.216  1.00 81.74  ? 80  TRP A C     1 
ATOM   500 O O     . TRP C 2 15 ? 0.905   13.101  0.764   1.00 69.31  ? 80  TRP A O     1 
ATOM   501 C CB    . TRP C 2 15 ? -0.349  13.201  -1.947  1.00 99.13  ? 80  TRP A CB    1 
ATOM   502 C CG    . TRP C 2 15 ? -0.925  11.849  -2.217  1.00 102.10 ? 80  TRP A CG    1 
ATOM   503 C CD1   . TRP C 2 15 ? -1.140  11.275  -3.431  1.00 100.90 ? 80  TRP A CD1   1 
ATOM   504 C CD2   . TRP C 2 15 ? -1.313  10.874  -1.240  1.00 98.24  ? 80  TRP A CD2   1 
ATOM   505 N NE1   . TRP C 2 15 ? -1.660  10.022  -3.275  1.00 98.39  ? 80  TRP A NE1   1 
ATOM   506 C CE2   . TRP C 2 15 ? -1.777  9.749   -1.944  1.00 91.04  ? 80  TRP A CE2   1 
ATOM   507 C CE3   . TRP C 2 15 ? -1.342  10.852  0.155   1.00 100.07 ? 80  TRP A CE3   1 
ATOM   508 C CZ2   . TRP C 2 15 ? -2.252  8.615   -1.300  1.00 97.51  ? 80  TRP A CZ2   1 
ATOM   509 C CZ3   . TRP C 2 15 ? -1.808  9.729   0.793   1.00 94.66  ? 80  TRP A CZ3   1 
ATOM   510 C CH2   . TRP C 2 15 ? -2.258  8.626   0.074   1.00 99.20  ? 80  TRP A CH2   1 
ATOM   511 N N     . LEU C 2 16 ? 1.998   11.349  -0.191  1.00 75.97  ? 81  LEU A N     1 
ATOM   512 C CA    . LEU C 2 16 ? 2.295   10.580  1.034   1.00 77.56  ? 81  LEU A CA    1 
ATOM   513 C C     . LEU C 2 16 ? 3.307   11.347  1.868   1.00 68.81  ? 81  LEU A C     1 
ATOM   514 O O     . LEU C 2 16 ? 4.155   12.009  1.298   1.00 75.88  ? 81  LEU A O     1 
ATOM   515 C CB    . LEU C 2 16 ? 2.951   9.270   0.603   1.00 82.72  ? 81  LEU A CB    1 
ATOM   516 C CG    . LEU C 2 16 ? 2.010   8.113   0.315   1.00 78.93  ? 81  LEU A CG    1 
ATOM   517 C CD1   . LEU C 2 16 ? 2.761   7.008   -0.388  1.00 77.13  ? 81  LEU A CD1   1 
ATOM   518 C CD2   . LEU C 2 16 ? 1.413   7.598   1.602   1.00 84.25  ? 81  LEU A CD2   1 
ATOM   519 N N     . PRO C 2 17 ? 3.302   11.195  3.201   1.00 66.27  ? 82  PRO A N     1 
ATOM   520 C CA    . PRO C 2 17 ? 4.290   11.841  4.047   1.00 70.68  ? 82  PRO A CA    1 
ATOM   521 C C     . PRO C 2 17 ? 5.681   11.188  4.001   1.00 78.16  ? 82  PRO A C     1 
ATOM   522 O O     . PRO C 2 17 ? 5.893   10.207  3.347   1.00 73.28  ? 82  PRO A O     1 
ATOM   523 C CB    . PRO C 2 17 ? 3.701   11.650  5.449   1.00 67.40  ? 82  PRO A CB    1 
ATOM   524 C CG    . PRO C 2 17 ? 2.263   11.306  5.213   1.00 65.71  ? 82  PRO A CG    1 
ATOM   525 C CD    . PRO C 2 17 ? 2.290   10.485  3.954   1.00 65.79  ? 82  PRO A CD    1 
ATOM   526 N N     . PRO C 2 18 ? 6.666   11.720  4.739   1.00 83.06  ? 83  PRO A N     1 
ATOM   527 C CA    . PRO C 2 18 ? 8.000   11.144  4.731   1.00 83.06  ? 83  PRO A CA    1 
ATOM   528 C C     . PRO C 2 18 ? 8.045   9.734   5.327   1.00 75.99  ? 83  PRO A C     1 
ATOM   529 O O     . PRO C 2 18 ? 7.301   9.464   6.216   1.00 73.44  ? 83  PRO A O     1 
ATOM   530 C CB    . PRO C 2 18 ? 8.763   12.064  5.688   1.00 85.17  ? 83  PRO A CB    1 
ATOM   531 C CG    . PRO C 2 18 ? 7.986   13.343  5.669   1.00 79.54  ? 83  PRO A CG    1 
ATOM   532 C CD    . PRO C 2 18 ? 6.550   12.893  5.588   1.00 82.87  ? 83  PRO A CD    1 
ATOM   533 N N     . GLY C 2 19 ? 8.909   8.878   4.789   1.00 71.36  ? 84  GLY A N     1 
ATOM   534 C CA    . GLY C 2 19 ? 9.111   7.527   5.340   1.00 71.53  ? 84  GLY A CA    1 
ATOM   535 C C     . GLY C 2 19 ? 8.002   6.549   5.028   1.00 67.70  ? 84  GLY A C     1 
ATOM   536 O O     . GLY C 2 19 ? 7.888   5.565   5.750   1.00 72.32  ? 84  GLY A O     1 
ATOM   537 N N     . TRP C 2 20 ? 7.201   6.824   4.008   1.00 67.13  ? 85  TRP A N     1 
ATOM   538 C CA    . TRP C 2 20 ? 6.129   5.877   3.626   1.00 64.12  ? 85  TRP A CA    1 
ATOM   539 C C     . TRP C 2 20 ? 6.645   5.060   2.448   1.00 75.87  ? 85  TRP A C     1 
ATOM   540 O O     . TRP C 2 20 ? 7.105   5.665   1.476   1.00 67.68  ? 85  TRP A O     1 
ATOM   541 C CB    . TRP C 2 20 ? 4.828   6.606   3.292   1.00 60.71  ? 85  TRP A CB    1 
ATOM   542 C CG    . TRP C 2 20 ? 3.997   6.880   4.502   1.00 66.14  ? 85  TRP A CG    1 
ATOM   543 C CD1   . TRP C 2 20 ? 4.138   7.917   5.370   1.00 69.17  ? 85  TRP A CD1   1 
ATOM   544 C CD2   . TRP C 2 20 ? 2.914   6.085   5.002   1.00 62.31  ? 85  TRP A CD2   1 
ATOM   545 N NE1   . TRP C 2 20 ? 3.216   7.827   6.368   1.00 64.39  ? 85  TRP A NE1   1 
ATOM   546 C CE2   . TRP C 2 20 ? 2.449   6.716   6.168   1.00 70.03  ? 85  TRP A CE2   1 
ATOM   547 C CE3   . TRP C 2 20 ? 2.291   4.911   4.583   1.00 66.94  ? 85  TRP A CE3   1 
ATOM   548 C CZ2   . TRP C 2 20 ? 1.389   6.212   6.910   1.00 69.69  ? 85  TRP A CZ2   1 
ATOM   549 C CZ3   . TRP C 2 20 ? 1.247   4.410   5.319   1.00 59.64  ? 85  TRP A CZ3   1 
ATOM   550 C CH2   . TRP C 2 20 ? 0.805   5.053   6.466   1.00 68.30  ? 85  TRP A CH2   1 
ATOM   551 N N     . ARG C 2 21 ? 6.603   3.736   2.573   1.00 75.86  ? 86  ARG A N     1 
ATOM   552 C CA    . ARG C 2 21 ? 7.090   2.847   1.503   1.00 76.46  ? 86  ARG A CA    1 
ATOM   553 C C     . ARG C 2 21 ? 5.885   2.180   0.855   1.00 69.26  ? 86  ARG A C     1 
ATOM   554 O O     . ARG C 2 21 ? 4.957   1.815   1.563   1.00 63.41  ? 86  ARG A O     1 
ATOM   555 C CB    . ARG C 2 21 ? 8.023   1.774   2.068   1.00 79.23  ? 86  ARG A CB    1 
ATOM   556 C CG    . ARG C 2 21 ? 8.664   2.133   3.396   1.00 82.51  ? 86  ARG A CG    1 
ATOM   557 C CD    . ARG C 2 21 ? 8.936   0.895   4.215   1.00 94.79  ? 86  ARG A CD    1 
ATOM   558 N NE    . ARG C 2 21 ? 9.045   1.188   5.633   1.00 101.47 ? 86  ARG A NE    1 
ATOM   559 C CZ    . ARG C 2 21 ? 8.826   0.312   6.603   1.00 101.96 ? 86  ARG A CZ    1 
ATOM   560 N NH1   . ARG C 2 21 ? 8.474   -0.926  6.311   1.00 103.62 ? 86  ARG A NH1   1 
ATOM   561 N NH2   . ARG C 2 21 ? 8.955   0.681   7.861   1.00 101.82 ? 86  ARG A NH2   1 
ATOM   562 N N     . VAL C 2 22 ? 5.917   2.109   -0.465  1.00 66.20  ? 87  VAL A N     1 
ATOM   563 C CA    . VAL C 2 22 ? 4.907   1.401   -1.296  1.00 68.21  ? 87  VAL A CA    1 
ATOM   564 C C     . VAL C 2 22 ? 5.591   0.166   -1.932  1.00 74.78  ? 87  VAL A C     1 
ATOM   565 O O     . VAL C 2 22 ? 6.798   0.218   -2.274  1.00 71.84  ? 87  VAL A O     1 
ATOM   566 C CB    . VAL C 2 22 ? 4.278   2.370   -2.312  1.00 64.25  ? 87  VAL A CB    1 
ATOM   567 C CG1   . VAL C 2 22 ? 5.295   2.853   -3.336  1.00 72.81  ? 87  VAL A CG1   1 
ATOM   568 C CG2   . VAL C 2 22 ? 3.057   1.784   -3.006  1.00 62.61  ? 87  VAL A CG2   1 
ATOM   569 N N     . GLU C 2 23 ? 4.872   -0.948  -2.021  1.00 68.71  ? 88  GLU A N     1 
ATOM   570 C CA    . GLU C 2 23 ? 5.396   -2.214  -2.587  1.00 65.69  ? 88  GLU A CA    1 
ATOM   571 C C     . GLU C 2 23 ? 4.362   -2.722  -3.580  1.00 59.79  ? 88  GLU A C     1 
ATOM   572 O O     . GLU C 2 23 ? 3.150   -2.692  -3.259  1.00 61.52  ? 88  GLU A O     1 
ATOM   573 C CB    . GLU C 2 23 ? 5.747   -3.156  -1.442  1.00 68.25  ? 88  GLU A CB    1 
ATOM   574 C CG    . GLU C 2 23 ? 6.811   -2.523  -0.548  1.00 79.23  ? 88  GLU A CG    1 
ATOM   575 C CD    . GLU C 2 23 ? 7.584   -3.425  0.399   1.00 80.05  ? 88  GLU A CD    1 
ATOM   576 O OE1   . GLU C 2 23 ? 8.552   -2.922  1.018   1.00 86.77  ? 88  GLU A OE1   1 
ATOM   577 O OE2   . GLU C 2 23 ? 7.222   -4.616  0.517   1.00 75.25  ? 88  GLU A OE2   1 
ATOM   578 N N     . ASP C 2 24 ? 4.819   -3.044  -4.784  1.00 59.16  ? 89  ASP A N     1 
ATOM   579 C CA    . ASP C 2 24 ? 4.043   -3.847  -5.772  1.00 65.02  ? 89  ASP A CA    1 
ATOM   580 C C     . ASP C 2 24 ? 4.255   -5.333  -5.480  1.00 65.02  ? 89  ASP A C     1 
ATOM   581 O O     . ASP C 2 24 ? 5.417   -5.724  -5.201  1.00 62.73  ? 89  ASP A O     1 
ATOM   582 C CB    . ASP C 2 24 ? 4.437   -3.492  -7.200  1.00 70.47  ? 89  ASP A CB    1 
ATOM   583 C CG    . ASP C 2 24 ? 4.039   -2.075  -7.558  1.00 67.24  ? 89  ASP A CG    1 
ATOM   584 O OD1   . ASP C 2 24 ? 4.169   -1.725  -8.744  1.00 75.54  ? 89  ASP A OD1   1 
ATOM   585 O OD2   . ASP C 2 24 ? 3.566   -1.349  -6.648  1.00 75.45  ? 89  ASP A OD2   1 
ATOM   586 N N     . LYS C 2 25 ? 3.166   -6.105  -5.487  1.00 60.77  ? 90  LYS A N     1 
ATOM   587 C CA    . LYS C 2 25 ? 3.171   -7.585  -5.490  1.00 62.51  ? 90  LYS A CA    1 
ATOM   588 C C     . LYS C 2 25 ? 2.383   -8.005  -6.729  1.00 57.11  ? 90  LYS A C     1 
ATOM   589 O O     . LYS C 2 25 ? 1.253   -7.512  -6.922  1.00 54.52  ? 90  LYS A O     1 
ATOM   590 C CB    . LYS C 2 25 ? 2.617   -8.186  -4.210  1.00 56.04  ? 90  LYS A CB    1 
ATOM   591 N N     . ILE C 2 26 ? 3.017   -8.802  -7.595  1.00 56.46  ? 91  ILE A N     1 
ATOM   592 C CA    . ILE C 2 26 ? 2.398   -9.313  -8.849  1.00 51.70  ? 91  ILE A CA    1 
ATOM   593 C C     . ILE C 2 26 ? 1.668   -10.590 -8.446  1.00 50.94  ? 91  ILE A C     1 
ATOM   594 O O     . ILE C 2 26 ? 2.224   -11.412 -7.688  1.00 54.85  ? 91  ILE A O     1 
ATOM   595 C CB    . ILE C 2 26 ? 3.467   -9.490  -9.942  1.00 56.34  ? 91  ILE A CB    1 
ATOM   596 C CG1   . ILE C 2 26 ? 4.145   -8.147  -10.221 1.00 66.37  ? 91  ILE A CG1   1 
ATOM   597 C CG2   . ILE C 2 26 ? 2.896   -10.102 -11.212 1.00 56.72  ? 91  ILE A CG2   1 
ATOM   598 C CD1   . ILE C 2 26 ? 4.927   -8.083  -11.512 1.00 67.16  ? 91  ILE A CD1   1 
ATOM   599 N N     . ARG C 2 27 ? 0.430   -10.684 -8.914  1.00 46.40  ? 92  ARG A N     1 
ATOM   600 C CA    . ARG C 2 27 ? -0.389  -11.890 -8.694  1.00 51.69  ? 92  ARG A CA    1 
ATOM   601 C C     . ARG C 2 27 ? 0.214   -12.967 -9.588  1.00 59.13  ? 92  ARG A C     1 
ATOM   602 O O     . ARG C 2 27 ? 0.194   -12.828 -10.810 1.00 45.27  ? 92  ARG A O     1 
ATOM   603 C CB    . ARG C 2 27 ? -1.856  -11.615 -9.008  1.00 50.56  ? 92  ARG A CB    1 
ATOM   604 C CG    . ARG C 2 27 ? -2.415  -10.420 -8.265  1.00 49.05  ? 92  ARG A CG    1 
ATOM   605 C CD    . ARG C 2 27 ? -3.903  -10.566 -8.153  1.00 56.11  ? 92  ARG A CD    1 
ATOM   606 N NE    . ARG C 2 27 ? -4.463  -9.504  -7.361  1.00 47.96  ? 92  ARG A NE    1 
ATOM   607 C CZ    . ARG C 2 27 ? -5.731  -9.438  -7.036  1.00 47.72  ? 92  ARG A CZ    1 
ATOM   608 N NH1   . ARG C 2 27 ? -6.556  -10.376 -7.447  1.00 46.37  ? 92  ARG A NH1   1 
ATOM   609 N NH2   . ARG C 2 27 ? -6.171  -8.439  -6.307  1.00 55.86  ? 92  ARG A NH2   1 
ATOM   610 N N     . THR C 2 28 ? 0.679   -14.031 -8.954  1.00 67.67  ? 93  THR A N     1 
ATOM   611 C CA    . THR C 2 28 ? 1.364   -15.127 -9.665  1.00 81.06  ? 93  THR A CA    1 
ATOM   612 C C     . THR C 2 28 ? 0.393   -16.189 -10.181 1.00 81.04  ? 93  THR A C     1 
ATOM   613 O O     . THR C 2 28 ? 0.710   -16.791 -11.191 1.00 101.26 ? 93  THR A O     1 
ATOM   614 C CB    . THR C 2 28 ? 2.448   -15.698 -8.755  1.00 79.45  ? 93  THR A CB    1 
ATOM   615 O OG1   . THR C 2 28 ? 3.601   -15.697 -9.588  1.00 99.27  ? 93  THR A OG1   1 
ATOM   616 C CG2   . THR C 2 28 ? 2.134   -17.081 -8.239  1.00 84.33  ? 93  THR A CG2   1 
ATOM   617 N N     . SER C 2 29 ? -0.756  -16.396 -9.550  1.00 70.27  ? 94  SER A N     1 
ATOM   618 C CA    . SER C 2 29 ? -1.616  -17.496 -10.049 1.00 78.20  ? 94  SER A CA    1 
ATOM   619 C C     . SER C 2 29 ? -3.070  -17.058 -10.192 1.00 74.37  ? 94  SER A C     1 
ATOM   620 O O     . SER C 2 29 ? -3.390  -15.944 -9.812  1.00 92.57  ? 94  SER A O     1 
ATOM   621 C CB    . SER C 2 29 ? -1.502  -18.686 -9.158  1.00 71.65  ? 94  SER A CB    1 
ATOM   622 O OG    . SER C 2 29 ? -2.570  -18.733 -8.237  1.00 65.09  ? 94  SER A OG    1 
ATOM   623 N N     . GLY C 2 30 ? -3.898  -17.951 -10.716 1.00 64.19  ? 95  GLY A N     1 
ATOM   624 C CA    . GLY C 2 30 ? -5.334  -17.690 -10.878 1.00 64.63  ? 95  GLY A CA    1 
ATOM   625 C C     . GLY C 2 30 ? -5.654  -16.928 -12.142 1.00 63.99  ? 95  GLY A C     1 
ATOM   626 O O     . GLY C 2 30 ? -4.768  -16.708 -12.950 1.00 66.50  ? 95  GLY A O     1 
ATOM   627 N N     . ALA C 2 31 ? -6.921  -16.576 -12.284 1.00 61.72  ? 96  ALA A N     1 
ATOM   628 C CA    . ALA C 2 31 ? -7.474  -15.799 -13.412 1.00 62.36  ? 96  ALA A CA    1 
ATOM   629 C C     . ALA C 2 31 ? -6.914  -14.373 -13.425 1.00 62.81  ? 96  ALA A C     1 
ATOM   630 O O     . ALA C 2 31 ? -6.851  -13.794 -14.529 1.00 72.72  ? 96  ALA A O     1 
ATOM   631 C CB    . ALA C 2 31 ? -8.986  -15.783 -13.342 1.00 65.91  ? 96  ALA A CB    1 
ATOM   632 N N     . THR C 2 32 ? -6.511  -13.824 -12.272 1.00 63.53  ? 97  THR A N     1 
ATOM   633 C CA    . THR C 2 32 ? -6.049  -12.408 -12.156 1.00 60.47  ? 97  THR A CA    1 
ATOM   634 C C     . THR C 2 32 ? -4.527  -12.315 -12.250 1.00 58.42  ? 97  THR A C     1 
ATOM   635 O O     . THR C 2 32 ? -3.999  -11.178 -12.155 1.00 55.52  ? 97  THR A O     1 
ATOM   636 C CB    . THR C 2 32 ? -6.562  -11.716 -10.890 1.00 60.32  ? 97  THR A CB    1 
ATOM   637 O OG1   . THR C 2 32 ? -6.202  -12.455 -9.720  1.00 63.48  ? 97  THR A OG1   1 
ATOM   638 C CG2   . THR C 2 32 ? -8.064  -11.510 -10.939 1.00 68.00  ? 97  THR A CG2   1 
ATOM   639 N N     . ALA C 2 33 ? -3.861  -13.441 -12.489 1.00 57.20  ? 98  ALA A N     1 
ATOM   640 C CA    . ALA C 2 33 ? -2.391  -13.555 -12.561 1.00 52.76  ? 98  ALA A CA    1 
ATOM   641 C C     . ALA C 2 33 ? -1.841  -12.453 -13.475 1.00 56.67  ? 98  ALA A C     1 
ATOM   642 O O     . ALA C 2 33 ? -2.480  -12.131 -14.513 1.00 48.93  ? 98  ALA A O     1 
ATOM   643 C CB    . ALA C 2 33 ? -2.031  -14.933 -13.065 1.00 62.00  ? 98  ALA A CB    1 
ATOM   644 N N     . GLY C 2 34 ? -0.701  -11.867 -13.098 1.00 58.10  ? 99  GLY A N     1 
ATOM   645 C CA    . GLY C 2 34 ? -0.104  -10.731 -13.827 1.00 55.82  ? 99  GLY A CA    1 
ATOM   646 C C     . GLY C 2 34 ? -0.586  -9.384  -13.323 1.00 61.58  ? 99  GLY A C     1 
ATOM   647 O O     . GLY C 2 34 ? 0.134   -8.402  -13.576 1.00 67.17  ? 99  GLY A O     1 
ATOM   648 N N     . SER C 2 35 ? -1.754  -9.329  -12.658 1.00 58.39  ? 100 SER A N     1 
ATOM   649 C CA    . SER C 2 35 ? -2.256  -8.134  -11.914 1.00 54.96  ? 100 SER A CA    1 
ATOM   650 C C     . SER C 2 35 ? -1.285  -7.757  -10.795 1.00 50.85  ? 100 SER A C     1 
ATOM   651 O O     . SER C 2 35 ? -0.660  -8.666  -10.220 1.00 59.52  ? 100 SER A O     1 
ATOM   652 C CB    . SER C 2 35 ? -3.603  -8.352  -11.309 1.00 50.24  ? 100 SER A CB    1 
ATOM   653 O OG    . SER C 2 35 ? -4.604  -8.415  -12.297 1.00 55.18  ? 100 SER A OG    1 
ATOM   654 N N     . VAL C 2 36 ? -1.236  -6.458  -10.492 1.00 51.30  ? 101 VAL A N     1 
ATOM   655 C CA    . VAL C 2 36 ? -0.431  -5.817  -9.419  1.00 53.46  ? 101 VAL A CA    1 
ATOM   656 C C     . VAL C 2 36 ? -1.377  -5.340  -8.313  1.00 57.15  ? 101 VAL A C     1 
ATOM   657 O O     . VAL C 2 36 ? -2.324  -4.657  -8.635  1.00 49.45  ? 101 VAL A O     1 
ATOM   658 C CB    . VAL C 2 36 ? 0.380   -4.640  -9.979  1.00 59.16  ? 101 VAL A CB    1 
ATOM   659 C CG1   . VAL C 2 36 ? 1.275   -4.047  -8.902  1.00 64.97  ? 101 VAL A CG1   1 
ATOM   660 C CG2   . VAL C 2 36 ? 1.208   -5.074  -11.191 1.00 65.80  ? 101 VAL A CG2   1 
ATOM   661 N N     . ASP C 2 37 ? -1.102  -5.695  -7.062  1.00 56.05  ? 102 ASP A N     1 
ATOM   662 C CA    . ASP C 2 37 ? -1.684  -5.031  -5.866  1.00 62.53  ? 102 ASP A CA    1 
ATOM   663 C C     . ASP C 2 37 ? -0.594  -4.170  -5.203  1.00 56.69  ? 102 ASP A C     1 
ATOM   664 O O     . ASP C 2 37 ? 0.584   -4.617  -5.131  1.00 55.30  ? 102 ASP A O     1 
ATOM   665 C CB    . ASP C 2 37 ? -2.252  -6.076  -4.905  1.00 63.05  ? 102 ASP A CB    1 
ATOM   666 C CG    . ASP C 2 37 ? -3.173  -7.067  -5.584  1.00 64.55  ? 102 ASP A CG    1 
ATOM   667 O OD1   . ASP C 2 37 ? -2.718  -8.173  -5.877  1.00 66.12  ? 102 ASP A OD1   1 
ATOM   668 O OD2   . ASP C 2 37 ? -4.326  -6.727  -5.812  1.00 58.98  ? 102 ASP A OD2   1 
ATOM   669 N N     . LYS C 2 38 ? -0.940  -2.962  -4.759  1.00 57.06  ? 103 LYS A N     1 
ATOM   670 C CA    . LYS C 2 38 ? 0.016   -2.117  -3.987  1.00 57.68  ? 103 LYS A CA    1 
ATOM   671 C C     . LYS C 2 38 ? -0.306  -2.218  -2.494  1.00 50.24  ? 103 LYS A C     1 
ATOM   672 O O     . LYS C 2 38 ? -1.449  -2.556  -2.139  1.00 54.86  ? 103 LYS A O     1 
ATOM   673 C CB    . LYS C 2 38 ? 0.009   -0.677  -4.494  1.00 56.17  ? 103 LYS A CB    1 
ATOM   674 C CG    . LYS C 2 38 ? 0.346   -0.509  -5.966  1.00 64.84  ? 103 LYS A CG    1 
ATOM   675 C CD    . LYS C 2 38 ? 0.677   0.918   -6.335  1.00 65.04  ? 103 LYS A CD    1 
ATOM   676 C CE    . LYS C 2 38 ? 1.379   1.021   -7.671  1.00 75.49  ? 103 LYS A CE    1 
ATOM   677 N NZ    . LYS C 2 38 ? 0.516   0.572   -8.791  1.00 79.26  ? 103 LYS A NZ    1 
ATOM   678 N N     . TYR C 2 39 ? 0.698   -1.960  -1.660  1.00 53.88  ? 104 TYR A N     1 
ATOM   679 C CA    . TYR C 2 39 ? 0.639   -1.988  -0.178  1.00 53.66  ? 104 TYR A CA    1 
ATOM   680 C C     . TYR C 2 39 ? 1.491   -0.838  0.362   1.00 60.80  ? 104 TYR A C     1 
ATOM   681 O O     . TYR C 2 39 ? 2.543   -0.492  -0.251  1.00 60.06  ? 104 TYR A O     1 
ATOM   682 C CB    . TYR C 2 39 ? 1.076   -3.346  0.385   1.00 51.94  ? 104 TYR A CB    1 
ATOM   683 C CG    . TYR C 2 39 ? 0.286   -4.515  -0.157  1.00 50.51  ? 104 TYR A CG    1 
ATOM   684 C CD1   . TYR C 2 39 ? 0.783   -5.316  -1.177  1.00 50.92  ? 104 TYR A CD1   1 
ATOM   685 C CD2   . TYR C 2 39 ? -1.005  -4.760  0.271   1.00 45.76  ? 104 TYR A CD2   1 
ATOM   686 C CE1   . TYR C 2 39 ? 0.044   -6.377  -1.693  1.00 50.10  ? 104 TYR A CE1   1 
ATOM   687 C CE2   . TYR C 2 39 ? -1.758  -5.807  -0.230  1.00 53.38  ? 104 TYR A CE2   1 
ATOM   688 C CZ    . TYR C 2 39 ? -1.228  -6.625  -1.218  1.00 52.44  ? 104 TYR A CZ    1 
ATOM   689 O OH    . TYR C 2 39 ? -1.983  -7.632  -1.734  1.00 50.10  ? 104 TYR A OH    1 
ATOM   690 N N     . TYR C 2 40 ? 1.035   -0.248  1.470   1.00 57.33  ? 105 TYR A N     1 
ATOM   691 C CA    . TYR C 2 40 ? 1.619   0.992   2.033   1.00 58.94  ? 105 TYR A CA    1 
ATOM   692 C C     . TYR C 2 40 ? 2.108   0.708   3.447   1.00 55.54  ? 105 TYR A C     1 
ATOM   693 O O     . TYR C 2 40 ? 1.374   0.085   4.265   1.00 53.38  ? 105 TYR A O     1 
ATOM   694 C CB    . TYR C 2 40 ? 0.586   2.117   1.978   1.00 60.66  ? 105 TYR A CB    1 
ATOM   695 C CG    . TYR C 2 40 ? 0.011   2.334   0.605   1.00 57.34  ? 105 TYR A CG    1 
ATOM   696 C CD1   . TYR C 2 40 ? 0.542   3.287   -0.255  1.00 69.02  ? 105 TYR A CD1   1 
ATOM   697 C CD2   . TYR C 2 40 ? -1.037  1.569   0.145   1.00 57.21  ? 105 TYR A CD2   1 
ATOM   698 C CE1   . TYR C 2 40 ? 0.039   3.482   -1.534  1.00 67.48  ? 105 TYR A CE1   1 
ATOM   699 C CE2   . TYR C 2 40 ? -1.561  1.756   -1.128  1.00 65.21  ? 105 TYR A CE2   1 
ATOM   700 C CZ    . TYR C 2 40 ? -1.018  2.707   -1.974  1.00 69.14  ? 105 TYR A CZ    1 
ATOM   701 O OH    . TYR C 2 40 ? -1.526  2.865   -3.232  1.00 73.41  ? 105 TYR A OH    1 
ATOM   702 N N     . TYR C 2 41 ? 3.313   1.182   3.727   1.00 57.87  ? 106 TYR A N     1 
ATOM   703 C CA    . TYR C 2 41 ? 4.007   0.927   5.004   1.00 67.35  ? 106 TYR A CA    1 
ATOM   704 C C     . TYR C 2 41 ? 4.300   2.261   5.708   1.00 59.96  ? 106 TYR A C     1 
ATOM   705 O O     . TYR C 2 41 ? 5.054   3.106   5.181   1.00 54.16  ? 106 TYR A O     1 
ATOM   706 C CB    . TYR C 2 41 ? 5.221   0.039   4.726   1.00 70.67  ? 106 TYR A CB    1 
ATOM   707 C CG    . TYR C 2 41 ? 4.891   -1.359  4.247   1.00 67.17  ? 106 TYR A CG    1 
ATOM   708 C CD1   . TYR C 2 41 ? 4.733   -2.411  5.134   1.00 70.33  ? 106 TYR A CD1   1 
ATOM   709 C CD2   . TYR C 2 41 ? 4.771   -1.636  2.897   1.00 68.38  ? 106 TYR A CD2   1 
ATOM   710 C CE1   . TYR C 2 41 ? 4.447   -3.692  4.692   1.00 69.85  ? 106 TYR A CE1   1 
ATOM   711 C CE2   . TYR C 2 41 ? 4.492   -2.912  2.435   1.00 63.16  ? 106 TYR A CE2   1 
ATOM   712 C CZ    . TYR C 2 41 ? 4.332   -3.941  3.337   1.00 63.68  ? 106 TYR A CZ    1 
ATOM   713 O OH    . TYR C 2 41 ? 4.082   -5.189  2.868   1.00 63.74  ? 106 TYR A OH    1 
ATOM   714 N N     . GLU C 2 42 ? 3.737   2.354   6.910   1.00 70.80  ? 107 GLU A N     1 
ATOM   715 C CA    . GLU C 2 42 ? 3.890   3.489   7.842   1.00 75.61  ? 107 GLU A CA    1 
ATOM   716 C C     . GLU C 2 42 ? 5.341   3.480   8.311   1.00 73.49  ? 107 GLU A C     1 
ATOM   717 O O     . GLU C 2 42 ? 5.807   2.448   8.782   1.00 60.96  ? 107 GLU A O     1 
ATOM   718 C CB    . GLU C 2 42 ? 2.899   3.339   8.989   1.00 73.70  ? 107 GLU A CB    1 
ATOM   719 C CG    . GLU C 2 42 ? 3.197   4.252   10.150  1.00 74.94  ? 107 GLU A CG    1 
ATOM   720 C CD    . GLU C 2 42 ? 2.081   4.295   11.166  1.00 82.82  ? 107 GLU A CD    1 
ATOM   721 O OE1   . GLU C 2 42 ? 1.609   3.229   11.557  1.00 82.92  ? 107 GLU A OE1   1 
ATOM   722 O OE2   . GLU C 2 42 ? 1.690   5.397   11.547  1.00 86.96  ? 107 GLU A OE2   1 
ATOM   723 N N     . PRO C 2 43 ? 6.024   4.632   8.268   1.00 82.31  ? 108 PRO A N     1 
ATOM   724 C CA    . PRO C 2 43 ? 7.448   4.719   8.528   1.00 84.82  ? 108 PRO A CA    1 
ATOM   725 C C     . PRO C 2 43 ? 8.119   4.019   9.710   1.00 95.27  ? 108 PRO A C     1 
ATOM   726 O O     . PRO C 2 43 ? 8.950   3.172   9.501   1.00 101.78 ? 108 PRO A O     1 
ATOM   727 C CB    . PRO C 2 43 ? 7.618   6.209   8.821   1.00 91.30  ? 108 PRO A CB    1 
ATOM   728 C CG    . PRO C 2 43 ? 6.618   6.849   7.925   1.00 91.78  ? 108 PRO A CG    1 
ATOM   729 C CD    . PRO C 2 43 ? 5.423   5.934   8.032   1.00 85.62  ? 108 PRO A CD    1 
ATOM   730 N N     . ASN C 2 44 ? 7.737   4.392   10.921  1.00 91.75  ? 109 ASN A N     1 
ATOM   731 C CA    . ASN C 2 44 ? 8.531   3.940   12.092  1.00 90.22  ? 109 ASN A CA    1 
ATOM   732 C C     . ASN C 2 44 ? 7.764   2.842   12.810  1.00 88.93  ? 109 ASN A C     1 
ATOM   733 O O     . ASN C 2 44 ? 8.276   2.358   13.822  1.00 97.01  ? 109 ASN A O     1 
ATOM   734 C CB    . ASN C 2 44 ? 8.908   5.103   13.013  1.00 101.22 ? 109 ASN A CB    1 
ATOM   735 C CG    . ASN C 2 44 ? 9.999   5.972   12.420  1.00 107.93 ? 109 ASN A CG    1 
ATOM   736 O OD1   . ASN C 2 44 ? 11.107  5.501   12.171  1.00 116.57 ? 109 ASN A OD1   1 
ATOM   737 N ND2   . ASN C 2 44 ? 9.694   7.236   12.175  1.00 106.55 ? 109 ASN A ND2   1 
ATOM   738 N N     . THR C 2 45 ? 6.597   2.469   12.284  1.00 86.63  ? 110 THR A N     1 
ATOM   739 C CA    . THR C 2 45 ? 5.767   1.352   12.801  1.00 85.86  ? 110 THR A CA    1 
ATOM   740 C C     . THR C 2 45 ? 5.772   0.168   11.823  1.00 89.13  ? 110 THR A C     1 
ATOM   741 O O     . THR C 2 45 ? 5.472   -0.950  12.282  1.00 83.69  ? 110 THR A O     1 
ATOM   742 C CB    . THR C 2 45 ? 4.318   1.797   13.046  1.00 92.73  ? 110 THR A CB    1 
ATOM   743 O OG1   . THR C 2 45 ? 3.625   1.681   11.801  1.00 81.89  ? 110 THR A OG1   1 
ATOM   744 C CG2   . THR C 2 45 ? 4.207   3.210   13.583  1.00 92.57  ? 110 THR A CG2   1 
ATOM   745 N N     . GLY C 2 46 ? 6.024   0.406   10.527  1.00 79.98  ? 111 GLY A N     1 
ATOM   746 C CA    . GLY C 2 46 ? 5.903   -0.609  9.453   1.00 91.58  ? 111 GLY A CA    1 
ATOM   747 C C     . GLY C 2 46 ? 4.513   -1.243  9.340   1.00 84.69  ? 111 GLY A C     1 
ATOM   748 O O     . GLY C 2 46 ? 4.406   -2.316  8.721   1.00 84.06  ? 111 GLY A O     1 
ATOM   749 N N     . ARG C 2 47 ? 3.476   -0.607  9.890   1.00 78.50  ? 112 ARG A N     1 
ATOM   750 C CA    . ARG C 2 47 ? 2.055   -1.024  9.755   1.00 74.06  ? 112 ARG A CA    1 
ATOM   751 C C     . ARG C 2 47 ? 1.624   -0.905  8.286   1.00 65.95  ? 112 ARG A C     1 
ATOM   752 O O     . ARG C 2 47 ? 2.055   0.038   7.591   1.00 58.17  ? 112 ARG A O     1 
ATOM   753 C CB    . ARG C 2 47 ? 1.159   -0.170  10.661  1.00 72.97  ? 112 ARG A CB    1 
ATOM   754 C CG    . ARG C 2 47 ? -0.326  -0.205  10.332  1.00 81.23  ? 112 ARG A CG    1 
ATOM   755 C CD    . ARG C 2 47 ? -1.121  0.761   11.196  1.00 75.94  ? 112 ARG A CD    1 
ATOM   756 N NE    . ARG C 2 47 ? -2.555  0.600   10.984  1.00 81.97  ? 112 ARG A NE    1 
ATOM   757 C CZ    . ARG C 2 47 ? -3.505  1.187   11.714  1.00 85.64  ? 112 ARG A CZ    1 
ATOM   758 N NH1   . ARG C 2 47 ? -3.182  1.974   12.731  1.00 75.92  ? 112 ARG A NH1   1 
ATOM   759 N NH2   . ARG C 2 47 ? -4.781  0.971   11.432  1.00 85.84  ? 112 ARG A NH2   1 
ATOM   760 N N     . LYS C 2 48 ? 0.745   -1.812  7.877   1.00 62.80  ? 113 LYS A N     1 
ATOM   761 C CA    . LYS C 2 48 ? 0.441   -2.150  6.471   1.00 68.23  ? 113 LYS A CA    1 
ATOM   762 C C     . LYS C 2 48 ? -1.017  -1.796  6.183   1.00 62.03  ? 113 LYS A C     1 
ATOM   763 O O     . LYS C 2 48 ? -1.912  -2.206  6.956   1.00 66.90  ? 113 LYS A O     1 
ATOM   764 C CB    . LYS C 2 48 ? 0.686   -3.643  6.221   1.00 69.42  ? 113 LYS A CB    1 
ATOM   765 C CG    . LYS C 2 48 ? 0.554   -4.109  4.774   1.00 77.12  ? 113 LYS A CG    1 
ATOM   766 C CD    . LYS C 2 48 ? 0.679   -5.621  4.621   1.00 84.20  ? 113 LYS A CD    1 
ATOM   767 C CE    . LYS C 2 48 ? 0.794   -6.093  3.186   1.00 88.11  ? 113 LYS A CE    1 
ATOM   768 N NZ    . LYS C 2 48 ? 1.413   -7.441  3.102   1.00 92.18  ? 113 LYS A NZ    1 
ATOM   769 N N     . PHE C 2 49 ? -1.221  -1.101  5.073   1.00 61.29  ? 114 PHE A N     1 
ATOM   770 C CA    . PHE C 2 49 ? -2.534  -0.727  4.494   1.00 60.12  ? 114 PHE A CA    1 
ATOM   771 C C     . PHE C 2 49 ? -2.558  -1.205  3.048   1.00 50.78  ? 114 PHE A C     1 
ATOM   772 O O     . PHE C 2 49 ? -1.476  -1.208  2.393   1.00 59.17  ? 114 PHE A O     1 
ATOM   773 C CB    . PHE C 2 49 ? -2.708  0.792   4.532   1.00 58.25  ? 114 PHE A CB    1 
ATOM   774 C CG    . PHE C 2 49 ? -2.472  1.420   5.881   1.00 59.05  ? 114 PHE A CG    1 
ATOM   775 C CD1   . PHE C 2 49 ? -3.531  1.702   6.727   1.00 61.54  ? 114 PHE A CD1   1 
ATOM   776 C CD2   . PHE C 2 49 ? -1.184  1.753   6.288   1.00 70.70  ? 114 PHE A CD2   1 
ATOM   777 C CE1   . PHE C 2 49 ? -3.312  2.297   7.961   1.00 69.39  ? 114 PHE A CE1   1 
ATOM   778 C CE2   . PHE C 2 49 ? -0.960  2.327   7.529   1.00 74.45  ? 114 PHE A CE2   1 
ATOM   779 C CZ    . PHE C 2 49 ? -2.027  2.609   8.362   1.00 71.55  ? 114 PHE A CZ    1 
ATOM   780 N N     . ARG C 2 50 ? -3.733  -1.546  2.536   1.00 50.26  ? 115 ARG A N     1 
ATOM   781 C CA    . ARG C 2 50 ? -3.835  -2.206  1.204   1.00 54.94  ? 115 ARG A CA    1 
ATOM   782 C C     . ARG C 2 50 ? -4.597  -1.329  0.196   1.00 54.92  ? 115 ARG A C     1 
ATOM   783 O O     . ARG C 2 50 ? -4.990  -1.868  -0.850  1.00 62.63  ? 115 ARG A O     1 
ATOM   784 C CB    . ARG C 2 50 ? -4.419  -3.610  1.383   1.00 50.35  ? 115 ARG A CB    1 
ATOM   785 C CG    . ARG C 2 50 ? -5.897  -3.628  1.732   1.00 58.70  ? 115 ARG A CG    1 
ATOM   786 C CD    . ARG C 2 50 ? -6.405  -4.979  2.202   1.00 63.65  ? 115 ARG A CD    1 
ATOM   787 N NE    . ARG C 2 50 ? -7.864  -4.946  2.172   1.00 63.86  ? 115 ARG A NE    1 
ATOM   788 C CZ    . ARG C 2 50 ? -8.632  -5.733  1.434   1.00 59.55  ? 115 ARG A CZ    1 
ATOM   789 N NH1   . ARG C 2 50 ? -8.092  -6.644  0.650   1.00 61.72  ? 115 ARG A NH1   1 
ATOM   790 N NH2   . ARG C 2 50 ? -9.946  -5.603  1.476   1.00 65.73  ? 115 ARG A NH2   1 
ATOM   791 N N     . SER C 2 51 ? -4.768  -0.032  0.462   1.00 59.04  ? 116 SER A N     1 
ATOM   792 C CA    . SER C 2 51 ? -5.333  0.938   -0.518  1.00 56.32  ? 116 SER A CA    1 
ATOM   793 C C     . SER C 2 51 ? -5.022  2.396   -0.136  1.00 62.60  ? 116 SER A C     1 
ATOM   794 O O     . SER C 2 51 ? -4.762  2.692   1.058   1.00 52.42  ? 116 SER A O     1 
ATOM   795 C CB    . SER C 2 51 ? -6.804  0.733   -0.707  1.00 56.15  ? 116 SER A CB    1 
ATOM   796 O OG    . SER C 2 51 ? -7.561  1.449   0.263   1.00 66.07  ? 116 SER A OG    1 
ATOM   797 N N     . ARG C 2 52 ? -5.178  3.274   -1.123  1.00 65.83  ? 117 ARG A N     1 
ATOM   798 C CA    . ARG C 2 52 ? -4.966  4.728   -0.991  1.00 67.73  ? 117 ARG A CA    1 
ATOM   799 C C     . ARG C 2 52 ? -6.123  5.340   -0.201  1.00 64.49  ? 117 ARG A C     1 
ATOM   800 O O     . ARG C 2 52 ? -5.916  6.316   0.488   1.00 56.65  ? 117 ARG A O     1 
ATOM   801 C CB    . ARG C 2 52 ? -4.820  5.345   -2.353  1.00 68.16  ? 117 ARG A CB    1 
ATOM   802 N N     . THR C 2 53 ? -7.322  4.791   -0.324  1.00 60.92  ? 118 THR A N     1 
ATOM   803 C CA    . THR C 2 53 ? -8.440  5.346   0.462   1.00 60.69  ? 118 THR A CA    1 
ATOM   804 C C     . THR C 2 53 ? -8.179  5.041   1.936   1.00 62.32  ? 118 THR A C     1 
ATOM   805 O O     . THR C 2 53 ? -8.348  5.925   2.757   1.00 64.89  ? 118 THR A O     1 
ATOM   806 C CB    . THR C 2 53 ? -9.765  4.757   -0.008  1.00 59.96  ? 118 THR A CB    1 
ATOM   807 O OG1   . THR C 2 53 ? -9.669  3.381   0.334   1.00 78.75  ? 118 THR A OG1   1 
ATOM   808 C CG2   . THR C 2 53 ? -9.969  4.884   -1.497  1.00 52.05  ? 118 THR A CG2   1 
ATOM   809 N N     . GLU C 2 54 ? -7.735  3.831   2.241   1.00 59.76  ? 119 GLU A N     1 
ATOM   810 C CA    . GLU C 2 54 ? -7.478  3.437   3.643   1.00 56.07  ? 119 GLU A CA    1 
ATOM   811 C C     . GLU C 2 54 ? -6.339  4.251   4.243   1.00 59.28  ? 119 GLU A C     1 
ATOM   812 O O     . GLU C 2 54 ? -6.412  4.545   5.415   1.00 53.95  ? 119 GLU A O     1 
ATOM   813 C CB    . GLU C 2 54 ? -7.015  1.987   3.700   1.00 60.31  ? 119 GLU A CB    1 
ATOM   814 C CG    . GLU C 2 54 ? -8.142  0.989   3.744   1.00 66.86  ? 119 GLU A CG    1 
ATOM   815 C CD    . GLU C 2 54 ? -7.662  -0.442  3.827   1.00 71.03  ? 119 GLU A CD    1 
ATOM   816 O OE1   . GLU C 2 54 ? -6.483  -0.641  4.127   1.00 82.01  ? 119 GLU A OE1   1 
ATOM   817 O OE2   . GLU C 2 54 ? -8.468  -1.344  3.590   1.00 72.56  ? 119 GLU A OE2   1 
ATOM   818 N N     . VAL C 2 55 ? -5.317  4.578   3.467   1.00 56.32  ? 120 VAL A N     1 
ATOM   819 C CA    . VAL C 2 55 ? -4.134  5.269   4.055   1.00 61.31  ? 120 VAL A CA    1 
ATOM   820 C C     . VAL C 2 55 ? -4.522  6.715   4.361   1.00 63.19  ? 120 VAL A C     1 
ATOM   821 O O     . VAL C 2 55 ? -4.143  7.176   5.438   1.00 63.23  ? 120 VAL A O     1 
ATOM   822 C CB    . VAL C 2 55 ? -2.847  5.221   3.214   1.00 64.55  ? 120 VAL A CB    1 
ATOM   823 C CG1   . VAL C 2 55 ? -3.115  5.443   1.744   1.00 82.73  ? 120 VAL A CG1   1 
ATOM   824 C CG2   . VAL C 2 55 ? -1.827  6.242   3.696   1.00 54.57  ? 120 VAL A CG2   1 
ATOM   825 N N     . LEU C 2 56 ? -5.187  7.427   3.449   1.00 64.50  ? 121 LEU A N     1 
ATOM   826 C CA    . LEU C 2 56 ? -5.405  8.878   3.662   1.00 68.10  ? 121 LEU A CA    1 
ATOM   827 C C     . LEU C 2 56 ? -6.494  9.026   4.738   1.00 65.00  ? 121 LEU A C     1 
ATOM   828 O O     . LEU C 2 56 ? -6.358  9.939   5.544   1.00 63.39  ? 121 LEU A O     1 
ATOM   829 C CB    . LEU C 2 56 ? -5.670  9.624   2.347   1.00 72.34  ? 121 LEU A CB    1 
ATOM   830 C CG    . LEU C 2 56 ? -6.826  9.137   1.482   1.00 87.49  ? 121 LEU A CG    1 
ATOM   831 C CD1   . LEU C 2 56 ? -8.086  9.938   1.772   1.00 101.17 ? 121 LEU A CD1   1 
ATOM   832 C CD2   . LEU C 2 56 ? -6.465  9.245   0.003   1.00 84.91  ? 121 LEU A CD2   1 
ATOM   833 N N     . TYR C 2 57 ? -7.403  8.058   4.876   1.00 58.44  ? 122 TYR A N     1 
ATOM   834 C CA    . TYR C 2 57 ? -8.333  7.986   6.025   1.00 66.49  ? 122 TYR A CA    1 
ATOM   835 C C     . TYR C 2 57 ? -7.536  7.909   7.325   1.00 70.11  ? 122 TYR A C     1 
ATOM   836 O O     . TYR C 2 57 ? -7.772  8.737   8.228   1.00 77.74  ? 122 TYR A O     1 
ATOM   837 C CB    . TYR C 2 57 ? -9.261  6.788   5.951   1.00 65.14  ? 122 TYR A CB    1 
ATOM   838 C CG    . TYR C 2 57 ? -10.227 6.722   7.103   1.00 76.70  ? 122 TYR A CG    1 
ATOM   839 C CD1   . TYR C 2 57 ? -11.485 7.293   7.001   1.00 79.52  ? 122 TYR A CD1   1 
ATOM   840 C CD2   . TYR C 2 57 ? -9.896  6.072   8.285   1.00 84.71  ? 122 TYR A CD2   1 
ATOM   841 C CE1   . TYR C 2 57 ? -12.389 7.234   8.047   1.00 89.24  ? 122 TYR A CE1   1 
ATOM   842 C CE2   . TYR C 2 57 ? -10.789 5.999   9.342   1.00 87.61  ? 122 TYR A CE2   1 
ATOM   843 C CZ    . TYR C 2 57 ? -12.039 6.585   9.218   1.00 94.83  ? 122 TYR A CZ    1 
ATOM   844 O OH    . TYR C 2 57 ? -12.940 6.539   10.240  1.00 110.77 ? 122 TYR A OH    1 
ATOM   845 N N     . TYR C 2 58 ? -6.623  6.945   7.434   1.00 57.30  ? 123 TYR A N     1 
ATOM   846 C CA    . TYR C 2 58 ? -5.757  6.793   8.628   1.00 60.72  ? 123 TYR A CA    1 
ATOM   847 C C     . TYR C 2 58 ? -5.043  8.120   8.939   1.00 62.84  ? 123 TYR A C     1 
ATOM   848 O O     . TYR C 2 58 ? -5.133  8.590   10.099  1.00 70.30  ? 123 TYR A O     1 
ATOM   849 C CB    . TYR C 2 58 ? -4.770  5.649   8.434   1.00 64.04  ? 123 TYR A CB    1 
ATOM   850 C CG    . TYR C 2 58 ? -3.683  5.663   9.462   1.00 62.05  ? 123 TYR A CG    1 
ATOM   851 C CD1   . TYR C 2 58 ? -3.930  5.224   10.753  1.00 63.39  ? 123 TYR A CD1   1 
ATOM   852 C CD2   . TYR C 2 58 ? -2.421  6.151   9.161   1.00 59.05  ? 123 TYR A CD2   1 
ATOM   853 C CE1   . TYR C 2 58 ? -2.933  5.244   11.714  1.00 65.32  ? 123 TYR A CE1   1 
ATOM   854 C CE2   . TYR C 2 58 ? -1.417  6.181   10.117  1.00 61.26  ? 123 TYR A CE2   1 
ATOM   855 C CZ    . TYR C 2 58 ? -1.677  5.719   11.392  1.00 61.12  ? 123 TYR A CZ    1 
ATOM   856 O OH    . TYR C 2 58 ? -0.710  5.763   12.344  1.00 78.84  ? 123 TYR A OH    1 
ATOM   857 N N     . LEU C 2 59 ? -4.414  8.738   7.931   1.00 54.75  ? 124 LEU A N     1 
ATOM   858 C CA    . LEU C 2 59 ? -3.724  10.048  8.064   1.00 62.66  ? 124 LEU A CA    1 
ATOM   859 C C     . LEU C 2 59 ? -4.717  11.196  8.375   1.00 72.56  ? 124 LEU A C     1 
ATOM   860 O O     . LEU C 2 59 ? -4.270  12.193  8.983   1.00 65.26  ? 124 LEU A O     1 
ATOM   861 C CB    . LEU C 2 59 ? -2.969  10.361  6.768   1.00 65.46  ? 124 LEU A CB    1 
ATOM   862 C CG    . LEU C 2 59 ? -1.806  9.442   6.391   1.00 71.06  ? 124 LEU A CG    1 
ATOM   863 C CD1   . LEU C 2 59 ? -1.189  9.905   5.082   1.00 72.67  ? 124 LEU A CD1   1 
ATOM   864 C CD2   . LEU C 2 59 ? -0.747  9.400   7.491   1.00 80.88  ? 124 LEU A CD2   1 
ATOM   865 N N     . GLU C 2 60 ? -5.975  11.128  7.909   1.00 63.90  ? 125 GLU A N     1 
ATOM   866 C CA    . GLU C 2 60 ? -6.966  12.231  8.061   1.00 66.32  ? 125 GLU A CA    1 
ATOM   867 C C     . GLU C 2 60 ? -7.599  12.181  9.465   1.00 72.58  ? 125 GLU A C     1 
ATOM   868 O O     . GLU C 2 60 ? -7.904  13.277  9.994   1.00 76.73  ? 125 GLU A O     1 
ATOM   869 C CB    . GLU C 2 60 ? -7.993  12.232  6.920   1.00 58.67  ? 125 GLU A CB    1 
ATOM   870 C CG    . GLU C 2 60 ? -7.490  13.008  5.705   1.00 57.18  ? 125 GLU A CG    1 
ATOM   871 C CD    . GLU C 2 60 ? -8.296  12.884  4.415   1.00 61.36  ? 125 GLU A CD    1 
ATOM   872 O OE1   . GLU C 2 60 ? -9.371  12.270  4.468   1.00 51.33  ? 125 GLU A OE1   1 
ATOM   873 O OE2   . GLU C 2 60 ? -7.844  13.419  3.339   1.00 58.85  ? 125 GLU A OE2   1 
ATOM   874 N N     . HIS C 2 61 ? -7.758  10.988  10.060  1.00 79.33  ? 126 HIS A N     1 
ATOM   875 C CA    . HIS C 2 61 ? -8.263  10.775  11.448  1.00 83.41  ? 126 HIS A CA    1 
ATOM   876 C C     . HIS C 2 61 ? -7.119  10.305  12.354  1.00 87.08  ? 126 HIS A C     1 
ATOM   877 O O     . HIS C 2 61 ? -6.905  10.923  13.393  1.00 90.50  ? 126 HIS A O     1 
ATOM   878 C CB    . HIS C 2 61 ? -9.427  9.782   11.459  1.00 82.15  ? 126 HIS A CB    1 
ATOM   879 C CG    . HIS C 2 61 ? -10.551 10.176  10.564  1.00 83.74  ? 126 HIS A CG    1 
ATOM   880 N ND1   . HIS C 2 61 ? -10.410 10.241  9.197   1.00 82.13  ? 126 HIS A ND1   1 
ATOM   881 C CD2   . HIS C 2 61 ? -11.835 10.503  10.826  1.00 95.56  ? 126 HIS A CD2   1 
ATOM   882 C CE1   . HIS C 2 61 ? -11.553 10.600  8.649   1.00 90.15  ? 126 HIS A CE1   1 
ATOM   883 N NE2   . HIS C 2 61 ? -12.449 10.771  9.628   1.00 89.96  ? 126 HIS A NE2   1 
HETATM 884 O O     . HOH D 3 .  ? -8.434  -8.212  -10.210 1.00 54.60  ? 101 HOH E O     1 
HETATM 885 O O     . HOH D 3 .  ? -15.889 2.862   -8.158  1.00 65.64  ? 102 HOH E O     1 
HETATM 886 O O     . HOH D 3 .  ? -13.506 3.336   -9.403  1.00 67.05  ? 103 HOH E O     1 
HETATM 887 O O     . HOH D 3 .  ? -14.300 0.688   -7.189  1.00 67.15  ? 104 HOH E O     1 
HETATM 888 O O     . HOH D 3 .  ? -17.324 0.379   -4.952  1.00 73.77  ? 105 HOH E O     1 
HETATM 889 O O     . HOH E 3 .  ? -9.129  -7.114  -17.223 1.00 63.79  ? 101 HOH F O     1 
HETATM 890 O O     . HOH E 3 .  ? -5.295  -5.402  -3.525  1.00 46.50  ? 102 HOH F O     1 
HETATM 891 O O     . HOH E 3 .  ? -14.249 -0.843  -4.641  1.00 57.57  ? 103 HOH F O     1 
HETATM 892 O O     . HOH E 3 .  ? -14.560 0.579   2.746   1.00 72.15  ? 104 HOH F O     1 
HETATM 893 O O     . HOH E 3 .  ? -7.334  -18.573 0.795   1.00 70.95  ? 105 HOH F O     1 
HETATM 894 O O     . HOH E 3 .  ? -5.206  -9.173  -16.970 1.00 75.75  ? 106 HOH F O     1 
HETATM 895 O O     . HOH E 3 .  ? -12.148 3.802   4.426   1.00 76.50  ? 107 HOH F O     1 
HETATM 896 O O     . HOH E 3 .  ? -14.001 6.725   0.618   1.00 64.72  ? 108 HOH F O     1 
HETATM 897 O O     . HOH E 3 .  ? -13.929 3.811   -6.785  1.00 80.19  ? 109 HOH F O     1 
HETATM 898 O O     . HOH F 3 .  ? -3.613  -3.813  -2.456  1.00 50.03  ? 201 HOH A O     1 
HETATM 899 O O     . HOH F 3 .  ? -9.999  8.166   3.001   1.00 64.25  ? 202 HOH A O     1 
HETATM 900 O O     . HOH F 3 .  ? -3.767  -2.251  -5.730  1.00 43.98  ? 203 HOH A O     1 
HETATM 901 O O     . HOH F 3 .  ? 4.048   15.163  1.193   1.00 80.81  ? 204 HOH A O     1 
HETATM 902 O O     . HOH F 3 .  ? 7.167   -18.240 -9.237  1.00 74.51  ? 205 HOH A O     1 
HETATM 903 O O     . HOH F 3 .  ? -10.390 2.264   6.058   1.00 64.72  ? 206 HOH A O     1 
# 
loop_
_pdbx_poly_seq_scheme.asym_id 
_pdbx_poly_seq_scheme.entity_id 
_pdbx_poly_seq_scheme.seq_id 
_pdbx_poly_seq_scheme.mon_id 
_pdbx_poly_seq_scheme.ndb_seq_num 
_pdbx_poly_seq_scheme.pdb_seq_num 
_pdbx_poly_seq_scheme.auth_seq_num 
_pdbx_poly_seq_scheme.pdb_mon_id 
_pdbx_poly_seq_scheme.auth_mon_id 
_pdbx_poly_seq_scheme.pdb_strand_id 
_pdbx_poly_seq_scheme.pdb_ins_code 
_pdbx_poly_seq_scheme.hetero 
A 1 1  DG  1  1   1   DG  DG  E . n 
A 1 2  DC  2  2   2   DC  DC  E . n 
A 1 3  DC  3  3   3   DC  DC  E . n 
A 1 4  DA  4  4   4   DA  DA  E . n 
A 1 5  DA  5  5   5   DA  DA  E . n 
A 1 6  5CM 6  6   6   5CM 5CM E . n 
A 1 7  DG  7  7   7   DG  DG  E . n 
A 1 8  DT  8  8   8   DT  DT  E . n 
A 1 9  DT  9  9   9   DT  DT  E . n 
A 1 10 DG  10 10  10  DG  DG  E . n 
A 1 11 DG  11 11  11  DG  DG  E . n 
A 1 12 DC  12 12  12  DC  DC  E . n 
B 1 1  DG  1  1   1   DG  DG  F . n 
B 1 2  DC  2  2   2   DC  DC  F . n 
B 1 3  DC  3  3   3   DC  DC  F . n 
B 1 4  DA  4  4   4   DA  DA  F . n 
B 1 5  DA  5  5   5   DA  DA  F . n 
B 1 6  5CM 6  6   6   5CM 5CM F . n 
B 1 7  DG  7  7   7   DG  DG  F . n 
B 1 8  DT  8  8   8   DT  DT  F . n 
B 1 9  DT  9  9   9   DT  DT  F . n 
B 1 10 DG  10 10  10  DG  DG  F . n 
B 1 11 DG  11 11  11  DG  DG  F . n 
B 1 12 DC  12 12  12  DC  DC  F . n 
C 2 1  GLY 1  66  ?   ?   ?   A . n 
C 2 2  GLU 2  67  ?   ?   ?   A . n 
C 2 3  SER 3  68  ?   ?   ?   A . n 
C 2 4  LYS 4  69  ?   ?   ?   A . n 
C 2 5  SER 5  70  ?   ?   ?   A . n 
C 2 6  ARG 6  71  ?   ?   ?   A . n 
C 2 7  LYS 7  72  ?   ?   ?   A . n 
C 2 8  ARG 8  73  ?   ?   ?   A . n 
C 2 9  ALA 9  74  ?   ?   ?   A . n 
C 2 10 ALA 10 75  ?   ?   ?   A . n 
C 2 11 PRO 11 76  ?   ?   ?   A . n 
C 2 12 GLY 12 77  ?   ?   ?   A . n 
C 2 13 ASP 13 78  ?   ?   ?   A . n 
C 2 14 ASN 14 79  79  ASN ASN A . n 
C 2 15 TRP 15 80  80  TRP TRP A . n 
C 2 16 LEU 16 81  81  LEU LEU A . n 
C 2 17 PRO 17 82  82  PRO PRO A . n 
C 2 18 PRO 18 83  83  PRO PRO A . n 
C 2 19 GLY 19 84  84  GLY GLY A . n 
C 2 20 TRP 20 85  85  TRP TRP A . n 
C 2 21 ARG 21 86  86  ARG ARG A . n 
C 2 22 VAL 22 87  87  VAL VAL A . n 
C 2 23 GLU 23 88  88  GLU GLU A . n 
C 2 24 ASP 24 89  89  ASP ASP A . n 
C 2 25 LYS 25 90  90  LYS ALA A . n 
C 2 26 ILE 26 91  91  ILE ILE A . n 
C 2 27 ARG 27 92  92  ARG ARG A . n 
C 2 28 THR 28 93  93  THR THR A . n 
C 2 29 SER 29 94  94  SER SER A . n 
C 2 30 GLY 30 95  95  GLY GLY A . n 
C 2 31 ALA 31 96  96  ALA ALA A . n 
C 2 32 THR 32 97  97  THR THR A . n 
C 2 33 ALA 33 98  98  ALA ALA A . n 
C 2 34 GLY 34 99  99  GLY GLY A . n 
C 2 35 SER 35 100 100 SER SER A . n 
C 2 36 VAL 36 101 101 VAL VAL A . n 
C 2 37 ASP 37 102 102 ASP ASP A . n 
C 2 38 LYS 38 103 103 LYS LYS A . n 
C 2 39 TYR 39 104 104 TYR TYR A . n 
C 2 40 TYR 40 105 105 TYR TYR A . n 
C 2 41 TYR 41 106 106 TYR TYR A . n 
C 2 42 GLU 42 107 107 GLU GLU A . n 
C 2 43 PRO 43 108 108 PRO PRO A . n 
C 2 44 ASN 44 109 109 ASN ASN A . n 
C 2 45 THR 45 110 110 THR THR A . n 
C 2 46 GLY 46 111 111 GLY GLY A . n 
C 2 47 ARG 47 112 112 ARG ARG A . n 
C 2 48 LYS 48 113 113 LYS LYS A . n 
C 2 49 PHE 49 114 114 PHE PHE A . n 
C 2 50 ARG 50 115 115 ARG ARG A . n 
C 2 51 SER 51 116 116 SER SER A . n 
C 2 52 ARG 52 117 117 ARG ALA A . n 
C 2 53 THR 53 118 118 THR THR A . n 
C 2 54 GLU 54 119 119 GLU GLU A . n 
C 2 55 VAL 55 120 120 VAL VAL A . n 
C 2 56 LEU 56 121 121 LEU LEU A . n 
C 2 57 TYR 57 122 122 TYR TYR A . n 
C 2 58 TYR 58 123 123 TYR TYR A . n 
C 2 59 LEU 59 124 124 LEU LEU A . n 
C 2 60 GLU 60 125 125 GLU GLU A . n 
C 2 61 HIS 61 126 126 HIS HIS A . n 
C 2 62 GLY 62 127 ?   ?   ?   A . n 
C 2 63 THR 63 128 ?   ?   ?   A . n 
C 2 64 SER 64 129 ?   ?   ?   A . n 
C 2 65 LYS 65 130 ?   ?   ?   A . n 
C 2 66 ARG 66 131 ?   ?   ?   A . n 
C 2 67 GLY 67 132 ?   ?   ?   A . n 
C 2 68 THR 68 133 ?   ?   ?   A . n 
C 2 69 LYS 69 134 ?   ?   ?   A . n 
C 2 70 LYS 70 135 ?   ?   ?   A . n 
C 2 71 ALA 71 136 ?   ?   ?   A . n 
C 2 72 GLU 72 137 ?   ?   ?   A . n 
# 
loop_
_pdbx_nonpoly_scheme.asym_id 
_pdbx_nonpoly_scheme.entity_id 
_pdbx_nonpoly_scheme.mon_id 
_pdbx_nonpoly_scheme.ndb_seq_num 
_pdbx_nonpoly_scheme.pdb_seq_num 
_pdbx_nonpoly_scheme.auth_seq_num 
_pdbx_nonpoly_scheme.pdb_mon_id 
_pdbx_nonpoly_scheme.auth_mon_id 
_pdbx_nonpoly_scheme.pdb_strand_id 
_pdbx_nonpoly_scheme.pdb_ins_code 
D 3 HOH 1 101 6  HOH HOH E . 
D 3 HOH 2 102 22 HOH HOH E . 
D 3 HOH 3 103 21 HOH HOH E . 
D 3 HOH 4 104 26 HOH HOH E . 
D 3 HOH 5 105 24 HOH HOH E . 
E 3 HOH 1 101 11 HOH HOH F . 
E 3 HOH 2 102 16 HOH HOH F . 
E 3 HOH 3 103 25 HOH HOH F . 
E 3 HOH 4 104 18 HOH HOH F . 
E 3 HOH 5 105 17 HOH HOH F . 
E 3 HOH 6 106 7  HOH HOH F . 
E 3 HOH 7 107 19 HOH HOH F . 
E 3 HOH 8 108 28 HOH HOH F . 
E 3 HOH 9 109 23 HOH HOH F . 
F 3 HOH 1 201 14 HOH HOH A . 
F 3 HOH 2 202 27 HOH HOH A . 
F 3 HOH 3 203 8  HOH HOH A . 
F 3 HOH 4 204 13 HOH HOH A . 
F 3 HOH 5 205 9  HOH HOH A . 
F 3 HOH 6 206 20 HOH HOH A . 
# 
_pdbx_struct_assembly.id                   1 
_pdbx_struct_assembly.details              author_and_software_defined_assembly 
_pdbx_struct_assembly.method_details       PISA 
_pdbx_struct_assembly.oligomeric_details   trimeric 
_pdbx_struct_assembly.oligomeric_count     3 
# 
_pdbx_struct_assembly_gen.assembly_id       1 
_pdbx_struct_assembly_gen.oper_expression   1 
_pdbx_struct_assembly_gen.asym_id_list      A,B,C,D,E,F 
# 
loop_
_pdbx_struct_assembly_prop.biol_id 
_pdbx_struct_assembly_prop.type 
_pdbx_struct_assembly_prop.value 
_pdbx_struct_assembly_prop.details 
1 'ABSA (A^2)' 3610 ? 
1 MORE         -1   ? 
1 'SSA (A^2)'  6800 ? 
# 
_pdbx_struct_oper_list.id                   1 
_pdbx_struct_oper_list.type                 'identity operation' 
_pdbx_struct_oper_list.name                 1_555 
_pdbx_struct_oper_list.symmetry_operation   x,y,z 
_pdbx_struct_oper_list.matrix[1][1]         1.0000000000 
_pdbx_struct_oper_list.matrix[1][2]         0.0000000000 
_pdbx_struct_oper_list.matrix[1][3]         0.0000000000 
_pdbx_struct_oper_list.vector[1]            0.0000000000 
_pdbx_struct_oper_list.matrix[2][1]         0.0000000000 
_pdbx_struct_oper_list.matrix[2][2]         1.0000000000 
_pdbx_struct_oper_list.matrix[2][3]         0.0000000000 
_pdbx_struct_oper_list.vector[2]            0.0000000000 
_pdbx_struct_oper_list.matrix[3][1]         0.0000000000 
_pdbx_struct_oper_list.matrix[3][2]         0.0000000000 
_pdbx_struct_oper_list.matrix[3][3]         1.0000000000 
_pdbx_struct_oper_list.vector[3]            0.0000000000 
# 
loop_
_pdbx_audit_revision_history.ordinal 
_pdbx_audit_revision_history.data_content_type 
_pdbx_audit_revision_history.major_revision 
_pdbx_audit_revision_history.minor_revision 
_pdbx_audit_revision_history.revision_date 
1 'Structure model' 1 0 2021-12-29 
2 'Structure model' 1 1 2022-07-13 
3 'Structure model' 1 2 2023-11-29 
# 
_pdbx_audit_revision_details.ordinal             1 
_pdbx_audit_revision_details.revision_ordinal    1 
_pdbx_audit_revision_details.data_content_type   'Structure model' 
_pdbx_audit_revision_details.provider            repository 
_pdbx_audit_revision_details.type                'Initial release' 
_pdbx_audit_revision_details.description         ? 
_pdbx_audit_revision_details.details             ? 
# 
loop_
_pdbx_audit_revision_group.ordinal 
_pdbx_audit_revision_group.revision_ordinal 
_pdbx_audit_revision_group.data_content_type 
_pdbx_audit_revision_group.group 
1 2 'Structure model' 'Database references'    
2 3 'Structure model' 'Data collection'        
3 3 'Structure model' 'Refinement description' 
# 
loop_
_pdbx_audit_revision_category.ordinal 
_pdbx_audit_revision_category.revision_ordinal 
_pdbx_audit_revision_category.data_content_type 
_pdbx_audit_revision_category.category 
1 2 'Structure model' citation                      
2 2 'Structure model' citation_author               
3 3 'Structure model' chem_comp_atom                
4 3 'Structure model' chem_comp_bond                
5 3 'Structure model' pdbx_initial_refinement_model 
# 
loop_
_pdbx_audit_revision_item.ordinal 
_pdbx_audit_revision_item.revision_ordinal 
_pdbx_audit_revision_item.data_content_type 
_pdbx_audit_revision_item.item 
1  2 'Structure model' '_citation.country'                 
2  2 'Structure model' '_citation.journal_abbrev'          
3  2 'Structure model' '_citation.journal_id_ASTM'         
4  2 'Structure model' '_citation.journal_id_CSD'          
5  2 'Structure model' '_citation.journal_id_ISSN'         
6  2 'Structure model' '_citation.journal_volume'          
7  2 'Structure model' '_citation.page_first'              
8  2 'Structure model' '_citation.page_last'               
9  2 'Structure model' '_citation.pdbx_database_id_DOI'    
10 2 'Structure model' '_citation.pdbx_database_id_PubMed' 
11 2 'Structure model' '_citation.title'                   
12 2 'Structure model' '_citation.year'                    
# 
loop_
_space_group_symop.id 
_space_group_symop.operation_xyz 
1 x,y,z         
2 -y,x-y,z+2/3  
3 -x+y,-x,z+1/3 
# 
loop_
_software.citation_id 
_software.classification 
_software.compiler_name 
_software.compiler_version 
_software.contact_author 
_software.contact_author_email 
_software.date 
_software.description 
_software.dependencies 
_software.hardware 
_software.language 
_software.location 
_software.mods 
_software.name 
_software.os 
_software.os_version 
_software.type 
_software.version 
_software.pdbx_ordinal 
? refinement       ? ? ? ? ? ? ? ? ? ? ? REFMAC ? ? ? 5.8.0257 1 
? 'data reduction' ? ? ? ? ? ? ? ? ? ? ? XDS    ? ? ? .        2 
? 'data scaling'   ? ? ? ? ? ? ? ? ? ? ? XDS    ? ? ? .        3 
? phasing          ? ? ? ? ? ? ? ? ? ? ? PHASER ? ? ? .        4 
# 
_pdbx_entry_details.entry_id                 7FEF 
_pdbx_entry_details.nonpolymer_details       ? 
_pdbx_entry_details.sequence_details         ? 
_pdbx_entry_details.compound_details         ? 
_pdbx_entry_details.source_details           ? 
_pdbx_entry_details.has_ligand_of_interest   Y 
# 
loop_
_pdbx_unobs_or_zero_occ_atoms.id 
_pdbx_unobs_or_zero_occ_atoms.PDB_model_num 
_pdbx_unobs_or_zero_occ_atoms.polymer_flag 
_pdbx_unobs_or_zero_occ_atoms.occupancy_flag 
_pdbx_unobs_or_zero_occ_atoms.auth_asym_id 
_pdbx_unobs_or_zero_occ_atoms.auth_comp_id 
_pdbx_unobs_or_zero_occ_atoms.auth_seq_id 
_pdbx_unobs_or_zero_occ_atoms.PDB_ins_code 
_pdbx_unobs_or_zero_occ_atoms.auth_atom_id 
_pdbx_unobs_or_zero_occ_atoms.label_alt_id 
_pdbx_unobs_or_zero_occ_atoms.label_asym_id 
_pdbx_unobs_or_zero_occ_atoms.label_comp_id 
_pdbx_unobs_or_zero_occ_atoms.label_seq_id 
_pdbx_unobs_or_zero_occ_atoms.label_atom_id 
1  1 Y 1 A LYS 90  ? CG  ? C LYS 25 CG  
2  1 Y 1 A LYS 90  ? CD  ? C LYS 25 CD  
3  1 Y 1 A LYS 90  ? CE  ? C LYS 25 CE  
4  1 Y 1 A LYS 90  ? NZ  ? C LYS 25 NZ  
5  1 Y 1 A ARG 117 ? CG  ? C ARG 52 CG  
6  1 Y 1 A ARG 117 ? CD  ? C ARG 52 CD  
7  1 Y 1 A ARG 117 ? NE  ? C ARG 52 NE  
8  1 Y 1 A ARG 117 ? CZ  ? C ARG 52 CZ  
9  1 Y 1 A ARG 117 ? NH1 ? C ARG 52 NH1 
10 1 Y 1 A ARG 117 ? NH2 ? C ARG 52 NH2 
# 
loop_
_pdbx_unobs_or_zero_occ_residues.id 
_pdbx_unobs_or_zero_occ_residues.PDB_model_num 
_pdbx_unobs_or_zero_occ_residues.polymer_flag 
_pdbx_unobs_or_zero_occ_residues.occupancy_flag 
_pdbx_unobs_or_zero_occ_residues.auth_asym_id 
_pdbx_unobs_or_zero_occ_residues.auth_comp_id 
_pdbx_unobs_or_zero_occ_residues.auth_seq_id 
_pdbx_unobs_or_zero_occ_residues.PDB_ins_code 
_pdbx_unobs_or_zero_occ_residues.label_asym_id 
_pdbx_unobs_or_zero_occ_residues.label_comp_id 
_pdbx_unobs_or_zero_occ_residues.label_seq_id 
1  1 Y 1 A GLY 66  ? C GLY 1  
2  1 Y 1 A GLU 67  ? C GLU 2  
3  1 Y 1 A SER 68  ? C SER 3  
4  1 Y 1 A LYS 69  ? C LYS 4  
5  1 Y 1 A SER 70  ? C SER 5  
6  1 Y 1 A ARG 71  ? C ARG 6  
7  1 Y 1 A LYS 72  ? C LYS 7  
8  1 Y 1 A ARG 73  ? C ARG 8  
9  1 Y 1 A ALA 74  ? C ALA 9  
10 1 Y 1 A ALA 75  ? C ALA 10 
11 1 Y 1 A PRO 76  ? C PRO 11 
12 1 Y 1 A GLY 77  ? C GLY 12 
13 1 Y 1 A ASP 78  ? C ASP 13 
14 1 Y 1 A GLY 127 ? C GLY 62 
15 1 Y 1 A THR 128 ? C THR 63 
16 1 Y 1 A SER 129 ? C SER 64 
17 1 Y 1 A LYS 130 ? C LYS 65 
18 1 Y 1 A ARG 131 ? C ARG 66 
19 1 Y 1 A GLY 132 ? C GLY 67 
20 1 Y 1 A THR 133 ? C THR 68 
21 1 Y 1 A LYS 134 ? C LYS 69 
22 1 Y 1 A LYS 135 ? C LYS 70 
23 1 Y 1 A ALA 136 ? C ALA 71 
24 1 Y 1 A GLU 137 ? C GLU 72 
# 
loop_
_chem_comp_atom.comp_id 
_chem_comp_atom.atom_id 
_chem_comp_atom.type_symbol 
_chem_comp_atom.pdbx_aromatic_flag 
_chem_comp_atom.pdbx_stereo_config 
_chem_comp_atom.pdbx_ordinal 
5CM N1     N N N 1   
5CM C2     C N N 2   
5CM N3     N N N 3   
5CM C4     C N N 4   
5CM C5     C N N 5   
5CM C5A    C N N 6   
5CM C6     C N N 7   
5CM O2     O N N 8   
5CM N4     N N N 9   
5CM "C1'"  C N R 10  
5CM "C2'"  C N N 11  
5CM "C3'"  C N S 12  
5CM "C4'"  C N R 13  
5CM "O4'"  O N N 14  
5CM "O3'"  O N N 15  
5CM "C5'"  C N N 16  
5CM "O5'"  O N N 17  
5CM P      P N N 18  
5CM OP1    O N N 19  
5CM OP2    O N N 20  
5CM OP3    O N N 21  
5CM H5A1   H N N 22  
5CM H5A2   H N N 23  
5CM H5A3   H N N 24  
5CM H6     H N N 25  
5CM HN41   H N N 26  
5CM HN42   H N N 27  
5CM "H1'"  H N N 28  
5CM "H2'"  H N N 29  
5CM "H2''" H N N 30  
5CM "H3'"  H N N 31  
5CM "H4'"  H N N 32  
5CM "HO3'" H N N 33  
5CM "H5'"  H N N 34  
5CM "H5''" H N N 35  
5CM HOP2   H N N 36  
5CM HOP3   H N N 37  
ALA N      N N N 38  
ALA CA     C N S 39  
ALA C      C N N 40  
ALA O      O N N 41  
ALA CB     C N N 42  
ALA OXT    O N N 43  
ALA H      H N N 44  
ALA H2     H N N 45  
ALA HA     H N N 46  
ALA HB1    H N N 47  
ALA HB2    H N N 48  
ALA HB3    H N N 49  
ALA HXT    H N N 50  
ARG N      N N N 51  
ARG CA     C N S 52  
ARG C      C N N 53  
ARG O      O N N 54  
ARG CB     C N N 55  
ARG CG     C N N 56  
ARG CD     C N N 57  
ARG NE     N N N 58  
ARG CZ     C N N 59  
ARG NH1    N N N 60  
ARG NH2    N N N 61  
ARG OXT    O N N 62  
ARG H      H N N 63  
ARG H2     H N N 64  
ARG HA     H N N 65  
ARG HB2    H N N 66  
ARG HB3    H N N 67  
ARG HG2    H N N 68  
ARG HG3    H N N 69  
ARG HD2    H N N 70  
ARG HD3    H N N 71  
ARG HE     H N N 72  
ARG HH11   H N N 73  
ARG HH12   H N N 74  
ARG HH21   H N N 75  
ARG HH22   H N N 76  
ARG HXT    H N N 77  
ASN N      N N N 78  
ASN CA     C N S 79  
ASN C      C N N 80  
ASN O      O N N 81  
ASN CB     C N N 82  
ASN CG     C N N 83  
ASN OD1    O N N 84  
ASN ND2    N N N 85  
ASN OXT    O N N 86  
ASN H      H N N 87  
ASN H2     H N N 88  
ASN HA     H N N 89  
ASN HB2    H N N 90  
ASN HB3    H N N 91  
ASN HD21   H N N 92  
ASN HD22   H N N 93  
ASN HXT    H N N 94  
ASP N      N N N 95  
ASP CA     C N S 96  
ASP C      C N N 97  
ASP O      O N N 98  
ASP CB     C N N 99  
ASP CG     C N N 100 
ASP OD1    O N N 101 
ASP OD2    O N N 102 
ASP OXT    O N N 103 
ASP H      H N N 104 
ASP H2     H N N 105 
ASP HA     H N N 106 
ASP HB2    H N N 107 
ASP HB3    H N N 108 
ASP HD2    H N N 109 
ASP HXT    H N N 110 
DA  OP3    O N N 111 
DA  P      P N N 112 
DA  OP1    O N N 113 
DA  OP2    O N N 114 
DA  "O5'"  O N N 115 
DA  "C5'"  C N N 116 
DA  "C4'"  C N R 117 
DA  "O4'"  O N N 118 
DA  "C3'"  C N S 119 
DA  "O3'"  O N N 120 
DA  "C2'"  C N N 121 
DA  "C1'"  C N R 122 
DA  N9     N Y N 123 
DA  C8     C Y N 124 
DA  N7     N Y N 125 
DA  C5     C Y N 126 
DA  C6     C Y N 127 
DA  N6     N N N 128 
DA  N1     N Y N 129 
DA  C2     C Y N 130 
DA  N3     N Y N 131 
DA  C4     C Y N 132 
DA  HOP3   H N N 133 
DA  HOP2   H N N 134 
DA  "H5'"  H N N 135 
DA  "H5''" H N N 136 
DA  "H4'"  H N N 137 
DA  "H3'"  H N N 138 
DA  "HO3'" H N N 139 
DA  "H2'"  H N N 140 
DA  "H2''" H N N 141 
DA  "H1'"  H N N 142 
DA  H8     H N N 143 
DA  H61    H N N 144 
DA  H62    H N N 145 
DA  H2     H N N 146 
DC  OP3    O N N 147 
DC  P      P N N 148 
DC  OP1    O N N 149 
DC  OP2    O N N 150 
DC  "O5'"  O N N 151 
DC  "C5'"  C N N 152 
DC  "C4'"  C N R 153 
DC  "O4'"  O N N 154 
DC  "C3'"  C N S 155 
DC  "O3'"  O N N 156 
DC  "C2'"  C N N 157 
DC  "C1'"  C N R 158 
DC  N1     N N N 159 
DC  C2     C N N 160 
DC  O2     O N N 161 
DC  N3     N N N 162 
DC  C4     C N N 163 
DC  N4     N N N 164 
DC  C5     C N N 165 
DC  C6     C N N 166 
DC  HOP3   H N N 167 
DC  HOP2   H N N 168 
DC  "H5'"  H N N 169 
DC  "H5''" H N N 170 
DC  "H4'"  H N N 171 
DC  "H3'"  H N N 172 
DC  "HO3'" H N N 173 
DC  "H2'"  H N N 174 
DC  "H2''" H N N 175 
DC  "H1'"  H N N 176 
DC  H41    H N N 177 
DC  H42    H N N 178 
DC  H5     H N N 179 
DC  H6     H N N 180 
DG  OP3    O N N 181 
DG  P      P N N 182 
DG  OP1    O N N 183 
DG  OP2    O N N 184 
DG  "O5'"  O N N 185 
DG  "C5'"  C N N 186 
DG  "C4'"  C N R 187 
DG  "O4'"  O N N 188 
DG  "C3'"  C N S 189 
DG  "O3'"  O N N 190 
DG  "C2'"  C N N 191 
DG  "C1'"  C N R 192 
DG  N9     N Y N 193 
DG  C8     C Y N 194 
DG  N7     N Y N 195 
DG  C5     C Y N 196 
DG  C6     C N N 197 
DG  O6     O N N 198 
DG  N1     N N N 199 
DG  C2     C N N 200 
DG  N2     N N N 201 
DG  N3     N N N 202 
DG  C4     C Y N 203 
DG  HOP3   H N N 204 
DG  HOP2   H N N 205 
DG  "H5'"  H N N 206 
DG  "H5''" H N N 207 
DG  "H4'"  H N N 208 
DG  "H3'"  H N N 209 
DG  "HO3'" H N N 210 
DG  "H2'"  H N N 211 
DG  "H2''" H N N 212 
DG  "H1'"  H N N 213 
DG  H8     H N N 214 
DG  H1     H N N 215 
DG  H21    H N N 216 
DG  H22    H N N 217 
DT  OP3    O N N 218 
DT  P      P N N 219 
DT  OP1    O N N 220 
DT  OP2    O N N 221 
DT  "O5'"  O N N 222 
DT  "C5'"  C N N 223 
DT  "C4'"  C N R 224 
DT  "O4'"  O N N 225 
DT  "C3'"  C N S 226 
DT  "O3'"  O N N 227 
DT  "C2'"  C N N 228 
DT  "C1'"  C N R 229 
DT  N1     N N N 230 
DT  C2     C N N 231 
DT  O2     O N N 232 
DT  N3     N N N 233 
DT  C4     C N N 234 
DT  O4     O N N 235 
DT  C5     C N N 236 
DT  C7     C N N 237 
DT  C6     C N N 238 
DT  HOP3   H N N 239 
DT  HOP2   H N N 240 
DT  "H5'"  H N N 241 
DT  "H5''" H N N 242 
DT  "H4'"  H N N 243 
DT  "H3'"  H N N 244 
DT  "HO3'" H N N 245 
DT  "H2'"  H N N 246 
DT  "H2''" H N N 247 
DT  "H1'"  H N N 248 
DT  H3     H N N 249 
DT  H71    H N N 250 
DT  H72    H N N 251 
DT  H73    H N N 252 
DT  H6     H N N 253 
GLU N      N N N 254 
GLU CA     C N S 255 
GLU C      C N N 256 
GLU O      O N N 257 
GLU CB     C N N 258 
GLU CG     C N N 259 
GLU CD     C N N 260 
GLU OE1    O N N 261 
GLU OE2    O N N 262 
GLU OXT    O N N 263 
GLU H      H N N 264 
GLU H2     H N N 265 
GLU HA     H N N 266 
GLU HB2    H N N 267 
GLU HB3    H N N 268 
GLU HG2    H N N 269 
GLU HG3    H N N 270 
GLU HE2    H N N 271 
GLU HXT    H N N 272 
GLY N      N N N 273 
GLY CA     C N N 274 
GLY C      C N N 275 
GLY O      O N N 276 
GLY OXT    O N N 277 
GLY H      H N N 278 
GLY H2     H N N 279 
GLY HA2    H N N 280 
GLY HA3    H N N 281 
GLY HXT    H N N 282 
HIS N      N N N 283 
HIS CA     C N S 284 
HIS C      C N N 285 
HIS O      O N N 286 
HIS CB     C N N 287 
HIS CG     C Y N 288 
HIS ND1    N Y N 289 
HIS CD2    C Y N 290 
HIS CE1    C Y N 291 
HIS NE2    N Y N 292 
HIS OXT    O N N 293 
HIS H      H N N 294 
HIS H2     H N N 295 
HIS HA     H N N 296 
HIS HB2    H N N 297 
HIS HB3    H N N 298 
HIS HD1    H N N 299 
HIS HD2    H N N 300 
HIS HE1    H N N 301 
HIS HE2    H N N 302 
HIS HXT    H N N 303 
HOH O      O N N 304 
HOH H1     H N N 305 
HOH H2     H N N 306 
ILE N      N N N 307 
ILE CA     C N S 308 
ILE C      C N N 309 
ILE O      O N N 310 
ILE CB     C N S 311 
ILE CG1    C N N 312 
ILE CG2    C N N 313 
ILE CD1    C N N 314 
ILE OXT    O N N 315 
ILE H      H N N 316 
ILE H2     H N N 317 
ILE HA     H N N 318 
ILE HB     H N N 319 
ILE HG12   H N N 320 
ILE HG13   H N N 321 
ILE HG21   H N N 322 
ILE HG22   H N N 323 
ILE HG23   H N N 324 
ILE HD11   H N N 325 
ILE HD12   H N N 326 
ILE HD13   H N N 327 
ILE HXT    H N N 328 
LEU N      N N N 329 
LEU CA     C N S 330 
LEU C      C N N 331 
LEU O      O N N 332 
LEU CB     C N N 333 
LEU CG     C N N 334 
LEU CD1    C N N 335 
LEU CD2    C N N 336 
LEU OXT    O N N 337 
LEU H      H N N 338 
LEU H2     H N N 339 
LEU HA     H N N 340 
LEU HB2    H N N 341 
LEU HB3    H N N 342 
LEU HG     H N N 343 
LEU HD11   H N N 344 
LEU HD12   H N N 345 
LEU HD13   H N N 346 
LEU HD21   H N N 347 
LEU HD22   H N N 348 
LEU HD23   H N N 349 
LEU HXT    H N N 350 
LYS N      N N N 351 
LYS CA     C N S 352 
LYS C      C N N 353 
LYS O      O N N 354 
LYS CB     C N N 355 
LYS CG     C N N 356 
LYS CD     C N N 357 
LYS CE     C N N 358 
LYS NZ     N N N 359 
LYS OXT    O N N 360 
LYS H      H N N 361 
LYS H2     H N N 362 
LYS HA     H N N 363 
LYS HB2    H N N 364 
LYS HB3    H N N 365 
LYS HG2    H N N 366 
LYS HG3    H N N 367 
LYS HD2    H N N 368 
LYS HD3    H N N 369 
LYS HE2    H N N 370 
LYS HE3    H N N 371 
LYS HZ1    H N N 372 
LYS HZ2    H N N 373 
LYS HZ3    H N N 374 
LYS HXT    H N N 375 
PHE N      N N N 376 
PHE CA     C N S 377 
PHE C      C N N 378 
PHE O      O N N 379 
PHE CB     C N N 380 
PHE CG     C Y N 381 
PHE CD1    C Y N 382 
PHE CD2    C Y N 383 
PHE CE1    C Y N 384 
PHE CE2    C Y N 385 
PHE CZ     C Y N 386 
PHE OXT    O N N 387 
PHE H      H N N 388 
PHE H2     H N N 389 
PHE HA     H N N 390 
PHE HB2    H N N 391 
PHE HB3    H N N 392 
PHE HD1    H N N 393 
PHE HD2    H N N 394 
PHE HE1    H N N 395 
PHE HE2    H N N 396 
PHE HZ     H N N 397 
PHE HXT    H N N 398 
PRO N      N N N 399 
PRO CA     C N S 400 
PRO C      C N N 401 
PRO O      O N N 402 
PRO CB     C N N 403 
PRO CG     C N N 404 
PRO CD     C N N 405 
PRO OXT    O N N 406 
PRO H      H N N 407 
PRO HA     H N N 408 
PRO HB2    H N N 409 
PRO HB3    H N N 410 
PRO HG2    H N N 411 
PRO HG3    H N N 412 
PRO HD2    H N N 413 
PRO HD3    H N N 414 
PRO HXT    H N N 415 
SER N      N N N 416 
SER CA     C N S 417 
SER C      C N N 418 
SER O      O N N 419 
SER CB     C N N 420 
SER OG     O N N 421 
SER OXT    O N N 422 
SER H      H N N 423 
SER H2     H N N 424 
SER HA     H N N 425 
SER HB2    H N N 426 
SER HB3    H N N 427 
SER HG     H N N 428 
SER HXT    H N N 429 
THR N      N N N 430 
THR CA     C N S 431 
THR C      C N N 432 
THR O      O N N 433 
THR CB     C N R 434 
THR OG1    O N N 435 
THR CG2    C N N 436 
THR OXT    O N N 437 
THR H      H N N 438 
THR H2     H N N 439 
THR HA     H N N 440 
THR HB     H N N 441 
THR HG1    H N N 442 
THR HG21   H N N 443 
THR HG22   H N N 444 
THR HG23   H N N 445 
THR HXT    H N N 446 
TRP N      N N N 447 
TRP CA     C N S 448 
TRP C      C N N 449 
TRP O      O N N 450 
TRP CB     C N N 451 
TRP CG     C Y N 452 
TRP CD1    C Y N 453 
TRP CD2    C Y N 454 
TRP NE1    N Y N 455 
TRP CE2    C Y N 456 
TRP CE3    C Y N 457 
TRP CZ2    C Y N 458 
TRP CZ3    C Y N 459 
TRP CH2    C Y N 460 
TRP OXT    O N N 461 
TRP H      H N N 462 
TRP H2     H N N 463 
TRP HA     H N N 464 
TRP HB2    H N N 465 
TRP HB3    H N N 466 
TRP HD1    H N N 467 
TRP HE1    H N N 468 
TRP HE3    H N N 469 
TRP HZ2    H N N 470 
TRP HZ3    H N N 471 
TRP HH2    H N N 472 
TRP HXT    H N N 473 
TYR N      N N N 474 
TYR CA     C N S 475 
TYR C      C N N 476 
TYR O      O N N 477 
TYR CB     C N N 478 
TYR CG     C Y N 479 
TYR CD1    C Y N 480 
TYR CD2    C Y N 481 
TYR CE1    C Y N 482 
TYR CE2    C Y N 483 
TYR CZ     C Y N 484 
TYR OH     O N N 485 
TYR OXT    O N N 486 
TYR H      H N N 487 
TYR H2     H N N 488 
TYR HA     H N N 489 
TYR HB2    H N N 490 
TYR HB3    H N N 491 
TYR HD1    H N N 492 
TYR HD2    H N N 493 
TYR HE1    H N N 494 
TYR HE2    H N N 495 
TYR HH     H N N 496 
TYR HXT    H N N 497 
VAL N      N N N 498 
VAL CA     C N S 499 
VAL C      C N N 500 
VAL O      O N N 501 
VAL CB     C N N 502 
VAL CG1    C N N 503 
VAL CG2    C N N 504 
VAL OXT    O N N 505 
VAL H      H N N 506 
VAL H2     H N N 507 
VAL HA     H N N 508 
VAL HB     H N N 509 
VAL HG11   H N N 510 
VAL HG12   H N N 511 
VAL HG13   H N N 512 
VAL HG21   H N N 513 
VAL HG22   H N N 514 
VAL HG23   H N N 515 
VAL HXT    H N N 516 
# 
loop_
_chem_comp_bond.comp_id 
_chem_comp_bond.atom_id_1 
_chem_comp_bond.atom_id_2 
_chem_comp_bond.value_order 
_chem_comp_bond.pdbx_aromatic_flag 
_chem_comp_bond.pdbx_stereo_config 
_chem_comp_bond.pdbx_ordinal 
5CM N1    C2     sing N N 1   
5CM N1    C6     sing N N 2   
5CM N1    "C1'"  sing N N 3   
5CM C2    N3     sing N N 4   
5CM C2    O2     doub N N 5   
5CM N3    C4     doub N N 6   
5CM C4    C5     sing N N 7   
5CM C4    N4     sing N N 8   
5CM C5    C5A    sing N N 9   
5CM C5    C6     doub N N 10  
5CM C5A   H5A1   sing N N 11  
5CM C5A   H5A2   sing N N 12  
5CM C5A   H5A3   sing N N 13  
5CM C6    H6     sing N N 14  
5CM N4    HN41   sing N N 15  
5CM N4    HN42   sing N N 16  
5CM "C1'" "C2'"  sing N N 17  
5CM "C1'" "O4'"  sing N N 18  
5CM "C1'" "H1'"  sing N N 19  
5CM "C2'" "C3'"  sing N N 20  
5CM "C2'" "H2'"  sing N N 21  
5CM "C2'" "H2''" sing N N 22  
5CM "C3'" "C4'"  sing N N 23  
5CM "C3'" "O3'"  sing N N 24  
5CM "C3'" "H3'"  sing N N 25  
5CM "C4'" "O4'"  sing N N 26  
5CM "C4'" "C5'"  sing N N 27  
5CM "C4'" "H4'"  sing N N 28  
5CM "O3'" "HO3'" sing N N 29  
5CM "C5'" "O5'"  sing N N 30  
5CM "C5'" "H5'"  sing N N 31  
5CM "C5'" "H5''" sing N N 32  
5CM "O5'" P      sing N N 33  
5CM P     OP1    doub N N 34  
5CM P     OP2    sing N N 35  
5CM P     OP3    sing N N 36  
5CM OP2   HOP2   sing N N 37  
5CM OP3   HOP3   sing N N 38  
ALA N     CA     sing N N 39  
ALA N     H      sing N N 40  
ALA N     H2     sing N N 41  
ALA CA    C      sing N N 42  
ALA CA    CB     sing N N 43  
ALA CA    HA     sing N N 44  
ALA C     O      doub N N 45  
ALA C     OXT    sing N N 46  
ALA CB    HB1    sing N N 47  
ALA CB    HB2    sing N N 48  
ALA CB    HB3    sing N N 49  
ALA OXT   HXT    sing N N 50  
ARG N     CA     sing N N 51  
ARG N     H      sing N N 52  
ARG N     H2     sing N N 53  
ARG CA    C      sing N N 54  
ARG CA    CB     sing N N 55  
ARG CA    HA     sing N N 56  
ARG C     O      doub N N 57  
ARG C     OXT    sing N N 58  
ARG CB    CG     sing N N 59  
ARG CB    HB2    sing N N 60  
ARG CB    HB3    sing N N 61  
ARG CG    CD     sing N N 62  
ARG CG    HG2    sing N N 63  
ARG CG    HG3    sing N N 64  
ARG CD    NE     sing N N 65  
ARG CD    HD2    sing N N 66  
ARG CD    HD3    sing N N 67  
ARG NE    CZ     sing N N 68  
ARG NE    HE     sing N N 69  
ARG CZ    NH1    sing N N 70  
ARG CZ    NH2    doub N N 71  
ARG NH1   HH11   sing N N 72  
ARG NH1   HH12   sing N N 73  
ARG NH2   HH21   sing N N 74  
ARG NH2   HH22   sing N N 75  
ARG OXT   HXT    sing N N 76  
ASN N     CA     sing N N 77  
ASN N     H      sing N N 78  
ASN N     H2     sing N N 79  
ASN CA    C      sing N N 80  
ASN CA    CB     sing N N 81  
ASN CA    HA     sing N N 82  
ASN C     O      doub N N 83  
ASN C     OXT    sing N N 84  
ASN CB    CG     sing N N 85  
ASN CB    HB2    sing N N 86  
ASN CB    HB3    sing N N 87  
ASN CG    OD1    doub N N 88  
ASN CG    ND2    sing N N 89  
ASN ND2   HD21   sing N N 90  
ASN ND2   HD22   sing N N 91  
ASN OXT   HXT    sing N N 92  
ASP N     CA     sing N N 93  
ASP N     H      sing N N 94  
ASP N     H2     sing N N 95  
ASP CA    C      sing N N 96  
ASP CA    CB     sing N N 97  
ASP CA    HA     sing N N 98  
ASP C     O      doub N N 99  
ASP C     OXT    sing N N 100 
ASP CB    CG     sing N N 101 
ASP CB    HB2    sing N N 102 
ASP CB    HB3    sing N N 103 
ASP CG    OD1    doub N N 104 
ASP CG    OD2    sing N N 105 
ASP OD2   HD2    sing N N 106 
ASP OXT   HXT    sing N N 107 
DA  OP3   P      sing N N 108 
DA  OP3   HOP3   sing N N 109 
DA  P     OP1    doub N N 110 
DA  P     OP2    sing N N 111 
DA  P     "O5'"  sing N N 112 
DA  OP2   HOP2   sing N N 113 
DA  "O5'" "C5'"  sing N N 114 
DA  "C5'" "C4'"  sing N N 115 
DA  "C5'" "H5'"  sing N N 116 
DA  "C5'" "H5''" sing N N 117 
DA  "C4'" "O4'"  sing N N 118 
DA  "C4'" "C3'"  sing N N 119 
DA  "C4'" "H4'"  sing N N 120 
DA  "O4'" "C1'"  sing N N 121 
DA  "C3'" "O3'"  sing N N 122 
DA  "C3'" "C2'"  sing N N 123 
DA  "C3'" "H3'"  sing N N 124 
DA  "O3'" "HO3'" sing N N 125 
DA  "C2'" "C1'"  sing N N 126 
DA  "C2'" "H2'"  sing N N 127 
DA  "C2'" "H2''" sing N N 128 
DA  "C1'" N9     sing N N 129 
DA  "C1'" "H1'"  sing N N 130 
DA  N9    C8     sing Y N 131 
DA  N9    C4     sing Y N 132 
DA  C8    N7     doub Y N 133 
DA  C8    H8     sing N N 134 
DA  N7    C5     sing Y N 135 
DA  C5    C6     sing Y N 136 
DA  C5    C4     doub Y N 137 
DA  C6    N6     sing N N 138 
DA  C6    N1     doub Y N 139 
DA  N6    H61    sing N N 140 
DA  N6    H62    sing N N 141 
DA  N1    C2     sing Y N 142 
DA  C2    N3     doub Y N 143 
DA  C2    H2     sing N N 144 
DA  N3    C4     sing Y N 145 
DC  OP3   P      sing N N 146 
DC  OP3   HOP3   sing N N 147 
DC  P     OP1    doub N N 148 
DC  P     OP2    sing N N 149 
DC  P     "O5'"  sing N N 150 
DC  OP2   HOP2   sing N N 151 
DC  "O5'" "C5'"  sing N N 152 
DC  "C5'" "C4'"  sing N N 153 
DC  "C5'" "H5'"  sing N N 154 
DC  "C5'" "H5''" sing N N 155 
DC  "C4'" "O4'"  sing N N 156 
DC  "C4'" "C3'"  sing N N 157 
DC  "C4'" "H4'"  sing N N 158 
DC  "O4'" "C1'"  sing N N 159 
DC  "C3'" "O3'"  sing N N 160 
DC  "C3'" "C2'"  sing N N 161 
DC  "C3'" "H3'"  sing N N 162 
DC  "O3'" "HO3'" sing N N 163 
DC  "C2'" "C1'"  sing N N 164 
DC  "C2'" "H2'"  sing N N 165 
DC  "C2'" "H2''" sing N N 166 
DC  "C1'" N1     sing N N 167 
DC  "C1'" "H1'"  sing N N 168 
DC  N1    C2     sing N N 169 
DC  N1    C6     sing N N 170 
DC  C2    O2     doub N N 171 
DC  C2    N3     sing N N 172 
DC  N3    C4     doub N N 173 
DC  C4    N4     sing N N 174 
DC  C4    C5     sing N N 175 
DC  N4    H41    sing N N 176 
DC  N4    H42    sing N N 177 
DC  C5    C6     doub N N 178 
DC  C5    H5     sing N N 179 
DC  C6    H6     sing N N 180 
DG  OP3   P      sing N N 181 
DG  OP3   HOP3   sing N N 182 
DG  P     OP1    doub N N 183 
DG  P     OP2    sing N N 184 
DG  P     "O5'"  sing N N 185 
DG  OP2   HOP2   sing N N 186 
DG  "O5'" "C5'"  sing N N 187 
DG  "C5'" "C4'"  sing N N 188 
DG  "C5'" "H5'"  sing N N 189 
DG  "C5'" "H5''" sing N N 190 
DG  "C4'" "O4'"  sing N N 191 
DG  "C4'" "C3'"  sing N N 192 
DG  "C4'" "H4'"  sing N N 193 
DG  "O4'" "C1'"  sing N N 194 
DG  "C3'" "O3'"  sing N N 195 
DG  "C3'" "C2'"  sing N N 196 
DG  "C3'" "H3'"  sing N N 197 
DG  "O3'" "HO3'" sing N N 198 
DG  "C2'" "C1'"  sing N N 199 
DG  "C2'" "H2'"  sing N N 200 
DG  "C2'" "H2''" sing N N 201 
DG  "C1'" N9     sing N N 202 
DG  "C1'" "H1'"  sing N N 203 
DG  N9    C8     sing Y N 204 
DG  N9    C4     sing Y N 205 
DG  C8    N7     doub Y N 206 
DG  C8    H8     sing N N 207 
DG  N7    C5     sing Y N 208 
DG  C5    C6     sing N N 209 
DG  C5    C4     doub Y N 210 
DG  C6    O6     doub N N 211 
DG  C6    N1     sing N N 212 
DG  N1    C2     sing N N 213 
DG  N1    H1     sing N N 214 
DG  C2    N2     sing N N 215 
DG  C2    N3     doub N N 216 
DG  N2    H21    sing N N 217 
DG  N2    H22    sing N N 218 
DG  N3    C4     sing N N 219 
DT  OP3   P      sing N N 220 
DT  OP3   HOP3   sing N N 221 
DT  P     OP1    doub N N 222 
DT  P     OP2    sing N N 223 
DT  P     "O5'"  sing N N 224 
DT  OP2   HOP2   sing N N 225 
DT  "O5'" "C5'"  sing N N 226 
DT  "C5'" "C4'"  sing N N 227 
DT  "C5'" "H5'"  sing N N 228 
DT  "C5'" "H5''" sing N N 229 
DT  "C4'" "O4'"  sing N N 230 
DT  "C4'" "C3'"  sing N N 231 
DT  "C4'" "H4'"  sing N N 232 
DT  "O4'" "C1'"  sing N N 233 
DT  "C3'" "O3'"  sing N N 234 
DT  "C3'" "C2'"  sing N N 235 
DT  "C3'" "H3'"  sing N N 236 
DT  "O3'" "HO3'" sing N N 237 
DT  "C2'" "C1'"  sing N N 238 
DT  "C2'" "H2'"  sing N N 239 
DT  "C2'" "H2''" sing N N 240 
DT  "C1'" N1     sing N N 241 
DT  "C1'" "H1'"  sing N N 242 
DT  N1    C2     sing N N 243 
DT  N1    C6     sing N N 244 
DT  C2    O2     doub N N 245 
DT  C2    N3     sing N N 246 
DT  N3    C4     sing N N 247 
DT  N3    H3     sing N N 248 
DT  C4    O4     doub N N 249 
DT  C4    C5     sing N N 250 
DT  C5    C7     sing N N 251 
DT  C5    C6     doub N N 252 
DT  C7    H71    sing N N 253 
DT  C7    H72    sing N N 254 
DT  C7    H73    sing N N 255 
DT  C6    H6     sing N N 256 
GLU N     CA     sing N N 257 
GLU N     H      sing N N 258 
GLU N     H2     sing N N 259 
GLU CA    C      sing N N 260 
GLU CA    CB     sing N N 261 
GLU CA    HA     sing N N 262 
GLU C     O      doub N N 263 
GLU C     OXT    sing N N 264 
GLU CB    CG     sing N N 265 
GLU CB    HB2    sing N N 266 
GLU CB    HB3    sing N N 267 
GLU CG    CD     sing N N 268 
GLU CG    HG2    sing N N 269 
GLU CG    HG3    sing N N 270 
GLU CD    OE1    doub N N 271 
GLU CD    OE2    sing N N 272 
GLU OE2   HE2    sing N N 273 
GLU OXT   HXT    sing N N 274 
GLY N     CA     sing N N 275 
GLY N     H      sing N N 276 
GLY N     H2     sing N N 277 
GLY CA    C      sing N N 278 
GLY CA    HA2    sing N N 279 
GLY CA    HA3    sing N N 280 
GLY C     O      doub N N 281 
GLY C     OXT    sing N N 282 
GLY OXT   HXT    sing N N 283 
HIS N     CA     sing N N 284 
HIS N     H      sing N N 285 
HIS N     H2     sing N N 286 
HIS CA    C      sing N N 287 
HIS CA    CB     sing N N 288 
HIS CA    HA     sing N N 289 
HIS C     O      doub N N 290 
HIS C     OXT    sing N N 291 
HIS CB    CG     sing N N 292 
HIS CB    HB2    sing N N 293 
HIS CB    HB3    sing N N 294 
HIS CG    ND1    sing Y N 295 
HIS CG    CD2    doub Y N 296 
HIS ND1   CE1    doub Y N 297 
HIS ND1   HD1    sing N N 298 
HIS CD2   NE2    sing Y N 299 
HIS CD2   HD2    sing N N 300 
HIS CE1   NE2    sing Y N 301 
HIS CE1   HE1    sing N N 302 
HIS NE2   HE2    sing N N 303 
HIS OXT   HXT    sing N N 304 
HOH O     H1     sing N N 305 
HOH O     H2     sing N N 306 
ILE N     CA     sing N N 307 
ILE N     H      sing N N 308 
ILE N     H2     sing N N 309 
ILE CA    C      sing N N 310 
ILE CA    CB     sing N N 311 
ILE CA    HA     sing N N 312 
ILE C     O      doub N N 313 
ILE C     OXT    sing N N 314 
ILE CB    CG1    sing N N 315 
ILE CB    CG2    sing N N 316 
ILE CB    HB     sing N N 317 
ILE CG1   CD1    sing N N 318 
ILE CG1   HG12   sing N N 319 
ILE CG1   HG13   sing N N 320 
ILE CG2   HG21   sing N N 321 
ILE CG2   HG22   sing N N 322 
ILE CG2   HG23   sing N N 323 
ILE CD1   HD11   sing N N 324 
ILE CD1   HD12   sing N N 325 
ILE CD1   HD13   sing N N 326 
ILE OXT   HXT    sing N N 327 
LEU N     CA     sing N N 328 
LEU N     H      sing N N 329 
LEU N     H2     sing N N 330 
LEU CA    C      sing N N 331 
LEU CA    CB     sing N N 332 
LEU CA    HA     sing N N 333 
LEU C     O      doub N N 334 
LEU C     OXT    sing N N 335 
LEU CB    CG     sing N N 336 
LEU CB    HB2    sing N N 337 
LEU CB    HB3    sing N N 338 
LEU CG    CD1    sing N N 339 
LEU CG    CD2    sing N N 340 
LEU CG    HG     sing N N 341 
LEU CD1   HD11   sing N N 342 
LEU CD1   HD12   sing N N 343 
LEU CD1   HD13   sing N N 344 
LEU CD2   HD21   sing N N 345 
LEU CD2   HD22   sing N N 346 
LEU CD2   HD23   sing N N 347 
LEU OXT   HXT    sing N N 348 
LYS N     CA     sing N N 349 
LYS N     H      sing N N 350 
LYS N     H2     sing N N 351 
LYS CA    C      sing N N 352 
LYS CA    CB     sing N N 353 
LYS CA    HA     sing N N 354 
LYS C     O      doub N N 355 
LYS C     OXT    sing N N 356 
LYS CB    CG     sing N N 357 
LYS CB    HB2    sing N N 358 
LYS CB    HB3    sing N N 359 
LYS CG    CD     sing N N 360 
LYS CG    HG2    sing N N 361 
LYS CG    HG3    sing N N 362 
LYS CD    CE     sing N N 363 
LYS CD    HD2    sing N N 364 
LYS CD    HD3    sing N N 365 
LYS CE    NZ     sing N N 366 
LYS CE    HE2    sing N N 367 
LYS CE    HE3    sing N N 368 
LYS NZ    HZ1    sing N N 369 
LYS NZ    HZ2    sing N N 370 
LYS NZ    HZ3    sing N N 371 
LYS OXT   HXT    sing N N 372 
PHE N     CA     sing N N 373 
PHE N     H      sing N N 374 
PHE N     H2     sing N N 375 
PHE CA    C      sing N N 376 
PHE CA    CB     sing N N 377 
PHE CA    HA     sing N N 378 
PHE C     O      doub N N 379 
PHE C     OXT    sing N N 380 
PHE CB    CG     sing N N 381 
PHE CB    HB2    sing N N 382 
PHE CB    HB3    sing N N 383 
PHE CG    CD1    doub Y N 384 
PHE CG    CD2    sing Y N 385 
PHE CD1   CE1    sing Y N 386 
PHE CD1   HD1    sing N N 387 
PHE CD2   CE2    doub Y N 388 
PHE CD2   HD2    sing N N 389 
PHE CE1   CZ     doub Y N 390 
PHE CE1   HE1    sing N N 391 
PHE CE2   CZ     sing Y N 392 
PHE CE2   HE2    sing N N 393 
PHE CZ    HZ     sing N N 394 
PHE OXT   HXT    sing N N 395 
PRO N     CA     sing N N 396 
PRO N     CD     sing N N 397 
PRO N     H      sing N N 398 
PRO CA    C      sing N N 399 
PRO CA    CB     sing N N 400 
PRO CA    HA     sing N N 401 
PRO C     O      doub N N 402 
PRO C     OXT    sing N N 403 
PRO CB    CG     sing N N 404 
PRO CB    HB2    sing N N 405 
PRO CB    HB3    sing N N 406 
PRO CG    CD     sing N N 407 
PRO CG    HG2    sing N N 408 
PRO CG    HG3    sing N N 409 
PRO CD    HD2    sing N N 410 
PRO CD    HD3    sing N N 411 
PRO OXT   HXT    sing N N 412 
SER N     CA     sing N N 413 
SER N     H      sing N N 414 
SER N     H2     sing N N 415 
SER CA    C      sing N N 416 
SER CA    CB     sing N N 417 
SER CA    HA     sing N N 418 
SER C     O      doub N N 419 
SER C     OXT    sing N N 420 
SER CB    OG     sing N N 421 
SER CB    HB2    sing N N 422 
SER CB    HB3    sing N N 423 
SER OG    HG     sing N N 424 
SER OXT   HXT    sing N N 425 
THR N     CA     sing N N 426 
THR N     H      sing N N 427 
THR N     H2     sing N N 428 
THR CA    C      sing N N 429 
THR CA    CB     sing N N 430 
THR CA    HA     sing N N 431 
THR C     O      doub N N 432 
THR C     OXT    sing N N 433 
THR CB    OG1    sing N N 434 
THR CB    CG2    sing N N 435 
THR CB    HB     sing N N 436 
THR OG1   HG1    sing N N 437 
THR CG2   HG21   sing N N 438 
THR CG2   HG22   sing N N 439 
THR CG2   HG23   sing N N 440 
THR OXT   HXT    sing N N 441 
TRP N     CA     sing N N 442 
TRP N     H      sing N N 443 
TRP N     H2     sing N N 444 
TRP CA    C      sing N N 445 
TRP CA    CB     sing N N 446 
TRP CA    HA     sing N N 447 
TRP C     O      doub N N 448 
TRP C     OXT    sing N N 449 
TRP CB    CG     sing N N 450 
TRP CB    HB2    sing N N 451 
TRP CB    HB3    sing N N 452 
TRP CG    CD1    doub Y N 453 
TRP CG    CD2    sing Y N 454 
TRP CD1   NE1    sing Y N 455 
TRP CD1   HD1    sing N N 456 
TRP CD2   CE2    doub Y N 457 
TRP CD2   CE3    sing Y N 458 
TRP NE1   CE2    sing Y N 459 
TRP NE1   HE1    sing N N 460 
TRP CE2   CZ2    sing Y N 461 
TRP CE3   CZ3    doub Y N 462 
TRP CE3   HE3    sing N N 463 
TRP CZ2   CH2    doub Y N 464 
TRP CZ2   HZ2    sing N N 465 
TRP CZ3   CH2    sing Y N 466 
TRP CZ3   HZ3    sing N N 467 
TRP CH2   HH2    sing N N 468 
TRP OXT   HXT    sing N N 469 
TYR N     CA     sing N N 470 
TYR N     H      sing N N 471 
TYR N     H2     sing N N 472 
TYR CA    C      sing N N 473 
TYR CA    CB     sing N N 474 
TYR CA    HA     sing N N 475 
TYR C     O      doub N N 476 
TYR C     OXT    sing N N 477 
TYR CB    CG     sing N N 478 
TYR CB    HB2    sing N N 479 
TYR CB    HB3    sing N N 480 
TYR CG    CD1    doub Y N 481 
TYR CG    CD2    sing Y N 482 
TYR CD1   CE1    sing Y N 483 
TYR CD1   HD1    sing N N 484 
TYR CD2   CE2    doub Y N 485 
TYR CD2   HD2    sing N N 486 
TYR CE1   CZ     doub Y N 487 
TYR CE1   HE1    sing N N 488 
TYR CE2   CZ     sing Y N 489 
TYR CE2   HE2    sing N N 490 
TYR CZ    OH     sing N N 491 
TYR OH    HH     sing N N 492 
TYR OXT   HXT    sing N N 493 
VAL N     CA     sing N N 494 
VAL N     H      sing N N 495 
VAL N     H2     sing N N 496 
VAL CA    C      sing N N 497 
VAL CA    CB     sing N N 498 
VAL CA    HA     sing N N 499 
VAL C     O      doub N N 500 
VAL C     OXT    sing N N 501 
VAL CB    CG1    sing N N 502 
VAL CB    CG2    sing N N 503 
VAL CB    HB     sing N N 504 
VAL CG1   HG11   sing N N 505 
VAL CG1   HG12   sing N N 506 
VAL CG1   HG13   sing N N 507 
VAL CG2   HG21   sing N N 508 
VAL CG2   HG22   sing N N 509 
VAL CG2   HG23   sing N N 510 
VAL OXT   HXT    sing N N 511 
# 
loop_
_ndb_struct_conf_na.entry_id 
_ndb_struct_conf_na.feature 
7FEF 'double helix'        
7FEF 'b-form double helix' 
# 
loop_
_ndb_struct_na_base_pair.model_number 
_ndb_struct_na_base_pair.i_label_asym_id 
_ndb_struct_na_base_pair.i_label_comp_id 
_ndb_struct_na_base_pair.i_label_seq_id 
_ndb_struct_na_base_pair.i_symmetry 
_ndb_struct_na_base_pair.j_label_asym_id 
_ndb_struct_na_base_pair.j_label_comp_id 
_ndb_struct_na_base_pair.j_label_seq_id 
_ndb_struct_na_base_pair.j_symmetry 
_ndb_struct_na_base_pair.shear 
_ndb_struct_na_base_pair.stretch 
_ndb_struct_na_base_pair.stagger 
_ndb_struct_na_base_pair.buckle 
_ndb_struct_na_base_pair.propeller 
_ndb_struct_na_base_pair.opening 
_ndb_struct_na_base_pair.pair_number 
_ndb_struct_na_base_pair.pair_name 
_ndb_struct_na_base_pair.i_auth_asym_id 
_ndb_struct_na_base_pair.i_auth_seq_id 
_ndb_struct_na_base_pair.i_PDB_ins_code 
_ndb_struct_na_base_pair.j_auth_asym_id 
_ndb_struct_na_base_pair.j_auth_seq_id 
_ndb_struct_na_base_pair.j_PDB_ins_code 
_ndb_struct_na_base_pair.hbond_type_28 
_ndb_struct_na_base_pair.hbond_type_12 
1 A DG  1  1_555 B DC  12 1_555 -0.094 -0.066 -0.065 -1.903  -7.530 -0.364 1  E_DG1:DC12_F E 1  ? F 12 ? 19 1 
1 A DC  2  1_555 B DG  11 1_555 -0.457 0.056  0.232  -6.951  -6.679 -1.956 2  E_DC2:DG11_F E 2  ? F 11 ? 19 1 
1 A DC  3  1_555 B DG  10 1_555 -0.212 -0.136 0.260  -7.584  -5.420 0.776  3  E_DC3:DG10_F E 3  ? F 10 ? 19 1 
1 A DA  4  1_555 B DT  9  1_555 -0.154 -0.286 -0.028 -2.306  -9.336 -2.692 4  E_DA4:DT9_F  E 4  ? F 9  ? 20 1 
1 A DA  5  1_555 B DT  8  1_555 0.224  -0.087 0.157  -1.459  -8.141 6.652  5  E_DA5:DT8_F  E 5  ? F 8  ? 20 1 
1 A 5CM 6  1_555 B DG  7  1_555 0.321  -0.059 0.051  8.548   -6.374 3.515  6  E_5CM6:DG7_F E 6  ? F 7  ? 19 1 
1 A DG  7  1_555 B 5CM 6  1_555 -0.582 -0.381 -0.070 -12.000 -8.731 -1.851 7  E_DG7:5CM6_F E 7  ? F 6  ? 19 1 
1 A DT  8  1_555 B DA  5  1_555 0.129  -0.008 0.073  -7.915  -9.044 -3.897 8  E_DT8:DA5_F  E 8  ? F 5  ? 20 1 
1 A DT  9  1_555 B DA  4  1_555 -0.301 -0.175 -0.119 -10.616 -5.070 -4.923 9  E_DT9:DA4_F  E 9  ? F 4  ? 20 1 
1 A DG  10 1_555 B DC  3  1_555 0.214  0.155  0.000  7.034   -0.634 1.886  10 E_DG10:DC3_F E 10 ? F 3  ? 19 1 
1 A DG  11 1_555 B DC  2  1_555 -0.263 0.007  0.131  3.004   -8.803 -3.099 11 E_DG11:DC2_F E 11 ? F 2  ? 19 1 
1 A DC  12 1_555 B DG  1  1_555 0.095  0.097  0.187  -3.160  -3.499 6.448  12 E_DC12:DG1_F E 12 ? F 1  ? 19 1 
# 
loop_
_ndb_struct_na_base_pair_step.model_number 
_ndb_struct_na_base_pair_step.i_label_asym_id_1 
_ndb_struct_na_base_pair_step.i_label_comp_id_1 
_ndb_struct_na_base_pair_step.i_label_seq_id_1 
_ndb_struct_na_base_pair_step.i_symmetry_1 
_ndb_struct_na_base_pair_step.j_label_asym_id_1 
_ndb_struct_na_base_pair_step.j_label_comp_id_1 
_ndb_struct_na_base_pair_step.j_label_seq_id_1 
_ndb_struct_na_base_pair_step.j_symmetry_1 
_ndb_struct_na_base_pair_step.i_label_asym_id_2 
_ndb_struct_na_base_pair_step.i_label_comp_id_2 
_ndb_struct_na_base_pair_step.i_label_seq_id_2 
_ndb_struct_na_base_pair_step.i_symmetry_2 
_ndb_struct_na_base_pair_step.j_label_asym_id_2 
_ndb_struct_na_base_pair_step.j_label_comp_id_2 
_ndb_struct_na_base_pair_step.j_label_seq_id_2 
_ndb_struct_na_base_pair_step.j_symmetry_2 
_ndb_struct_na_base_pair_step.shift 
_ndb_struct_na_base_pair_step.slide 
_ndb_struct_na_base_pair_step.rise 
_ndb_struct_na_base_pair_step.tilt 
_ndb_struct_na_base_pair_step.roll 
_ndb_struct_na_base_pair_step.twist 
_ndb_struct_na_base_pair_step.x_displacement 
_ndb_struct_na_base_pair_step.y_displacement 
_ndb_struct_na_base_pair_step.helical_rise 
_ndb_struct_na_base_pair_step.inclination 
_ndb_struct_na_base_pair_step.tip 
_ndb_struct_na_base_pair_step.helical_twist 
_ndb_struct_na_base_pair_step.step_number 
_ndb_struct_na_base_pair_step.step_name 
_ndb_struct_na_base_pair_step.i_auth_asym_id_1 
_ndb_struct_na_base_pair_step.i_auth_seq_id_1 
_ndb_struct_na_base_pair_step.i_PDB_ins_code_1 
_ndb_struct_na_base_pair_step.j_auth_asym_id_1 
_ndb_struct_na_base_pair_step.j_auth_seq_id_1 
_ndb_struct_na_base_pair_step.j_PDB_ins_code_1 
_ndb_struct_na_base_pair_step.i_auth_asym_id_2 
_ndb_struct_na_base_pair_step.i_auth_seq_id_2 
_ndb_struct_na_base_pair_step.i_PDB_ins_code_2 
_ndb_struct_na_base_pair_step.j_auth_asym_id_2 
_ndb_struct_na_base_pair_step.j_auth_seq_id_2 
_ndb_struct_na_base_pair_step.j_PDB_ins_code_2 
1 A DG  1  1_555 B DC  12 1_555 A DC  2  1_555 B DG  11 1_555 -0.856 -0.456 3.341 -3.930 1.455  36.656 -0.925 0.803  3.392 2.305  
6.224  36.887 1  EE_DG1DC2:DG11DC12_FF E 1  ? F 12 ? E 2  ? F 11 ? 
1 A DC  2  1_555 B DG  11 1_555 A DC  3  1_555 B DG  10 1_555 0.905  0.389  3.347 2.494  1.736  32.245 0.381  -1.167 3.421 3.117  
-4.477 32.384 2  EE_DC2DC3:DG10DG11_FF E 2  ? F 11 ? E 3  ? F 10 ? 
1 A DC  3  1_555 B DG  10 1_555 A DA  4  1_555 B DT  9  1_555 -0.317 1.992  3.320 0.775  -0.551 44.389 2.688  0.493  3.291 -0.729 
-1.025 44.399 3  EE_DC3DA4:DT9DG10_FF  E 3  ? F 10 ? E 4  ? F 9  ? 
1 A DA  4  1_555 B DT  9  1_555 A DA  5  1_555 B DT  8  1_555 0.184  0.225  3.303 -3.201 4.218  32.870 -0.318 -0.862 3.274 7.393  
5.612  33.283 4  EE_DA4DA5:DT8DT9_FF   E 4  ? F 9  ? E 5  ? F 8  ? 
1 A DA  5  1_555 B DT  8  1_555 A 5CM 6  1_555 B DG  7  1_555 0.248  -0.482 3.069 2.197  2.868  27.560 -1.646 -0.023 3.015 5.988  
-4.587 27.791 5  EE_DA55CM6:DG7DT8_FF  E 5  ? F 8  ? E 6  ? F 7  ? 
1 A 5CM 6  1_555 B DG  7  1_555 A DG  7  1_555 B 5CM 6  1_555 -0.007 -0.556 3.718 0.699  3.544  41.939 -1.189 0.092  3.661 4.941  
-0.975 42.087 6  EE_5CM6DG7:5CM6DG7_FF E 6  ? F 7  ? E 7  ? F 6  ? 
1 A DG  7  1_555 B 5CM 6  1_555 A DT  8  1_555 B DA  5  1_555 -0.760 -0.525 3.183 -1.666 0.434  35.578 -0.919 1.005  3.208 0.710  
2.725  35.619 7  EE_DG7DT8:DA55CM6_FF  E 7  ? F 6  ? E 8  ? F 5  ? 
1 A DT  8  1_555 B DA  5  1_555 A DT  9  1_555 B DA  4  1_555 0.218  0.281  3.398 2.861  -2.887 34.573 0.926  0.088  3.371 -4.837 
-4.793 34.803 8  EE_DT8DT9:DA4DA5_FF   E 8  ? F 5  ? E 9  ? F 4  ? 
1 A DT  9  1_555 B DA  4  1_555 A DG  10 1_555 B DC  3  1_555 0.146  1.162  3.053 -0.095 7.628  27.980 0.671  -0.313 3.249 15.416 
0.191  28.981 9  EE_DT9DG10:DC3DA4_FF  E 9  ? F 4  ? E 10 ? F 3  ? 
1 A DG  10 1_555 B DC  3  1_555 A DG  11 1_555 B DC  2  1_555 -0.811 0.497  3.398 -2.754 4.662  34.914 0.089  0.905  3.485 7.712  
4.556  35.318 10 EE_DG10DG11:DC2DC3_FF E 10 ? F 3  ? E 11 ? F 2  ? 
1 A DG  11 1_555 B DC  2  1_555 A DC  12 1_555 B DG  1  1_555 1.183  -0.429 3.454 1.859  -3.846 37.313 -0.129 -1.578 3.532 -5.988 
-2.894 37.548 11 EE_DG11DC12:DG1DC2_FF E 11 ? F 2  ? E 12 ? F 1  ? 
# 
_pdbx_entity_instance_feature.ordinal        1 
_pdbx_entity_instance_feature.comp_id        5CM 
_pdbx_entity_instance_feature.asym_id        ? 
_pdbx_entity_instance_feature.seq_num        ? 
_pdbx_entity_instance_feature.auth_comp_id   5CM 
_pdbx_entity_instance_feature.auth_asym_id   ? 
_pdbx_entity_instance_feature.auth_seq_num   ? 
_pdbx_entity_instance_feature.feature_type   'SUBJECT OF INVESTIGATION' 
_pdbx_entity_instance_feature.details        ? 
# 
_pdbx_entity_nonpoly.entity_id   3 
_pdbx_entity_nonpoly.name        water 
_pdbx_entity_nonpoly.comp_id     HOH 
# 
loop_
_pdbx_initial_refinement_model.id 
_pdbx_initial_refinement_model.entity_id_list 
_pdbx_initial_refinement_model.type 
_pdbx_initial_refinement_model.source_name 
_pdbx_initial_refinement_model.accession_code 
_pdbx_initial_refinement_model.details 
1 ? 'experimental model' PDB 6C1A '6c1a, 2yk8' 
2 ? 'experimental model' PDB 2YK8 '6c1a, 2yk8' 
# 
_pdbx_struct_assembly_auth_evidence.id                     1 
_pdbx_struct_assembly_auth_evidence.assembly_id            1 
_pdbx_struct_assembly_auth_evidence.experimental_support   'isothermal titration calorimetry' 
_pdbx_struct_assembly_auth_evidence.details                ? 
# 
_space_group.name_H-M_alt     'P 32' 
_space_group.name_Hall        'P 32' 
_space_group.IT_number        145 
_space_group.crystal_system   trigonal 
_space_group.id               1 
# 
